data_4OZI
#
_entry.id   4OZI
#
_cell.length_a   233.027
_cell.length_b   142.239
_cell.length_c   101.090
_cell.angle_alpha   90.00
_cell.angle_beta   109.79
_cell.angle_gamma   90.00
#
_symmetry.space_group_name_H-M   'C 1 2 1'
#
loop_
_entity.id
_entity.type
_entity.pdbx_description
1 polymer 'HLA class II histocompatibility antigen, DQ alpha 1 chain'
2 polymer 'HLA class II histocompatibility antigen, DQ beta 1 chain'
3 polymer 'T-cell receptor, s2, alpha chain'
4 polymer 'T-cell receptor, s2, beta chain'
5 polymer 'deamidated Gliadin-alpha1 peptide'
6 non-polymer 2-acetamido-2-deoxy-beta-D-glucopyranose
7 non-polymer 'CALCIUM ION'
#
loop_
_entity_poly.entity_id
_entity_poly.type
_entity_poly.pdbx_seq_one_letter_code
_entity_poly.pdbx_strand_id
1 'polypeptide(L)'
;EDIVADHVASYGVNLYQSYGPSGQYTHEFDGDEQFYVDLGRKETVWCLPVLRQFRFDPQFALTNIAVLKHNLNSLIKRSN
STAATNEVPEVTVFSKSPVTLGQPNILICLVDNIFPPVVNITWLSNGHSVTEGVSETSFLSKSDHSFFKISYLTLLPSAE
ESYDCKVEHWGLDKPLLKHWEPETSGDDDDK
;
A,C
2 'polypeptide(L)'
;GGSIEGRGGSGASRDSPEDFVYQFKGMCYFTNGTERVRLVSRSIYNREEIVRFDSDVGEFRAVTLLGLPAAEYWNSQKDI
LERKRAAVDRVCRHNYQLELRTTLQRRVEPTVTISPSRTEALNHHNLLVCSVTDFYPAQIKVRWFRNDQEETAGVVSTPL
IRNGDWTFQILVMLEMTPQRGDVYTCHVEHPSLQSPITVEWRAQSTGGDDDDK
;
B,D
3 'polypeptide(L)'
;KTTQPISMDSYEGQEVNITCSHNNIATNDYITWYQQFPSQGPRFIIQGYKTKVTNEVASLFIPADRKSSTLSLPRVSLSD
TAVYYCLVGDGGSFSGGYNKLIFGAGTRLAVHPYIQNPDPAVYQLRDSKSSDKSVCLFTDFDSQTNVSQSKDSDVYITDK
CVLDMRSMDFKSNSAVAWSNKSDFACANAFNNSIIPEDTFFPSPESS
;
E,G
4 'polypeptide(L)'
;MVVSQHPSWVICKSGTSVKIECRSLDFQATTMFWYRQFPKQSLMLMATSNEGSKATYEQGVEKDKFLINHASLTLSTLTV
TSAHPEDSSFYICSAGVGGQETQYFGPGTRLLVLEDLKNVFPPEVAVFEPSEAEISHTQKATLVCLATGFYPDHVELSWW
VNGKEVHSGVCTDPQPLKEQPALNDSRYALSSRLRVSATFWQNPRNHFRCQVQFYGLSENDEWTQDRAKPVTQIVSAEAW
GRAD
;
F,H
5 'polypeptide(L)' QPFPQPELPYPGS I,J
#
loop_
_chem_comp.id
_chem_comp.type
_chem_comp.name
_chem_comp.formula
CA non-polymer 'CALCIUM ION' 'Ca 2'
NAG D-saccharide, beta linking 2-acetamido-2-deoxy-beta-D-glucopyranose 'C8 H15 N O6'
#
# COMPACT_ATOMS: atom_id res chain seq x y z
N ILE A 3 31.03 28.02 13.77
CA ILE A 3 31.41 27.06 12.74
C ILE A 3 31.84 25.70 13.39
N VAL A 4 32.43 25.75 14.61
CA VAL A 4 32.90 24.57 15.33
C VAL A 4 31.69 23.83 15.93
N ALA A 5 31.45 22.57 15.49
CA ALA A 5 30.33 21.73 15.94
C ALA A 5 30.57 20.23 15.66
N ASP A 6 29.95 19.34 16.47
CA ASP A 6 30.02 17.89 16.30
C ASP A 6 29.23 17.45 15.07
N HIS A 7 28.01 18.00 14.90
CA HIS A 7 27.12 17.71 13.79
C HIS A 7 26.53 18.99 13.24
N VAL A 8 26.43 19.08 11.91
CA VAL A 8 25.89 20.25 11.22
C VAL A 8 24.92 19.76 10.12
N ALA A 9 23.82 20.50 9.95
CA ALA A 9 22.79 20.18 8.96
C ALA A 9 22.21 21.43 8.30
N SER A 10 21.75 21.29 7.04
CA SER A 10 21.13 22.39 6.31
C SER A 10 19.67 22.03 6.03
N TYR A 11 18.72 22.75 6.65
CA TYR A 11 17.28 22.53 6.47
C TYR A 11 16.62 23.78 5.84
N GLY A 12 16.74 23.98 4.52
CA GLY A 12 17.47 23.12 3.59
C GLY A 12 18.46 23.87 2.72
N VAL A 13 18.84 23.25 1.59
CA VAL A 13 19.74 23.84 0.61
C VAL A 13 18.89 24.27 -0.58
N ASN A 14 18.52 25.56 -0.59
CA ASN A 14 17.71 26.19 -1.63
C ASN A 14 18.59 26.78 -2.73
N LEU A 15 18.24 26.50 -3.99
CA LEU A 15 18.98 26.96 -5.16
C LEU A 15 18.05 27.38 -6.29
N TYR A 16 18.41 28.47 -6.97
CA TYR A 16 17.70 29.00 -8.13
C TYR A 16 18.69 29.79 -8.97
N GLN A 17 18.72 29.52 -10.28
CA GLN A 17 19.64 30.20 -11.19
C GLN A 17 18.92 30.66 -12.46
N SER A 18 19.42 31.76 -13.05
CA SER A 18 18.90 32.38 -14.27
C SER A 18 19.02 31.44 -15.48
N TYR A 19 20.11 30.64 -15.55
CA TYR A 19 20.35 29.68 -16.63
C TYR A 19 19.34 28.54 -16.55
N GLY A 20 18.52 28.43 -17.60
CA GLY A 20 17.46 27.44 -17.73
C GLY A 20 16.10 28.09 -17.86
N PRO A 21 15.50 28.65 -16.78
CA PRO A 21 15.99 28.74 -15.38
C PRO A 21 15.83 27.42 -14.63
N SER A 22 16.82 27.10 -13.78
CA SER A 22 16.88 25.86 -12.99
C SER A 22 16.73 26.14 -11.48
N GLY A 23 16.21 25.16 -10.75
CA GLY A 23 16.01 25.22 -9.30
C GLY A 23 16.27 23.89 -8.64
N GLN A 24 16.75 23.92 -7.38
CA GLN A 24 17.05 22.71 -6.62
C GLN A 24 16.74 22.88 -5.12
N TYR A 25 16.10 21.87 -4.52
CA TYR A 25 15.77 21.84 -3.10
C TYR A 25 16.26 20.52 -2.49
N THR A 26 17.15 20.62 -1.50
CA THR A 26 17.73 19.47 -0.79
C THR A 26 17.76 19.73 0.73
N HIS A 27 17.98 18.65 1.50
CA HIS A 27 18.17 18.61 2.95
C HIS A 27 19.41 17.76 3.20
N GLU A 28 20.41 18.33 3.89
CA GLU A 28 21.68 17.65 4.14
C GLU A 28 21.99 17.55 5.62
N PHE A 29 22.61 16.42 6.04
CA PHE A 29 23.08 16.19 7.40
C PHE A 29 24.51 15.66 7.33
N ASP A 30 25.44 16.29 8.07
CA ASP A 30 26.87 15.98 8.16
C ASP A 30 27.55 15.92 6.76
N GLY A 31 27.01 16.68 5.82
CA GLY A 31 27.54 16.76 4.46
C GLY A 31 26.72 16.02 3.42
N ASP A 32 26.39 14.74 3.70
CA ASP A 32 25.61 13.87 2.81
C ASP A 32 24.14 14.34 2.69
N GLU A 33 23.51 14.07 1.52
CA GLU A 33 22.13 14.46 1.19
C GLU A 33 21.11 13.46 1.74
N GLN A 34 20.08 13.97 2.45
CA GLN A 34 18.99 13.18 3.02
C GLN A 34 17.91 12.96 1.96
N PHE A 35 17.45 14.06 1.32
CA PHE A 35 16.42 14.02 0.28
C PHE A 35 16.53 15.21 -0.69
N TYR A 36 15.83 15.12 -1.84
CA TYR A 36 15.71 16.16 -2.85
C TYR A 36 14.24 16.21 -3.33
N VAL A 37 13.71 17.42 -3.51
CA VAL A 37 12.32 17.58 -3.97
C VAL A 37 12.33 17.93 -5.45
N ASP A 38 11.64 17.12 -6.27
CA ASP A 38 11.51 17.32 -7.71
C ASP A 38 10.40 18.34 -7.96
N LEU A 39 10.78 19.54 -8.45
CA LEU A 39 9.85 20.63 -8.70
C LEU A 39 8.97 20.35 -9.93
N GLY A 40 9.39 19.40 -10.77
CA GLY A 40 8.67 18.98 -11.96
C GLY A 40 7.47 18.12 -11.65
N ARG A 41 7.72 16.90 -11.13
CA ARG A 41 6.71 15.90 -10.80
C ARG A 41 5.98 16.22 -9.46
N LYS A 42 6.49 17.20 -8.67
CA LYS A 42 5.96 17.65 -7.37
C LYS A 42 5.95 16.47 -6.37
N GLU A 43 7.13 15.85 -6.16
CA GLU A 43 7.34 14.71 -5.26
C GLU A 43 8.73 14.73 -4.61
N THR A 44 8.81 14.27 -3.34
CA THR A 44 10.01 14.20 -2.53
C THR A 44 10.70 12.86 -2.76
N VAL A 45 12.03 12.86 -3.03
CA VAL A 45 12.79 11.63 -3.25
C VAL A 45 13.96 11.56 -2.25
N TRP A 46 13.93 10.56 -1.35
CA TRP A 46 14.94 10.32 -0.31
C TRP A 46 16.10 9.49 -0.85
N CYS A 47 17.34 9.95 -0.63
CA CYS A 47 18.55 9.25 -1.08
C CYS A 47 18.99 8.19 -0.06
N LEU A 48 18.27 8.07 1.09
CA LEU A 48 18.55 7.09 2.14
C LEU A 48 17.28 6.28 2.47
N PRO A 49 17.33 4.92 2.54
CA PRO A 49 16.12 4.13 2.77
C PRO A 49 15.57 4.19 4.20
N VAL A 50 16.44 4.39 5.20
CA VAL A 50 16.03 4.45 6.62
C VAL A 50 15.20 5.72 6.88
N LEU A 51 15.41 6.78 6.08
CA LEU A 51 14.73 8.06 6.18
C LEU A 51 13.37 8.09 5.46
N ARG A 52 13.10 7.12 4.55
CA ARG A 52 11.87 7.02 3.76
C ARG A 52 10.60 7.00 4.62
N GLN A 53 10.73 6.55 5.89
CA GLN A 53 9.66 6.45 6.91
C GLN A 53 8.93 7.79 7.13
N PHE A 54 9.67 8.92 7.09
CA PHE A 54 9.09 10.25 7.28
C PHE A 54 8.47 10.77 5.99
N ARG A 55 7.70 11.85 6.08
CA ARG A 55 7.07 12.48 4.92
C ARG A 55 7.40 13.98 4.90
N PHE A 56 7.69 14.50 3.71
CA PHE A 56 7.98 15.92 3.47
C PHE A 56 7.16 16.38 2.28
N ASP A 57 6.17 17.27 2.52
CA ASP A 57 5.30 17.79 1.47
C ASP A 57 6.11 18.62 0.46
N PRO A 58 5.97 18.35 -0.85
CA PRO A 58 6.75 19.10 -1.85
C PRO A 58 6.36 20.57 -2.00
N GLN A 59 5.09 20.92 -1.72
CA GLN A 59 4.51 22.26 -1.85
C GLN A 59 5.37 23.37 -1.24
N PHE A 60 6.14 23.07 -0.15
CA PHE A 60 7.00 24.07 0.47
C PHE A 60 8.14 24.46 -0.47
N ALA A 61 8.87 23.46 -1.00
CA ALA A 61 9.96 23.67 -1.95
C ALA A 61 9.45 24.47 -3.15
N LEU A 62 8.25 24.14 -3.66
CA LEU A 62 7.61 24.83 -4.79
C LEU A 62 7.43 26.32 -4.52
N THR A 63 6.96 26.71 -3.32
CA THR A 63 6.76 28.11 -2.97
C THR A 63 8.09 28.78 -2.62
N ASN A 64 8.95 28.11 -1.81
CA ASN A 64 10.24 28.66 -1.40
C ASN A 64 11.12 29.03 -2.62
N ILE A 65 11.13 28.17 -3.67
CA ILE A 65 11.89 28.39 -4.92
C ILE A 65 11.30 29.62 -5.65
N ALA A 66 9.96 29.85 -5.56
CA ALA A 66 9.30 31.03 -6.16
C ALA A 66 9.70 32.33 -5.42
N VAL A 67 10.11 32.23 -4.12
CA VAL A 67 10.59 33.38 -3.34
C VAL A 67 11.99 33.72 -3.84
N LEU A 68 12.82 32.67 -4.09
CA LEU A 68 14.20 32.80 -4.60
C LEU A 68 14.20 33.27 -6.06
N LYS A 69 13.07 33.09 -6.78
CA LYS A 69 12.88 33.53 -8.16
C LYS A 69 12.80 35.05 -8.16
N HIS A 70 12.00 35.62 -7.23
CA HIS A 70 11.84 37.06 -7.06
C HIS A 70 13.13 37.67 -6.48
N ASN A 71 13.72 36.99 -5.47
CA ASN A 71 14.93 37.44 -4.78
C ASN A 71 16.13 37.51 -5.72
N LEU A 72 16.29 36.53 -6.64
CA LEU A 72 17.38 36.55 -7.63
C LEU A 72 17.18 37.72 -8.60
N ASN A 73 15.93 37.91 -9.07
CA ASN A 73 15.51 38.99 -9.98
C ASN A 73 15.72 40.37 -9.33
N SER A 74 15.58 40.44 -7.99
CA SER A 74 15.77 41.64 -7.19
C SER A 74 17.25 42.01 -7.08
N LEU A 75 18.11 40.99 -6.90
CA LEU A 75 19.56 41.18 -6.73
C LEU A 75 20.27 41.53 -8.04
N ILE A 76 19.73 41.14 -9.22
CA ILE A 76 20.33 41.46 -10.53
C ILE A 76 20.24 42.99 -10.74
N LYS A 77 19.09 43.60 -10.44
CA LYS A 77 18.84 45.04 -10.54
C LYS A 77 19.75 45.81 -9.56
N ARG A 78 19.91 45.29 -8.32
CA ARG A 78 20.71 45.89 -7.24
C ARG A 78 22.22 45.87 -7.54
N SER A 79 22.76 44.75 -8.08
CA SER A 79 24.18 44.56 -8.36
C SER A 79 24.60 45.08 -9.75
N ASN A 80 23.70 45.81 -10.46
CA ASN A 80 23.91 46.40 -11.81
C ASN A 80 24.40 45.29 -12.79
N SER A 81 23.75 44.10 -12.69
CA SER A 81 24.01 42.86 -13.44
C SER A 81 25.46 42.37 -13.22
N THR A 82 25.63 41.56 -12.17
CA THR A 82 26.89 40.95 -11.77
C THR A 82 26.67 39.44 -11.75
N ALA A 83 27.22 38.73 -12.74
CA ALA A 83 27.08 37.28 -12.88
C ALA A 83 28.18 36.55 -12.12
N ALA A 84 27.96 35.25 -11.85
CA ALA A 84 28.87 34.35 -11.15
C ALA A 84 30.21 34.18 -11.90
N THR A 85 31.30 33.96 -11.14
CA THR A 85 32.65 33.76 -11.68
C THR A 85 32.90 32.25 -11.82
N ASN A 86 33.12 31.80 -13.06
CA ASN A 86 33.35 30.40 -13.44
C ASN A 86 34.69 29.88 -12.90
N GLU A 87 34.62 29.08 -11.82
CA GLU A 87 35.78 28.49 -11.14
C GLU A 87 36.26 27.20 -11.83
N VAL A 88 37.45 26.69 -11.43
CA VAL A 88 38.06 25.49 -11.99
C VAL A 88 37.53 24.23 -11.25
N PRO A 89 36.79 23.33 -11.96
CA PRO A 89 36.28 22.13 -11.29
C PRO A 89 37.35 21.03 -11.14
N GLU A 90 37.50 20.51 -9.92
CA GLU A 90 38.43 19.42 -9.61
C GLU A 90 37.72 18.08 -9.90
N VAL A 91 38.30 17.24 -10.78
CA VAL A 91 37.72 15.95 -11.17
C VAL A 91 38.62 14.82 -10.68
N THR A 92 38.03 13.77 -10.06
CA THR A 92 38.75 12.59 -9.56
C THR A 92 37.87 11.33 -9.74
N VAL A 93 38.45 10.26 -10.34
CA VAL A 93 37.74 8.99 -10.59
C VAL A 93 38.39 7.87 -9.78
N PHE A 94 37.58 7.19 -8.96
CA PHE A 94 38.00 6.10 -8.08
C PHE A 94 36.88 5.08 -7.85
N SER A 95 37.24 3.87 -7.41
CA SER A 95 36.28 2.81 -7.08
C SER A 95 35.79 2.97 -5.63
N LYS A 96 34.59 2.43 -5.33
CA LYS A 96 33.98 2.47 -4.00
C LYS A 96 34.65 1.45 -3.07
N SER A 97 34.89 0.23 -3.60
CA SER A 97 35.48 -0.91 -2.91
C SER A 97 36.75 -1.38 -3.64
N PRO A 98 37.64 -2.22 -3.02
CA PRO A 98 38.85 -2.67 -3.74
C PRO A 98 38.51 -3.49 -4.99
N VAL A 99 39.24 -3.23 -6.10
CA VAL A 99 39.05 -3.83 -7.42
C VAL A 99 39.27 -5.36 -7.40
N THR A 100 38.21 -6.10 -7.76
CA THR A 100 38.17 -7.56 -7.89
C THR A 100 37.53 -7.84 -9.24
N LEU A 101 38.28 -8.46 -10.17
CA LEU A 101 37.87 -8.73 -11.56
C LEU A 101 36.54 -9.49 -11.69
N GLY A 102 36.30 -10.45 -10.81
CA GLY A 102 35.06 -11.22 -10.82
C GLY A 102 33.91 -10.43 -10.22
N GLN A 103 34.05 -10.07 -8.93
CA GLN A 103 33.10 -9.34 -8.08
C GLN A 103 32.68 -7.98 -8.67
N PRO A 104 31.43 -7.51 -8.42
CA PRO A 104 31.03 -6.20 -8.94
C PRO A 104 31.63 -5.05 -8.12
N ASN A 105 31.59 -3.83 -8.69
CA ASN A 105 32.12 -2.61 -8.08
C ASN A 105 31.39 -1.37 -8.59
N ILE A 106 31.53 -0.24 -7.87
CA ILE A 106 30.91 1.02 -8.25
C ILE A 106 32.00 2.07 -8.45
N LEU A 107 32.10 2.62 -9.67
CA LEU A 107 33.04 3.68 -10.01
C LEU A 107 32.45 5.03 -9.60
N ILE A 108 33.28 5.92 -9.06
CA ILE A 108 32.83 7.23 -8.58
C ILE A 108 33.64 8.35 -9.26
N CYS A 109 32.93 9.29 -9.91
CA CYS A 109 33.54 10.45 -10.56
C CYS A 109 33.17 11.70 -9.74
N LEU A 110 34.01 12.05 -8.76
CA LEU A 110 33.76 13.21 -7.92
C LEU A 110 34.25 14.48 -8.61
N VAL A 111 33.30 15.40 -8.86
CA VAL A 111 33.54 16.72 -9.45
C VAL A 111 33.34 17.74 -8.34
N ASP A 112 34.42 18.36 -7.90
CA ASP A 112 34.39 19.32 -6.80
C ASP A 112 34.68 20.73 -7.32
N ASN A 113 34.37 21.77 -6.49
CA ASN A 113 34.57 23.19 -6.77
C ASN A 113 33.80 23.60 -8.06
N ILE A 114 32.47 23.40 -8.04
CA ILE A 114 31.58 23.70 -9.16
C ILE A 114 30.80 25.00 -8.90
N PHE A 115 31.01 26.01 -9.78
CA PHE A 115 30.29 27.28 -9.75
C PHE A 115 30.36 27.95 -11.12
N PRO A 116 29.20 28.29 -11.73
CA PRO A 116 27.81 28.08 -11.26
C PRO A 116 27.42 26.60 -11.35
N PRO A 117 26.38 26.12 -10.60
CA PRO A 117 26.03 24.69 -10.67
C PRO A 117 25.39 24.28 -12.00
N VAL A 118 26.21 24.28 -13.07
CA VAL A 118 25.84 23.88 -14.43
C VAL A 118 27.00 23.00 -14.92
N VAL A 119 26.75 21.68 -15.02
CA VAL A 119 27.77 20.72 -15.44
C VAL A 119 27.15 19.59 -16.30
N ASN A 120 28.01 18.88 -17.06
CA ASN A 120 27.67 17.73 -17.90
C ASN A 120 28.70 16.63 -17.62
N ILE A 121 28.33 15.65 -16.79
CA ILE A 121 29.20 14.53 -16.44
C ILE A 121 28.78 13.35 -17.33
N THR A 122 29.73 12.81 -18.11
CA THR A 122 29.50 11.74 -19.08
C THR A 122 30.52 10.59 -18.90
N TRP A 123 30.03 9.35 -18.88
CA TRP A 123 30.89 8.16 -18.79
C TRP A 123 31.20 7.63 -20.19
N LEU A 124 32.49 7.37 -20.49
CA LEU A 124 32.94 6.89 -21.81
C LEU A 124 33.61 5.54 -21.69
N SER A 125 33.30 4.63 -22.64
CA SER A 125 33.90 3.29 -22.72
C SER A 125 34.05 2.91 -24.19
N ASN A 126 35.29 2.97 -24.70
CA ASN A 126 35.70 2.67 -26.08
C ASN A 126 34.95 3.57 -27.10
N GLY A 127 35.06 4.89 -26.90
CA GLY A 127 34.44 5.90 -27.75
C GLY A 127 32.94 6.00 -27.65
N HIS A 128 32.30 4.98 -27.02
CA HIS A 128 30.86 4.83 -26.80
C HIS A 128 30.50 5.43 -25.44
N SER A 129 29.33 6.09 -25.35
CA SER A 129 28.86 6.67 -24.09
C SER A 129 28.03 5.64 -23.30
N VAL A 130 28.18 5.61 -21.96
CA VAL A 130 27.49 4.68 -21.05
C VAL A 130 26.28 5.38 -20.41
N THR A 131 25.09 4.78 -20.56
CA THR A 131 23.84 5.29 -20.00
C THR A 131 23.22 4.25 -19.04
N GLU A 132 23.59 2.97 -19.19
CA GLU A 132 23.08 1.90 -18.34
C GLU A 132 23.93 1.82 -17.06
N GLY A 133 23.25 1.80 -15.91
CA GLY A 133 23.88 1.71 -14.59
C GLY A 133 24.50 2.99 -14.09
N VAL A 134 23.92 4.16 -14.44
CA VAL A 134 24.42 5.47 -14.01
C VAL A 134 23.41 6.14 -13.08
N SER A 135 23.92 6.93 -12.12
CA SER A 135 23.14 7.70 -11.15
C SER A 135 23.97 8.89 -10.66
N GLU A 136 23.31 10.04 -10.48
CA GLU A 136 23.99 11.26 -10.03
C GLU A 136 23.34 11.82 -8.78
N THR A 137 24.16 12.28 -7.82
CA THR A 137 23.68 12.94 -6.61
C THR A 137 23.35 14.39 -6.98
N SER A 138 22.50 15.08 -6.20
CA SER A 138 22.19 16.49 -6.48
C SER A 138 23.38 17.38 -6.09
N PHE A 139 23.41 18.66 -6.55
CA PHE A 139 24.50 19.59 -6.22
C PHE A 139 24.56 19.78 -4.71
N LEU A 140 25.68 19.35 -4.11
CA LEU A 140 25.87 19.41 -2.67
C LEU A 140 26.63 20.66 -2.24
N SER A 141 26.11 21.35 -1.19
CA SER A 141 26.62 22.59 -0.63
C SER A 141 28.05 22.46 -0.04
N LYS A 142 28.77 23.59 0.00
CA LYS A 142 30.13 23.71 0.54
C LYS A 142 30.25 24.99 1.38
N SER A 143 31.24 25.03 2.28
CA SER A 143 31.54 26.17 3.16
C SER A 143 31.92 27.44 2.37
N ASP A 144 32.55 27.26 1.18
CA ASP A 144 32.98 28.37 0.30
C ASP A 144 31.85 28.78 -0.69
N HIS A 145 30.62 28.27 -0.43
CA HIS A 145 29.36 28.50 -1.16
C HIS A 145 29.43 28.04 -2.63
N SER A 146 30.31 27.07 -2.92
CA SER A 146 30.44 26.41 -4.22
C SER A 146 29.69 25.07 -4.11
N PHE A 147 29.91 24.12 -5.04
CA PHE A 147 29.21 22.84 -5.02
C PHE A 147 30.10 21.69 -5.49
N PHE A 148 29.67 20.46 -5.18
CA PHE A 148 30.31 19.23 -5.61
C PHE A 148 29.24 18.21 -5.99
N LYS A 149 29.45 17.50 -7.09
CA LYS A 149 28.51 16.49 -7.61
C LYS A 149 29.21 15.15 -7.79
N ILE A 150 28.51 14.06 -7.44
CA ILE A 150 29.03 12.69 -7.54
C ILE A 150 28.20 11.91 -8.56
N SER A 151 28.89 11.25 -9.50
CA SER A 151 28.27 10.40 -10.53
C SER A 151 28.79 8.97 -10.38
N TYR A 152 27.86 8.01 -10.26
CA TYR A 152 28.17 6.60 -10.05
C TYR A 152 28.05 5.77 -11.34
N LEU A 153 28.72 4.59 -11.34
CA LEU A 153 28.73 3.64 -12.46
C LEU A 153 28.91 2.22 -11.94
N THR A 154 27.85 1.39 -12.01
CA THR A 154 27.92 0.00 -11.58
C THR A 154 28.53 -0.81 -12.72
N LEU A 155 29.61 -1.55 -12.42
CA LEU A 155 30.33 -2.32 -13.43
C LEU A 155 31.03 -3.56 -12.85
N LEU A 156 31.36 -4.51 -13.74
CA LEU A 156 32.11 -5.73 -13.47
C LEU A 156 33.46 -5.60 -14.20
N PRO A 157 34.60 -5.42 -13.46
CA PRO A 157 35.90 -5.18 -14.12
C PRO A 157 36.34 -6.25 -15.12
N SER A 158 37.06 -5.82 -16.17
CA SER A 158 37.57 -6.67 -17.24
C SER A 158 38.93 -6.15 -17.76
N ALA A 159 39.75 -7.06 -18.33
CA ALA A 159 41.08 -6.80 -18.86
C ALA A 159 41.10 -5.79 -20.04
N GLU A 160 40.11 -5.86 -20.95
CA GLU A 160 40.03 -4.98 -22.14
C GLU A 160 39.09 -3.77 -21.91
N GLU A 161 38.25 -3.82 -20.85
CA GLU A 161 37.32 -2.75 -20.51
C GLU A 161 38.03 -1.63 -19.75
N SER A 162 37.95 -0.40 -20.29
CA SER A 162 38.52 0.84 -19.73
C SER A 162 37.45 1.93 -19.73
N TYR A 163 37.39 2.72 -18.66
CA TYR A 163 36.37 3.77 -18.54
C TYR A 163 36.98 5.18 -18.35
N ASP A 164 36.20 6.21 -18.75
CA ASP A 164 36.59 7.62 -18.66
C ASP A 164 35.40 8.49 -18.24
N CYS A 165 35.66 9.64 -17.60
CA CYS A 165 34.65 10.56 -17.12
C CYS A 165 34.85 11.94 -17.75
N LYS A 166 33.96 12.34 -18.69
CA LYS A 166 34.04 13.64 -19.36
C LYS A 166 33.24 14.66 -18.60
N VAL A 167 33.91 15.72 -18.16
CA VAL A 167 33.29 16.80 -17.40
C VAL A 167 33.35 18.08 -18.24
N GLU A 168 32.17 18.64 -18.53
CA GLU A 168 31.99 19.86 -19.30
C GLU A 168 31.50 20.99 -18.40
N HIS A 169 32.29 22.08 -18.31
CA HIS A 169 31.98 23.25 -17.51
C HIS A 169 32.44 24.53 -18.22
N TRP A 170 31.88 25.68 -17.82
CA TRP A 170 32.22 27.00 -18.37
C TRP A 170 33.53 27.52 -17.78
N GLY A 171 34.03 26.86 -16.75
CA GLY A 171 35.30 27.19 -16.11
C GLY A 171 36.46 26.34 -16.59
N LEU A 172 36.35 25.81 -17.84
CA LEU A 172 37.34 24.97 -18.52
C LEU A 172 37.59 25.46 -19.96
N ASP A 173 38.87 25.49 -20.39
CA ASP A 173 39.24 25.88 -21.75
C ASP A 173 39.01 24.71 -22.71
N LYS A 174 39.13 23.48 -22.17
CA LYS A 174 38.95 22.19 -22.84
C LYS A 174 38.23 21.22 -21.87
N PRO A 175 37.38 20.25 -22.33
CA PRO A 175 36.70 19.37 -21.37
C PRO A 175 37.69 18.47 -20.63
N LEU A 176 37.44 18.23 -19.32
CA LEU A 176 38.28 17.41 -18.47
C LEU A 176 37.87 15.94 -18.57
N LEU A 177 38.86 15.05 -18.67
CA LEU A 177 38.64 13.61 -18.75
C LEU A 177 39.58 12.85 -17.82
N LYS A 178 39.00 12.06 -16.92
CA LYS A 178 39.77 11.25 -15.96
C LYS A 178 39.61 9.78 -16.32
N HIS A 179 40.73 9.09 -16.56
CA HIS A 179 40.77 7.70 -16.98
C HIS A 179 40.84 6.72 -15.78
N TRP A 180 40.35 5.48 -15.99
CA TRP A 180 40.37 4.41 -15.02
C TRP A 180 40.58 3.05 -15.70
N GLU A 181 41.42 2.21 -15.07
CA GLU A 181 41.77 0.85 -15.49
C GLU A 181 41.78 -0.08 -14.27
N PRO A 182 41.36 -1.37 -14.40
CA PRO A 182 41.37 -2.28 -13.23
C PRO A 182 42.78 -2.68 -12.78
N GLU A 183 43.81 -2.45 -13.63
CA GLU A 183 45.24 -2.73 -13.42
C GLU A 183 45.49 -4.23 -13.19
N SER B 16 30.21 30.68 -22.88
CA SER B 16 29.82 30.77 -21.48
C SER B 16 28.79 31.89 -21.26
N PRO B 17 27.47 31.56 -21.17
CA PRO B 17 26.47 32.63 -20.96
C PRO B 17 26.44 33.13 -19.52
N GLU B 18 25.85 34.32 -19.30
CA GLU B 18 25.71 34.93 -17.98
C GLU B 18 24.80 34.08 -17.09
N ASP B 19 25.27 33.78 -15.86
CA ASP B 19 24.48 33.03 -14.89
C ASP B 19 24.46 33.77 -13.56
N PHE B 20 23.26 34.02 -13.06
CA PHE B 20 23.02 34.68 -11.78
C PHE B 20 22.48 33.62 -10.85
N VAL B 21 23.21 33.32 -9.77
CA VAL B 21 22.83 32.26 -8.83
C VAL B 21 22.51 32.86 -7.44
N TYR B 22 21.40 32.38 -6.84
CA TYR B 22 20.93 32.76 -5.51
C TYR B 22 20.70 31.50 -4.68
N GLN B 23 21.28 31.48 -3.46
CA GLN B 23 21.20 30.35 -2.54
C GLN B 23 20.65 30.76 -1.16
N PHE B 24 19.92 29.83 -0.51
CA PHE B 24 19.45 30.01 0.85
C PHE B 24 19.86 28.79 1.65
N LYS B 25 20.74 28.99 2.64
CA LYS B 25 21.22 27.89 3.48
C LYS B 25 20.79 28.09 4.94
N GLY B 26 19.63 27.53 5.26
CA GLY B 26 19.08 27.55 6.61
C GLY B 26 19.73 26.45 7.40
N MET B 27 20.94 26.70 7.91
CA MET B 27 21.76 25.72 8.60
C MET B 27 21.51 25.65 10.12
N CYS B 28 21.80 24.48 10.69
CA CYS B 28 21.68 24.14 12.11
C CYS B 28 22.98 23.52 12.58
N TYR B 29 23.52 24.01 13.70
CA TYR B 29 24.77 23.52 14.30
C TYR B 29 24.49 22.83 15.63
N PHE B 30 25.23 21.74 15.94
CA PHE B 30 25.01 20.94 17.16
C PHE B 30 26.32 20.49 17.82
N THR B 31 26.41 20.66 19.15
CA THR B 31 27.54 20.26 20.00
C THR B 31 27.01 19.84 21.38
N ASN B 32 27.69 18.88 22.05
CA ASN B 32 27.35 18.31 23.37
C ASN B 32 25.90 17.75 23.37
N GLY B 33 25.55 17.06 22.27
CA GLY B 33 24.23 16.50 22.06
C GLY B 33 23.17 17.56 21.82
N THR B 34 22.37 17.86 22.85
CA THR B 34 21.30 18.85 22.80
C THR B 34 21.61 20.09 23.70
N GLU B 35 22.81 20.13 24.31
CA GLU B 35 23.22 21.22 25.19
C GLU B 35 23.56 22.51 24.42
N ARG B 36 24.18 22.38 23.22
CA ARG B 36 24.55 23.54 22.40
C ARG B 36 23.96 23.41 20.98
N VAL B 37 23.03 24.32 20.65
CA VAL B 37 22.37 24.41 19.34
C VAL B 37 22.48 25.86 18.86
N ARG B 38 23.04 26.06 17.66
CA ARG B 38 23.22 27.39 17.06
C ARG B 38 22.62 27.40 15.65
N LEU B 39 21.58 28.23 15.44
CA LEU B 39 20.92 28.37 14.15
C LEU B 39 21.51 29.54 13.36
N VAL B 40 21.97 29.27 12.13
CA VAL B 40 22.51 30.30 11.24
C VAL B 40 21.88 30.08 9.87
N SER B 41 21.05 31.04 9.43
CA SER B 41 20.41 30.99 8.12
C SER B 41 20.98 32.11 7.26
N ARG B 42 21.62 31.76 6.15
CA ARG B 42 22.25 32.76 5.29
C ARG B 42 21.75 32.71 3.85
N SER B 43 21.69 33.91 3.24
CA SER B 43 21.28 34.14 1.86
C SER B 43 22.51 34.57 1.05
N ILE B 44 22.78 33.86 -0.07
CA ILE B 44 23.98 34.03 -0.90
C ILE B 44 23.62 34.49 -2.33
N TYR B 45 24.51 35.36 -2.90
CA TYR B 45 24.49 35.91 -4.26
C TYR B 45 25.89 36.48 -4.61
N ASN B 46 26.64 35.87 -5.55
CA ASN B 46 26.33 34.63 -6.26
C ASN B 46 26.95 33.51 -5.42
N ARG B 47 28.26 33.67 -5.15
CA ARG B 47 29.08 32.83 -4.27
C ARG B 47 29.45 33.68 -3.04
N GLU B 48 28.85 34.89 -2.97
CA GLU B 48 29.03 35.88 -1.92
C GLU B 48 27.82 35.88 -0.95
N GLU B 49 28.07 35.63 0.34
CA GLU B 49 27.08 35.62 1.42
C GLU B 49 26.70 37.09 1.71
N ILE B 50 25.50 37.51 1.28
CA ILE B 50 25.06 38.91 1.42
C ILE B 50 24.44 39.20 2.81
N VAL B 51 23.58 38.31 3.33
CA VAL B 51 22.93 38.50 4.64
C VAL B 51 22.84 37.14 5.37
N ARG B 52 22.80 37.19 6.73
CA ARG B 52 22.72 36.00 7.59
C ARG B 52 21.90 36.28 8.88
N PHE B 53 21.39 35.21 9.50
CA PHE B 53 20.65 35.30 10.75
C PHE B 53 21.17 34.26 11.72
N ASP B 54 21.94 34.71 12.73
CA ASP B 54 22.50 33.86 13.77
C ASP B 54 21.55 33.83 14.96
N SER B 55 21.39 32.66 15.59
CA SER B 55 20.51 32.50 16.76
C SER B 55 21.12 33.20 17.98
N ASP B 56 22.46 33.33 17.98
CA ASP B 56 23.23 33.97 19.04
C ASP B 56 23.05 35.50 19.05
N VAL B 57 22.79 36.13 17.88
CA VAL B 57 22.57 37.58 17.78
C VAL B 57 21.06 37.90 17.90
N GLY B 58 20.21 37.10 17.24
CA GLY B 58 18.77 37.27 17.27
C GLY B 58 18.22 38.37 16.38
N GLU B 59 18.95 38.71 15.32
CA GLU B 59 18.57 39.75 14.34
C GLU B 59 19.31 39.52 13.02
N PHE B 60 18.69 39.93 11.89
CA PHE B 60 19.31 39.81 10.57
C PHE B 60 20.42 40.85 10.47
N ARG B 61 21.65 40.39 10.19
CA ARG B 61 22.79 41.28 10.08
C ARG B 61 23.47 41.10 8.72
N ALA B 62 23.54 42.21 7.95
CA ALA B 62 24.12 42.27 6.61
C ALA B 62 25.63 42.07 6.62
N VAL B 63 26.12 41.31 5.63
CA VAL B 63 27.55 41.00 5.46
C VAL B 63 28.09 41.90 4.34
N THR B 64 27.27 42.11 3.29
CA THR B 64 27.58 42.94 2.11
C THR B 64 26.56 44.09 2.04
N LEU B 65 26.89 45.19 1.30
CA LEU B 65 26.02 46.34 1.05
C LEU B 65 24.70 45.91 0.40
N LEU B 66 24.75 44.79 -0.36
CA LEU B 66 23.61 44.15 -1.04
C LEU B 66 22.65 43.49 -0.03
N GLY B 67 23.16 43.18 1.16
CA GLY B 67 22.38 42.58 2.24
C GLY B 67 21.57 43.60 3.02
N LEU B 68 22.14 44.81 3.19
CA LEU B 68 21.61 45.96 3.94
C LEU B 68 20.12 46.30 3.64
N PRO B 69 19.60 46.40 2.37
CA PRO B 69 18.19 46.75 2.18
C PRO B 69 17.22 45.66 2.65
N ALA B 70 17.65 44.38 2.64
CA ALA B 70 16.83 43.26 3.12
C ALA B 70 16.80 43.20 4.65
N ALA B 71 17.99 43.32 5.28
CA ALA B 71 18.19 43.28 6.73
C ALA B 71 17.42 44.38 7.46
N GLU B 72 17.41 45.62 6.91
CA GLU B 72 16.68 46.77 7.47
C GLU B 72 15.16 46.55 7.40
N TYR B 73 14.68 45.95 6.29
CA TYR B 73 13.28 45.64 6.00
C TYR B 73 12.78 44.47 6.86
N TRP B 74 13.61 43.42 7.04
CA TRP B 74 13.24 42.25 7.83
C TRP B 74 13.30 42.55 9.33
N ASN B 75 14.17 43.49 9.77
CA ASN B 75 14.25 43.87 11.18
C ASN B 75 13.15 44.90 11.53
N SER B 76 12.54 45.52 10.49
CA SER B 76 11.46 46.49 10.63
C SER B 76 10.15 45.82 11.03
N GLN B 77 9.94 44.57 10.56
CA GLN B 77 8.73 43.80 10.83
C GLN B 77 8.94 42.89 12.06
N LYS B 78 8.25 43.22 13.18
CA LYS B 78 8.32 42.53 14.48
C LYS B 78 7.81 41.08 14.42
N ASP B 79 6.81 40.80 13.55
CA ASP B 79 6.19 39.48 13.37
C ASP B 79 7.21 38.43 12.90
N ILE B 80 8.09 38.80 11.95
CA ILE B 80 9.13 37.92 11.38
C ILE B 80 10.16 37.56 12.46
N LEU B 81 10.55 38.55 13.29
CA LEU B 81 11.52 38.40 14.37
C LEU B 81 11.12 37.26 15.32
N GLU B 82 9.85 37.24 15.75
CA GLU B 82 9.29 36.22 16.66
C GLU B 82 9.27 34.82 16.03
N ARG B 83 9.00 34.74 14.71
CA ARG B 83 8.95 33.47 13.98
C ARG B 83 10.35 32.93 13.73
N LYS B 84 11.33 33.82 13.47
CA LYS B 84 12.72 33.45 13.23
C LYS B 84 13.41 33.04 14.54
N ARG B 85 13.08 33.73 15.66
CA ARG B 85 13.62 33.42 16.99
C ARG B 85 13.14 32.04 17.43
N ALA B 86 11.92 31.65 16.98
CA ALA B 86 11.27 30.37 17.27
C ALA B 86 11.89 29.22 16.45
N ALA B 87 12.47 29.53 15.27
CA ALA B 87 13.08 28.58 14.34
C ALA B 87 14.18 27.69 14.98
N VAL B 88 14.80 28.12 16.10
CA VAL B 88 15.82 27.31 16.79
C VAL B 88 15.16 26.03 17.33
N ASP B 89 13.95 26.16 17.90
CA ASP B 89 13.16 25.04 18.43
C ASP B 89 12.30 24.42 17.33
N ARG B 90 11.64 25.28 16.53
CA ARG B 90 10.74 24.89 15.44
C ARG B 90 11.46 24.14 14.30
N VAL B 91 12.76 24.39 14.07
CA VAL B 91 13.50 23.75 12.98
C VAL B 91 14.60 22.84 13.54
N CYS B 92 15.69 23.43 14.09
CA CYS B 92 16.90 22.73 14.56
C CYS B 92 16.65 21.71 15.67
N ARG B 93 16.05 22.11 16.81
CA ARG B 93 15.83 21.24 17.97
C ARG B 93 14.79 20.12 17.68
N HIS B 94 13.81 20.40 16.81
CA HIS B 94 12.75 19.45 16.44
C HIS B 94 13.31 18.35 15.52
N ASN B 95 13.97 18.74 14.42
CA ASN B 95 14.54 17.83 13.43
C ASN B 95 15.68 16.96 13.98
N TYR B 96 16.44 17.46 14.98
CA TYR B 96 17.53 16.71 15.61
C TYR B 96 17.02 15.45 16.31
N GLN B 97 15.80 15.51 16.91
CA GLN B 97 15.17 14.38 17.60
C GLN B 97 14.88 13.23 16.63
N LEU B 98 14.62 13.57 15.35
CA LEU B 98 14.38 12.60 14.28
C LEU B 98 15.69 11.95 13.86
N GLU B 99 16.79 12.73 13.89
CA GLU B 99 18.14 12.29 13.53
C GLU B 99 18.68 11.26 14.52
N LEU B 100 18.38 11.45 15.83
CA LEU B 100 18.78 10.56 16.93
C LEU B 100 18.28 9.13 16.76
N ARG B 101 17.22 8.93 15.96
CA ARG B 101 16.60 7.64 15.70
C ARG B 101 17.01 7.03 14.33
N THR B 102 17.53 7.87 13.39
CA THR B 102 17.90 7.40 12.04
C THR B 102 19.40 7.58 11.70
N THR B 103 19.82 8.80 11.27
CA THR B 103 21.19 9.13 10.85
C THR B 103 22.22 8.93 11.97
N LEU B 104 21.88 9.33 13.21
CA LEU B 104 22.76 9.21 14.37
C LEU B 104 22.76 7.76 14.93
N GLN B 105 21.96 6.86 14.31
CA GLN B 105 21.89 5.45 14.65
C GLN B 105 22.62 4.61 13.59
N ARG B 106 22.87 5.21 12.41
CA ARG B 106 23.55 4.56 11.29
C ARG B 106 25.01 4.26 11.64
N ARG B 107 25.40 2.99 11.51
CA ARG B 107 26.76 2.50 11.77
C ARG B 107 27.14 1.49 10.69
N VAL B 108 28.25 1.76 9.97
CA VAL B 108 28.76 0.88 8.91
C VAL B 108 30.21 0.50 9.23
N GLU B 109 30.48 -0.82 9.37
CA GLU B 109 31.80 -1.36 9.65
C GLU B 109 32.70 -1.26 8.41
N PRO B 110 33.97 -0.80 8.56
CA PRO B 110 34.83 -0.67 7.38
C PRO B 110 35.53 -1.96 6.98
N THR B 111 36.02 -2.02 5.72
CA THR B 111 36.77 -3.15 5.14
C THR B 111 38.21 -2.69 4.99
N VAL B 112 39.16 -3.46 5.56
CA VAL B 112 40.58 -3.11 5.54
C VAL B 112 41.38 -4.05 4.62
N THR B 113 42.16 -3.45 3.70
CA THR B 113 42.99 -4.15 2.72
C THR B 113 44.34 -3.43 2.53
N ILE B 114 45.45 -4.17 2.65
CA ILE B 114 46.80 -3.61 2.47
C ILE B 114 47.35 -4.09 1.13
N SER B 115 47.82 -3.14 0.31
CA SER B 115 48.39 -3.41 -1.03
C SER B 115 49.86 -2.95 -1.08
N PRO B 116 50.81 -3.83 -1.48
CA PRO B 116 52.21 -3.40 -1.52
C PRO B 116 52.58 -2.70 -2.84
N HIS B 125 59.15 -4.40 -1.26
CA HIS B 125 58.44 -3.20 -1.71
C HIS B 125 58.79 -1.98 -0.84
N ASN B 126 58.79 -0.78 -1.45
CA ASN B 126 59.09 0.48 -0.77
C ASN B 126 57.81 1.16 -0.26
N LEU B 127 56.68 0.95 -0.97
CA LEU B 127 55.37 1.52 -0.63
C LEU B 127 54.43 0.48 -0.03
N LEU B 128 53.59 0.92 0.92
CA LEU B 128 52.61 0.09 1.61
C LEU B 128 51.39 0.96 1.96
N VAL B 129 50.27 0.71 1.26
CA VAL B 129 49.03 1.47 1.39
C VAL B 129 47.92 0.64 2.09
N CYS B 130 47.23 1.27 3.05
CA CYS B 130 46.11 0.69 3.79
C CYS B 130 44.82 1.34 3.27
N SER B 131 43.99 0.55 2.56
CA SER B 131 42.73 0.99 1.98
C SER B 131 41.54 0.60 2.88
N VAL B 132 41.10 1.56 3.70
CA VAL B 132 39.97 1.44 4.64
C VAL B 132 38.74 1.95 3.88
N THR B 133 37.87 1.03 3.42
CA THR B 133 36.69 1.37 2.59
C THR B 133 35.34 1.15 3.29
N ASP B 134 34.33 1.95 2.87
CA ASP B 134 32.91 1.96 3.25
C ASP B 134 32.65 1.92 4.76
N PHE B 135 32.44 3.11 5.36
CA PHE B 135 32.16 3.24 6.79
C PHE B 135 31.37 4.51 7.09
N TYR B 136 30.63 4.50 8.22
CA TYR B 136 29.84 5.61 8.72
C TYR B 136 29.66 5.44 10.23
N PRO B 137 29.82 6.48 11.09
CA PRO B 137 30.12 7.90 10.77
C PRO B 137 31.55 8.14 10.29
N ALA B 138 31.83 9.40 9.89
CA ALA B 138 33.11 9.88 9.37
C ALA B 138 34.29 9.76 10.37
N GLN B 139 34.01 9.64 11.69
CA GLN B 139 35.03 9.52 12.73
C GLN B 139 35.75 8.17 12.62
N ILE B 140 37.09 8.23 12.45
CA ILE B 140 37.98 7.07 12.31
C ILE B 140 39.40 7.44 12.80
N LYS B 141 40.18 6.43 13.24
CA LYS B 141 41.57 6.59 13.68
C LYS B 141 42.39 5.38 13.22
N VAL B 142 43.10 5.55 12.10
CA VAL B 142 43.92 4.51 11.48
C VAL B 142 45.41 4.78 11.79
N ARG B 143 46.10 3.75 12.31
CA ARG B 143 47.51 3.76 12.72
C ARG B 143 48.33 2.71 11.97
N TRP B 144 49.65 2.98 11.82
CA TRP B 144 50.59 2.06 11.20
C TRP B 144 51.62 1.61 12.22
N PHE B 145 51.87 0.29 12.29
CA PHE B 145 52.81 -0.31 13.23
C PHE B 145 53.89 -1.11 12.53
N ARG B 146 55.14 -1.00 13.03
CA ARG B 146 56.30 -1.73 12.52
C ARG B 146 56.82 -2.63 13.65
N ASN B 147 56.28 -3.87 13.72
CA ASN B 147 56.56 -4.92 14.71
C ASN B 147 56.27 -4.42 16.14
N ASP B 148 54.95 -4.26 16.46
CA ASP B 148 54.40 -3.82 17.74
C ASP B 148 54.81 -2.37 18.13
N GLN B 149 55.56 -1.67 17.26
CA GLN B 149 56.02 -0.30 17.48
C GLN B 149 55.35 0.66 16.50
N GLU B 150 54.62 1.66 17.04
CA GLU B 150 53.88 2.68 16.29
C GLU B 150 54.85 3.60 15.51
N GLU B 151 54.63 3.75 14.19
CA GLU B 151 55.48 4.59 13.34
C GLU B 151 54.95 6.04 13.35
N THR B 152 55.78 6.98 13.81
CA THR B 152 55.46 8.41 13.93
C THR B 152 55.66 9.11 12.58
N ALA B 153 56.90 9.11 12.06
CA ALA B 153 57.26 9.73 10.79
C ALA B 153 57.17 8.73 9.63
N GLY B 154 57.21 9.25 8.40
CA GLY B 154 57.14 8.45 7.19
C GLY B 154 55.75 7.94 6.86
N VAL B 155 54.72 8.62 7.38
CA VAL B 155 53.32 8.28 7.15
C VAL B 155 52.62 9.42 6.39
N VAL B 156 51.95 9.08 5.28
CA VAL B 156 51.23 10.04 4.44
C VAL B 156 49.78 9.53 4.28
N SER B 157 48.83 10.39 4.64
CA SER B 157 47.41 10.06 4.58
C SER B 157 46.65 11.00 3.65
N THR B 158 45.80 10.42 2.80
CA THR B 158 44.92 11.16 1.89
C THR B 158 43.77 11.76 2.70
N PRO B 159 43.12 12.86 2.28
CA PRO B 159 42.00 13.39 3.07
C PRO B 159 40.82 12.42 3.10
N LEU B 160 39.94 12.53 4.11
CA LEU B 160 38.76 11.67 4.24
C LEU B 160 37.88 11.86 2.98
N ILE B 161 37.67 10.75 2.26
CA ILE B 161 36.94 10.76 0.99
C ILE B 161 35.46 10.42 1.22
N ARG B 162 34.59 11.38 0.86
CA ARG B 162 33.14 11.24 0.90
C ARG B 162 32.71 10.53 -0.37
N ASN B 163 32.05 9.37 -0.25
CA ASN B 163 31.61 8.61 -1.40
C ASN B 163 30.25 9.08 -1.89
N GLY B 164 29.55 9.82 -1.04
CA GLY B 164 28.24 10.39 -1.35
C GLY B 164 27.09 9.57 -0.81
N ASP B 165 27.09 8.24 -1.09
CA ASP B 165 26.06 7.29 -0.67
C ASP B 165 26.15 6.93 0.84
N TRP B 166 26.38 7.96 1.68
CA TRP B 166 26.49 7.92 3.14
C TRP B 166 27.58 6.94 3.63
N THR B 167 28.63 6.76 2.82
CA THR B 167 29.80 5.93 3.12
C THR B 167 31.08 6.74 2.87
N PHE B 168 32.20 6.30 3.46
CA PHE B 168 33.50 6.96 3.34
C PHE B 168 34.61 5.97 2.95
N GLN B 169 35.86 6.48 2.92
CA GLN B 169 37.10 5.75 2.66
C GLN B 169 38.30 6.64 2.94
N ILE B 170 39.36 6.03 3.46
CA ILE B 170 40.61 6.72 3.78
C ILE B 170 41.78 5.82 3.30
N LEU B 171 42.73 6.44 2.59
CA LEU B 171 43.91 5.76 2.04
C LEU B 171 45.16 6.23 2.80
N VAL B 172 45.68 5.37 3.69
CA VAL B 172 46.87 5.71 4.47
C VAL B 172 48.05 4.90 3.96
N MET B 173 49.04 5.63 3.41
CA MET B 173 50.26 5.07 2.82
C MET B 173 51.42 5.22 3.79
N LEU B 174 52.36 4.27 3.77
CA LEU B 174 53.52 4.30 4.66
C LEU B 174 54.78 3.88 3.91
N GLU B 175 55.77 4.78 3.88
CA GLU B 175 57.07 4.50 3.25
C GLU B 175 57.89 3.65 4.22
N MET B 176 58.65 2.67 3.69
CA MET B 176 59.42 1.74 4.53
C MET B 176 60.68 1.19 3.83
N THR B 177 61.35 0.23 4.51
CA THR B 177 62.53 -0.51 4.05
C THR B 177 62.23 -2.02 4.30
N PRO B 178 62.54 -2.92 3.34
CA PRO B 178 62.20 -4.34 3.54
C PRO B 178 63.25 -5.14 4.31
N GLN B 179 62.78 -6.01 5.23
CA GLN B 179 63.59 -6.91 6.05
C GLN B 179 62.81 -8.22 6.27
N ARG B 180 63.52 -9.37 6.22
CA ARG B 180 62.91 -10.70 6.39
C ARG B 180 62.51 -10.92 7.85
N GLY B 181 61.26 -11.34 8.06
CA GLY B 181 60.70 -11.60 9.38
C GLY B 181 60.02 -10.42 10.03
N ASP B 182 59.85 -9.31 9.28
CA ASP B 182 59.20 -8.10 9.76
C ASP B 182 57.75 -8.04 9.32
N VAL B 183 56.82 -7.94 10.29
CA VAL B 183 55.38 -7.86 10.01
C VAL B 183 54.87 -6.43 10.21
N TYR B 184 54.05 -5.95 9.27
CA TYR B 184 53.48 -4.61 9.31
C TYR B 184 51.96 -4.72 9.51
N THR B 185 51.45 -4.03 10.54
CA THR B 185 50.04 -4.07 10.92
C THR B 185 49.35 -2.72 10.69
N CYS B 186 48.09 -2.77 10.25
CA CYS B 186 47.24 -1.60 10.06
C CYS B 186 46.16 -1.63 11.14
N HIS B 187 46.27 -0.72 12.12
CA HIS B 187 45.39 -0.58 13.28
C HIS B 187 44.30 0.45 12.97
N VAL B 188 43.03 0.04 12.97
CA VAL B 188 41.90 0.93 12.64
C VAL B 188 40.85 0.96 13.78
N GLU B 189 40.49 2.18 14.25
CA GLU B 189 39.50 2.43 15.30
C GLU B 189 38.27 3.16 14.71
N HIS B 190 37.06 2.62 14.95
CA HIS B 190 35.79 3.16 14.46
C HIS B 190 34.68 2.90 15.50
N PRO B 191 33.64 3.77 15.63
CA PRO B 191 32.59 3.53 16.66
C PRO B 191 31.79 2.24 16.48
N SER B 192 31.57 1.80 15.21
CA SER B 192 30.84 0.57 14.89
C SER B 192 31.63 -0.68 15.30
N LEU B 193 32.97 -0.56 15.37
CA LEU B 193 33.89 -1.63 15.75
C LEU B 193 34.05 -1.68 17.28
N GLN B 194 33.93 -2.89 17.86
CA GLN B 194 34.07 -3.13 19.30
C GLN B 194 35.55 -3.31 19.69
N SER B 195 36.40 -3.64 18.71
CA SER B 195 37.84 -3.85 18.86
C SER B 195 38.57 -3.54 17.53
N PRO B 196 39.81 -2.99 17.55
CA PRO B 196 40.49 -2.66 16.28
C PRO B 196 40.84 -3.89 15.44
N ILE B 197 40.86 -3.73 14.10
CA ILE B 197 41.12 -4.84 13.18
C ILE B 197 42.64 -5.09 13.06
N THR B 198 43.05 -6.37 13.26
CA THR B 198 44.44 -6.82 13.19
C THR B 198 44.73 -7.39 11.80
N VAL B 199 44.95 -6.49 10.81
CA VAL B 199 45.29 -6.85 9.43
C VAL B 199 46.81 -6.69 9.28
N GLU B 200 47.51 -7.82 9.04
CA GLU B 200 48.96 -7.87 8.95
C GLU B 200 49.47 -8.27 7.56
N TRP B 201 50.63 -7.73 7.17
CA TRP B 201 51.31 -8.03 5.91
C TRP B 201 52.74 -8.50 6.21
N ARG B 202 53.03 -9.77 5.87
CA ARG B 202 54.33 -10.41 6.09
C ARG B 202 55.33 -10.07 4.96
N ALA B 203 56.63 -10.00 5.31
CA ALA B 203 57.71 -9.69 4.38
C ALA B 203 58.83 -10.72 4.48
N ILE C 3 22.66 -37.89 9.87
CA ILE C 3 22.43 -37.30 11.19
C ILE C 3 23.51 -36.21 11.49
N VAL C 4 24.74 -36.40 10.97
CA VAL C 4 25.86 -35.46 11.17
C VAL C 4 25.90 -34.51 9.95
N ALA C 5 25.60 -33.22 10.17
CA ALA C 5 25.56 -32.17 9.15
C ALA C 5 25.78 -30.77 9.74
N ASP C 6 26.26 -29.82 8.92
CA ASP C 6 26.54 -28.44 9.31
C ASP C 6 25.24 -27.66 9.62
N HIS C 7 24.24 -27.74 8.72
CA HIS C 7 22.95 -27.07 8.87
C HIS C 7 21.79 -28.06 8.71
N VAL C 8 20.77 -27.92 9.56
CA VAL C 8 19.58 -28.79 9.54
C VAL C 8 18.30 -27.91 9.56
N ALA C 9 17.43 -28.14 8.58
CA ALA C 9 16.15 -27.45 8.39
C ALA C 9 14.99 -28.44 8.40
N SER C 10 13.76 -27.94 8.60
CA SER C 10 12.54 -28.74 8.61
C SER C 10 11.45 -28.00 7.83
N TYR C 11 11.09 -28.52 6.63
CA TYR C 11 10.07 -27.92 5.76
C TYR C 11 8.85 -28.85 5.57
N GLY C 12 7.94 -28.94 6.55
CA GLY C 12 8.01 -28.27 7.84
C GLY C 12 7.72 -29.21 9.00
N VAL C 13 7.30 -28.63 10.14
CA VAL C 13 6.96 -29.42 11.33
C VAL C 13 5.42 -29.41 11.46
N ASN C 14 4.81 -30.54 11.05
CA ASN C 14 3.38 -30.79 11.06
C ASN C 14 2.94 -31.45 12.36
N LEU C 15 1.74 -31.12 12.83
CA LEU C 15 1.20 -31.63 14.10
C LEU C 15 -0.32 -31.74 14.05
N TYR C 16 -0.84 -32.78 14.71
CA TYR C 16 -2.27 -33.02 14.90
C TYR C 16 -2.47 -33.96 16.07
N GLN C 17 -3.21 -33.50 17.10
CA GLN C 17 -3.47 -34.28 18.29
C GLN C 17 -4.97 -34.37 18.57
N SER C 18 -5.38 -35.47 19.24
CA SER C 18 -6.76 -35.76 19.62
C SER C 18 -7.34 -34.70 20.55
N TYR C 19 -6.54 -34.20 21.51
CA TYR C 19 -6.97 -33.19 22.46
C TYR C 19 -7.26 -31.86 21.76
N GLY C 20 -8.55 -31.56 21.63
CA GLY C 20 -9.05 -30.35 20.98
C GLY C 20 -10.12 -30.62 19.92
N PRO C 21 -9.75 -31.06 18.70
CA PRO C 21 -8.39 -31.37 18.21
C PRO C 21 -7.61 -30.12 17.83
N SER C 22 -6.30 -30.12 18.14
CA SER C 22 -5.40 -29.00 17.87
C SER C 22 -4.32 -29.40 16.85
N GLY C 23 -4.03 -28.49 15.93
CA GLY C 23 -3.01 -28.69 14.90
C GLY C 23 -1.96 -27.58 14.89
N GLN C 24 -0.79 -27.84 14.28
CA GLN C 24 0.29 -26.86 14.20
C GLN C 24 1.21 -27.07 12.99
N TYR C 25 1.46 -25.97 12.25
CA TYR C 25 2.34 -25.97 11.10
C TYR C 25 3.39 -24.86 11.25
N THR C 26 4.66 -25.27 11.23
CA THR C 26 5.82 -24.39 11.32
C THR C 26 6.89 -24.81 10.32
N HIS C 27 7.89 -23.97 10.13
CA HIS C 27 9.08 -24.21 9.33
C HIS C 27 10.27 -23.87 10.20
N GLU C 28 11.16 -24.82 10.44
CA GLU C 28 12.32 -24.61 11.31
C GLU C 28 13.63 -24.62 10.52
N PHE C 29 14.62 -23.87 11.04
CA PHE C 29 15.98 -23.78 10.52
C PHE C 29 16.93 -23.61 11.68
N ASP C 30 17.87 -24.56 11.82
CA ASP C 30 18.90 -24.65 12.86
C ASP C 30 18.30 -24.48 14.29
N GLY C 31 17.22 -25.22 14.54
CA GLY C 31 16.55 -25.25 15.83
C GLY C 31 15.52 -24.17 16.09
N ASP C 32 15.61 -23.03 15.38
CA ASP C 32 14.71 -21.88 15.53
C ASP C 32 13.56 -21.91 14.52
N GLU C 33 12.43 -21.29 14.89
CA GLU C 33 11.20 -21.18 14.10
C GLU C 33 11.25 -20.00 13.12
N GLN C 34 11.06 -20.27 11.82
CA GLN C 34 11.04 -19.25 10.77
C GLN C 34 9.70 -18.54 10.78
N PHE C 35 8.61 -19.31 10.76
CA PHE C 35 7.22 -18.83 10.77
C PHE C 35 6.26 -19.93 11.22
N TYR C 36 5.01 -19.55 11.53
CA TYR C 36 3.90 -20.45 11.85
C TYR C 36 2.69 -20.04 11.01
N VAL C 37 1.76 -20.97 10.79
CA VAL C 37 0.56 -20.67 10.01
C VAL C 37 -0.66 -20.74 10.91
N ASP C 38 -1.40 -19.62 11.00
CA ASP C 38 -2.65 -19.50 11.75
C ASP C 38 -3.69 -20.30 10.96
N LEU C 39 -4.08 -21.49 11.47
CA LEU C 39 -5.01 -22.38 10.77
C LEU C 39 -6.44 -21.86 10.83
N GLY C 40 -6.72 -21.06 11.86
CA GLY C 40 -8.03 -20.46 12.06
C GLY C 40 -8.24 -19.25 11.17
N ARG C 41 -7.30 -18.27 11.24
CA ARG C 41 -7.35 -17.02 10.48
C ARG C 41 -6.86 -17.17 9.03
N LYS C 42 -6.12 -18.27 8.73
CA LYS C 42 -5.54 -18.60 7.42
C LYS C 42 -4.55 -17.50 6.97
N GLU C 43 -3.51 -17.26 7.81
CA GLU C 43 -2.48 -16.27 7.57
C GLU C 43 -1.12 -16.73 8.10
N THR C 44 -0.06 -16.49 7.31
CA THR C 44 1.32 -16.84 7.62
C THR C 44 1.89 -15.76 8.53
N VAL C 45 2.40 -16.17 9.71
CA VAL C 45 2.97 -15.21 10.67
C VAL C 45 4.49 -15.42 10.72
N TRP C 46 5.23 -14.57 9.98
CA TRP C 46 6.69 -14.63 9.89
C TRP C 46 7.33 -14.12 11.17
N CYS C 47 8.19 -14.96 11.79
CA CYS C 47 8.89 -14.65 13.04
C CYS C 47 10.11 -13.78 12.77
N LEU C 48 10.98 -14.20 11.84
CA LEU C 48 12.18 -13.42 11.52
C LEU C 48 11.82 -12.31 10.52
N PRO C 49 12.12 -11.02 10.87
CA PRO C 49 11.74 -9.89 10.01
C PRO C 49 12.37 -9.87 8.61
N VAL C 50 13.53 -10.51 8.41
CA VAL C 50 14.19 -10.52 7.10
C VAL C 50 13.44 -11.43 6.11
N LEU C 51 12.72 -12.45 6.63
CA LEU C 51 11.97 -13.43 5.83
C LEU C 51 10.56 -12.94 5.44
N ARG C 52 10.16 -11.72 5.89
CA ARG C 52 8.86 -11.10 5.59
C ARG C 52 8.74 -10.73 4.10
N GLN C 53 9.89 -10.62 3.39
CA GLN C 53 10.00 -10.34 1.96
C GLN C 53 9.40 -11.50 1.14
N PHE C 54 9.41 -12.73 1.69
CA PHE C 54 8.86 -13.94 1.10
C PHE C 54 7.41 -14.11 1.47
N ARG C 55 6.64 -14.70 0.56
CA ARG C 55 5.23 -14.99 0.76
C ARG C 55 5.01 -16.50 0.68
N PHE C 56 4.48 -17.08 1.77
CA PHE C 56 4.14 -18.50 1.85
C PHE C 56 2.62 -18.59 1.94
N ASP C 57 1.98 -19.33 1.01
CA ASP C 57 0.52 -19.47 0.99
C ASP C 57 0.04 -20.34 2.15
N PRO C 58 -0.91 -19.85 2.97
CA PRO C 58 -1.38 -20.65 4.12
C PRO C 58 -2.19 -21.90 3.76
N GLN C 59 -2.76 -21.96 2.53
CA GLN C 59 -3.61 -23.04 2.03
C GLN C 59 -2.95 -24.43 2.16
N PHE C 60 -1.64 -24.54 1.87
CA PHE C 60 -0.92 -25.82 1.97
C PHE C 60 -1.03 -26.41 3.39
N ALA C 61 -0.70 -25.59 4.43
CA ALA C 61 -0.73 -25.97 5.84
C ALA C 61 -2.08 -26.57 6.21
N LEU C 62 -3.21 -25.92 5.82
CA LEU C 62 -4.58 -26.38 6.06
C LEU C 62 -4.82 -27.74 5.43
N THR C 63 -4.38 -27.92 4.15
CA THR C 63 -4.52 -29.14 3.36
C THR C 63 -3.69 -30.28 3.98
N ASN C 64 -2.42 -30.00 4.31
CA ASN C 64 -1.51 -30.98 4.91
C ASN C 64 -2.00 -31.43 6.29
N ILE C 65 -2.53 -30.51 7.12
CA ILE C 65 -3.05 -30.82 8.45
C ILE C 65 -4.34 -31.69 8.33
N ALA C 66 -5.06 -31.60 7.19
CA ALA C 66 -6.24 -32.43 6.93
C ALA C 66 -5.83 -33.89 6.66
N VAL C 67 -4.60 -34.10 6.13
CA VAL C 67 -3.98 -35.42 5.88
C VAL C 67 -3.56 -35.99 7.24
N LEU C 68 -2.96 -35.13 8.10
CA LEU C 68 -2.50 -35.40 9.46
C LEU C 68 -3.67 -35.87 10.37
N LYS C 69 -4.90 -35.33 10.13
CA LYS C 69 -6.13 -35.69 10.85
C LYS C 69 -6.56 -37.12 10.49
N HIS C 70 -6.61 -37.43 9.18
CA HIS C 70 -6.97 -38.75 8.64
C HIS C 70 -5.93 -39.79 9.05
N ASN C 71 -4.64 -39.42 9.06
CA ASN C 71 -3.53 -40.28 9.45
C ASN C 71 -3.59 -40.63 10.93
N LEU C 72 -3.89 -39.65 11.81
CA LEU C 72 -4.00 -39.86 13.25
C LEU C 72 -5.14 -40.85 13.56
N ASN C 73 -6.34 -40.63 12.99
CA ASN C 73 -7.52 -41.51 13.17
C ASN C 73 -7.27 -42.92 12.64
N SER C 74 -6.60 -43.05 11.48
CA SER C 74 -6.25 -44.34 10.89
C SER C 74 -5.17 -45.04 11.70
N LEU C 75 -4.29 -44.27 12.37
CA LEU C 75 -3.23 -44.83 13.22
C LEU C 75 -3.81 -45.36 14.53
N ILE C 76 -4.83 -44.65 15.10
CA ILE C 76 -5.51 -45.00 16.35
C ILE C 76 -6.15 -46.40 16.23
N LYS C 77 -6.95 -46.64 15.16
CA LYS C 77 -7.60 -47.93 14.93
C LYS C 77 -6.57 -49.05 14.66
N ARG C 78 -5.42 -48.71 14.03
CA ARG C 78 -4.35 -49.65 13.69
C ARG C 78 -3.58 -50.16 14.92
N SER C 79 -3.30 -49.27 15.89
CA SER C 79 -2.52 -49.58 17.09
C SER C 79 -3.37 -50.04 18.30
N ASN C 80 -4.66 -50.36 18.09
CA ASN C 80 -5.63 -50.76 19.15
C ASN C 80 -5.81 -49.62 20.18
N SER C 81 -5.69 -48.36 19.70
CA SER C 81 -5.79 -47.09 20.43
C SER C 81 -4.69 -46.97 21.50
N THR C 82 -3.43 -46.83 21.05
CA THR C 82 -2.26 -46.67 21.92
C THR C 82 -2.08 -45.19 22.25
N ALA C 83 -2.41 -44.81 23.50
CA ALA C 83 -2.32 -43.44 24.01
C ALA C 83 -0.88 -43.01 24.21
N ALA C 84 -0.63 -41.70 24.06
CA ALA C 84 0.70 -41.13 24.25
C ALA C 84 1.04 -41.08 25.74
N THR C 85 2.23 -41.62 26.11
CA THR C 85 2.70 -41.64 27.49
C THR C 85 3.22 -40.24 27.86
N ASN C 86 2.66 -39.68 28.95
CA ASN C 86 3.00 -38.35 29.47
C ASN C 86 4.45 -38.27 29.93
N GLU C 87 5.17 -37.25 29.44
CA GLU C 87 6.58 -37.00 29.76
C GLU C 87 6.72 -35.78 30.68
N VAL C 88 7.48 -35.93 31.79
CA VAL C 88 7.71 -34.88 32.79
C VAL C 88 8.54 -33.74 32.15
N PRO C 89 7.98 -32.50 32.10
CA PRO C 89 8.71 -31.38 31.48
C PRO C 89 9.65 -30.65 32.44
N GLU C 90 10.77 -30.12 31.88
CA GLU C 90 11.75 -29.37 32.66
C GLU C 90 11.55 -27.87 32.43
N VAL C 91 11.42 -27.11 33.53
CA VAL C 91 11.21 -25.65 33.50
C VAL C 91 12.47 -24.96 34.01
N THR C 92 12.90 -23.91 33.30
CA THR C 92 14.07 -23.11 33.63
C THR C 92 13.79 -21.64 33.25
N VAL C 93 14.05 -20.70 34.20
CA VAL C 93 13.80 -19.26 34.04
C VAL C 93 15.10 -18.46 34.16
N PHE C 94 15.39 -17.68 33.10
CA PHE C 94 16.56 -16.80 32.99
C PHE C 94 16.17 -15.52 32.24
N SER C 95 17.11 -14.55 32.16
CA SER C 95 16.92 -13.28 31.46
C SER C 95 17.75 -13.24 30.17
N LYS C 96 17.22 -12.56 29.13
CA LYS C 96 17.85 -12.39 27.81
C LYS C 96 19.17 -11.61 27.91
N SER C 97 19.23 -10.63 28.84
CA SER C 97 20.39 -9.77 29.07
C SER C 97 20.70 -9.63 30.59
N PRO C 98 21.95 -9.25 31.00
CA PRO C 98 22.23 -9.10 32.44
C PRO C 98 21.35 -8.06 33.13
N VAL C 99 21.02 -8.32 34.41
CA VAL C 99 20.14 -7.51 35.26
C VAL C 99 20.77 -6.15 35.57
N THR C 100 20.03 -5.07 35.25
CA THR C 100 20.32 -3.66 35.48
C THR C 100 18.96 -2.98 35.59
N LEU C 101 18.54 -2.71 36.86
CA LEU C 101 17.24 -2.15 37.29
C LEU C 101 16.65 -1.07 36.38
N GLY C 102 17.48 -0.14 35.92
CA GLY C 102 17.05 0.97 35.06
C GLY C 102 16.57 0.55 33.68
N GLN C 103 17.48 -0.03 32.88
CA GLN C 103 17.25 -0.47 31.50
C GLN C 103 16.21 -1.61 31.42
N PRO C 104 15.33 -1.62 30.39
CA PRO C 104 14.32 -2.70 30.28
C PRO C 104 14.93 -4.03 29.87
N ASN C 105 14.37 -5.14 30.39
CA ASN C 105 14.85 -6.50 30.12
C ASN C 105 13.71 -7.42 29.64
N ILE C 106 14.04 -8.69 29.31
CA ILE C 106 13.07 -9.69 28.85
C ILE C 106 13.29 -10.98 29.66
N LEU C 107 12.24 -11.46 30.35
CA LEU C 107 12.31 -12.68 31.16
C LEU C 107 11.89 -13.89 30.33
N ILE C 108 12.75 -14.93 30.31
CA ILE C 108 12.52 -16.13 29.52
C ILE C 108 12.22 -17.34 30.41
N CYS C 109 11.15 -18.10 30.06
CA CYS C 109 10.73 -19.35 30.70
C CYS C 109 10.82 -20.45 29.64
N LEU C 110 11.82 -21.36 29.76
CA LEU C 110 12.01 -22.45 28.80
C LEU C 110 11.43 -23.76 29.36
N VAL C 111 10.35 -24.21 28.72
CA VAL C 111 9.65 -25.45 29.04
C VAL C 111 10.17 -26.51 28.06
N ASP C 112 10.95 -27.48 28.57
CA ASP C 112 11.58 -28.52 27.77
C ASP C 112 10.99 -29.92 28.04
N ASN C 113 11.24 -30.88 27.10
CA ASN C 113 10.79 -32.28 27.14
C ASN C 113 9.26 -32.33 27.38
N ILE C 114 8.51 -31.78 26.41
CA ILE C 114 7.05 -31.71 26.47
C ILE C 114 6.44 -32.79 25.58
N PHE C 115 5.67 -33.70 26.19
CA PHE C 115 4.93 -34.73 25.48
C PHE C 115 3.77 -35.25 26.33
N PRO C 116 2.50 -35.09 25.88
CA PRO C 116 2.02 -34.50 24.61
C PRO C 116 2.21 -32.98 24.52
N PRO C 117 2.14 -32.34 23.33
CA PRO C 117 2.35 -30.87 23.27
C PRO C 117 1.10 -30.08 23.71
N VAL C 118 0.66 -30.31 24.95
CA VAL C 118 -0.47 -29.61 25.59
C VAL C 118 0.09 -29.05 26.90
N VAL C 119 0.37 -27.74 26.93
CA VAL C 119 0.92 -27.12 28.12
C VAL C 119 0.37 -25.69 28.29
N ASN C 120 0.08 -25.32 29.55
CA ASN C 120 -0.42 -24.00 29.93
C ASN C 120 0.71 -23.27 30.67
N ILE C 121 1.30 -22.25 30.04
CA ILE C 121 2.37 -21.49 30.67
C ILE C 121 1.80 -20.12 31.08
N THR C 122 1.95 -19.76 32.37
CA THR C 122 1.43 -18.51 32.95
C THR C 122 2.52 -17.82 33.79
N TRP C 123 2.60 -16.47 33.67
CA TRP C 123 3.53 -15.63 34.43
C TRP C 123 2.80 -15.05 35.66
N LEU C 124 3.43 -15.14 36.85
CA LEU C 124 2.81 -14.67 38.10
C LEU C 124 3.69 -13.71 38.89
N SER C 125 3.05 -12.73 39.58
CA SER C 125 3.68 -11.73 40.45
C SER C 125 2.63 -11.08 41.36
N ASN C 126 2.90 -11.10 42.69
CA ASN C 126 2.07 -10.57 43.78
C ASN C 126 0.64 -11.15 43.74
N GLY C 127 0.55 -12.46 43.55
CA GLY C 127 -0.72 -13.20 43.48
C GLY C 127 -1.58 -12.93 42.26
N HIS C 128 -1.06 -12.11 41.32
CA HIS C 128 -1.73 -11.73 40.08
C HIS C 128 -1.14 -12.48 38.89
N SER C 129 -1.89 -12.53 37.78
CA SER C 129 -1.45 -13.13 36.52
C SER C 129 -1.10 -12.02 35.53
N VAL C 130 0.10 -12.08 34.93
CA VAL C 130 0.54 -11.07 33.97
C VAL C 130 -0.02 -11.41 32.59
N THR C 131 -0.66 -10.43 31.95
CA THR C 131 -1.29 -10.61 30.64
C THR C 131 -0.61 -9.71 29.61
N GLU C 132 -0.20 -8.49 30.00
CA GLU C 132 0.42 -7.53 29.09
C GLU C 132 1.94 -7.73 28.98
N GLY C 133 2.42 -7.66 27.75
CA GLY C 133 3.83 -7.83 27.42
C GLY C 133 4.31 -9.26 27.51
N VAL C 134 3.41 -10.22 27.20
CA VAL C 134 3.73 -11.66 27.23
C VAL C 134 3.58 -12.24 25.82
N SER C 135 4.60 -12.97 25.36
CA SER C 135 4.65 -13.61 24.05
C SER C 135 5.22 -15.01 24.19
N GLU C 136 4.80 -15.94 23.31
CA GLU C 136 5.25 -17.33 23.35
C GLU C 136 5.66 -17.85 21.99
N THR C 137 6.58 -18.84 21.97
CA THR C 137 7.01 -19.50 20.75
C THR C 137 6.02 -20.63 20.47
N SER C 138 6.23 -21.38 19.38
CA SER C 138 5.39 -22.53 19.05
C SER C 138 6.08 -23.78 19.61
N PHE C 139 5.46 -24.95 19.42
CA PHE C 139 6.06 -26.19 19.90
C PHE C 139 7.15 -26.58 18.89
N LEU C 140 8.39 -26.18 19.19
CA LEU C 140 9.56 -26.41 18.36
C LEU C 140 9.98 -27.89 18.45
N SER C 141 10.26 -28.50 17.28
CA SER C 141 10.61 -29.91 17.14
C SER C 141 11.93 -30.26 17.83
N LYS C 142 11.94 -31.44 18.48
CA LYS C 142 13.10 -31.99 19.15
C LYS C 142 13.47 -33.32 18.50
N SER C 143 14.78 -33.62 18.45
CA SER C 143 15.37 -34.82 17.84
C SER C 143 14.79 -36.14 18.41
N ASP C 144 14.40 -36.16 19.71
CA ASP C 144 13.81 -37.33 20.36
C ASP C 144 12.28 -37.38 20.15
N HIS C 145 11.78 -36.62 19.15
CA HIS C 145 10.39 -36.47 18.71
C HIS C 145 9.43 -35.91 19.80
N SER C 146 9.99 -35.14 20.75
CA SER C 146 9.24 -34.43 21.78
C SER C 146 9.25 -32.93 21.40
N PHE C 147 8.93 -32.02 22.35
CA PHE C 147 8.87 -30.58 22.04
C PHE C 147 9.49 -29.72 23.14
N PHE C 148 9.64 -28.41 22.84
CA PHE C 148 10.11 -27.37 23.75
C PHE C 148 9.48 -26.04 23.34
N LYS C 149 8.92 -25.32 24.32
CA LYS C 149 8.26 -24.02 24.14
C LYS C 149 8.93 -22.97 25.04
N ILE C 150 8.93 -21.71 24.59
CA ILE C 150 9.54 -20.59 25.31
C ILE C 150 8.49 -19.50 25.53
N SER C 151 8.44 -18.95 26.76
CA SER C 151 7.54 -17.86 27.16
C SER C 151 8.37 -16.62 27.52
N TYR C 152 8.01 -15.47 26.93
CA TYR C 152 8.70 -14.21 27.14
C TYR C 152 7.83 -13.22 27.90
N LEU C 153 8.49 -12.39 28.71
CA LEU C 153 7.88 -11.33 29.49
C LEU C 153 8.75 -10.08 29.42
N THR C 154 8.22 -9.00 28.82
CA THR C 154 8.92 -7.71 28.74
C THR C 154 8.71 -7.01 30.06
N LEU C 155 9.81 -6.73 30.77
CA LEU C 155 9.72 -6.12 32.10
C LEU C 155 10.86 -5.14 32.40
N LEU C 156 10.67 -4.36 33.46
CA LEU C 156 11.65 -3.42 33.99
C LEU C 156 12.03 -3.90 35.40
N PRO C 157 13.29 -4.34 35.62
CA PRO C 157 13.67 -4.86 36.94
C PRO C 157 13.50 -3.85 38.10
N SER C 158 13.00 -4.36 39.23
CA SER C 158 12.76 -3.62 40.47
C SER C 158 13.06 -4.51 41.66
N ALA C 159 13.72 -3.94 42.70
CA ALA C 159 14.12 -4.62 43.95
C ALA C 159 12.94 -5.28 44.68
N GLU C 160 11.74 -4.68 44.61
CA GLU C 160 10.54 -5.19 45.26
C GLU C 160 9.73 -6.13 44.35
N GLU C 161 9.97 -6.09 43.03
CA GLU C 161 9.26 -6.93 42.05
C GLU C 161 10.01 -8.24 41.77
N SER C 162 9.28 -9.36 41.86
CA SER C 162 9.77 -10.73 41.63
C SER C 162 8.72 -11.52 40.82
N TYR C 163 9.18 -12.33 39.86
CA TYR C 163 8.27 -13.08 38.97
C TYR C 163 8.45 -14.60 39.05
N ASP C 164 7.34 -15.33 38.78
CA ASP C 164 7.27 -16.80 38.81
C ASP C 164 6.62 -17.35 37.54
N CYS C 165 7.08 -18.52 37.05
CA CYS C 165 6.54 -19.14 35.84
C CYS C 165 5.78 -20.41 36.22
N LYS C 166 4.43 -20.39 36.10
CA LYS C 166 3.58 -21.53 36.42
C LYS C 166 3.35 -22.36 35.17
N VAL C 167 3.79 -23.63 35.20
CA VAL C 167 3.69 -24.56 34.08
C VAL C 167 2.72 -25.67 34.45
N GLU C 168 1.72 -25.91 33.59
CA GLU C 168 0.68 -26.92 33.77
C GLU C 168 0.76 -27.97 32.66
N HIS C 169 1.15 -29.20 33.04
CA HIS C 169 1.24 -30.36 32.14
C HIS C 169 0.72 -31.59 32.88
N TRP C 170 0.10 -32.53 32.12
CA TRP C 170 -0.46 -33.77 32.65
C TRP C 170 0.61 -34.71 33.21
N GLY C 171 1.85 -34.57 32.72
CA GLY C 171 3.01 -35.35 33.17
C GLY C 171 3.43 -35.01 34.59
N LEU C 172 2.92 -33.89 35.13
CA LEU C 172 3.16 -33.40 36.48
C LEU C 172 1.94 -33.66 37.35
N ASP C 173 2.15 -34.10 38.61
CA ASP C 173 1.05 -34.34 39.54
C ASP C 173 0.49 -32.98 40.00
N LYS C 174 1.38 -32.02 40.31
CA LYS C 174 1.03 -30.66 40.71
C LYS C 174 1.78 -29.66 39.79
N PRO C 175 1.24 -28.43 39.52
CA PRO C 175 1.91 -27.50 38.60
C PRO C 175 3.30 -27.04 39.07
N LEU C 176 4.26 -26.99 38.11
CA LEU C 176 5.65 -26.59 38.32
C LEU C 176 5.80 -25.07 38.31
N LEU C 177 6.63 -24.54 39.23
CA LEU C 177 6.89 -23.11 39.34
C LEU C 177 8.37 -22.81 39.53
N LYS C 178 8.89 -21.83 38.77
CA LYS C 178 10.28 -21.40 38.84
C LYS C 178 10.34 -19.89 39.15
N HIS C 179 10.99 -19.55 40.27
CA HIS C 179 11.13 -18.18 40.80
C HIS C 179 12.28 -17.42 40.14
N TRP C 180 12.21 -16.06 40.17
CA TRP C 180 13.23 -15.15 39.64
C TRP C 180 13.31 -13.89 40.49
N GLU C 181 14.52 -13.54 40.96
CA GLU C 181 14.77 -12.34 41.77
C GLU C 181 15.82 -11.43 41.09
N PRO C 182 15.71 -10.09 41.22
CA PRO C 182 16.68 -9.20 40.56
C PRO C 182 18.08 -9.18 41.21
N GLU C 183 18.20 -9.66 42.48
CA GLU C 183 19.45 -9.75 43.27
C GLU C 183 20.07 -8.36 43.49
N SER D 16 -6.89 -39.72 34.00
CA SER D 16 -5.77 -39.14 33.25
C SER D 16 -6.22 -38.73 31.83
N PRO D 17 -5.94 -37.46 31.40
CA PRO D 17 -6.40 -37.01 30.07
C PRO D 17 -5.75 -37.75 28.91
N GLU D 18 -6.58 -38.47 28.14
CA GLU D 18 -6.18 -39.28 26.99
C GLU D 18 -6.03 -38.42 25.72
N ASP D 19 -4.86 -38.52 25.08
CA ASP D 19 -4.53 -37.82 23.84
C ASP D 19 -3.66 -38.69 22.95
N PHE D 20 -3.92 -38.62 21.64
CA PHE D 20 -3.17 -39.31 20.59
C PHE D 20 -2.53 -38.26 19.69
N VAL D 21 -1.20 -38.30 19.54
CA VAL D 21 -0.47 -37.29 18.78
C VAL D 21 0.15 -37.91 17.51
N TYR D 22 0.12 -37.13 16.40
CA TYR D 22 0.71 -37.47 15.10
C TYR D 22 1.50 -36.27 14.59
N GLN D 23 2.76 -36.52 14.16
CA GLN D 23 3.70 -35.51 13.66
C GLN D 23 4.26 -35.87 12.28
N PHE D 24 4.77 -34.87 11.54
CA PHE D 24 5.45 -35.05 10.26
C PHE D 24 6.56 -34.01 10.13
N LYS D 25 7.81 -34.51 10.05
CA LYS D 25 9.01 -33.68 9.95
C LYS D 25 9.75 -33.97 8.64
N GLY D 26 9.65 -33.06 7.67
CA GLY D 26 10.32 -33.16 6.38
C GLY D 26 11.67 -32.48 6.45
N MET D 27 12.60 -33.13 7.16
CA MET D 27 13.94 -32.61 7.45
C MET D 27 14.91 -32.66 6.27
N CYS D 28 15.68 -31.56 6.13
CA CYS D 28 16.72 -31.37 5.12
C CYS D 28 18.06 -31.22 5.82
N TYR D 29 19.07 -31.97 5.36
CA TYR D 29 20.41 -31.97 5.96
C TYR D 29 21.46 -31.45 4.95
N PHE D 30 22.22 -30.43 5.34
CA PHE D 30 23.24 -29.78 4.49
C PHE D 30 24.64 -29.85 5.12
N THR D 31 25.62 -30.31 4.33
CA THR D 31 27.02 -30.43 4.76
C THR D 31 27.92 -29.80 3.69
N ASN D 32 28.84 -28.91 4.14
CA ASN D 32 29.81 -28.14 3.34
C ASN D 32 29.08 -27.31 2.24
N GLY D 33 28.06 -26.57 2.68
CA GLY D 33 27.24 -25.73 1.82
C GLY D 33 26.33 -26.48 0.88
N THR D 34 26.72 -26.54 -0.41
CA THR D 34 25.96 -27.21 -1.47
C THR D 34 26.66 -28.50 -1.95
N GLU D 35 27.65 -29.00 -1.17
CA GLU D 35 28.37 -30.22 -1.48
C GLU D 35 27.50 -31.45 -1.18
N ARG D 36 26.91 -31.50 0.04
CA ARG D 36 26.04 -32.60 0.47
C ARG D 36 24.66 -32.10 0.89
N VAL D 37 23.61 -32.71 0.33
CA VAL D 37 22.19 -32.40 0.60
C VAL D 37 21.47 -33.74 0.83
N ARG D 38 20.70 -33.86 1.93
CA ARG D 38 19.96 -35.08 2.25
C ARG D 38 18.53 -34.80 2.70
N LEU D 39 17.59 -35.62 2.21
CA LEU D 39 16.17 -35.50 2.56
C LEU D 39 15.73 -36.71 3.36
N VAL D 40 15.19 -36.45 4.56
CA VAL D 40 14.63 -37.46 5.47
C VAL D 40 13.29 -36.90 5.99
N SER D 41 12.19 -37.45 5.47
CA SER D 41 10.84 -37.08 5.89
C SER D 41 10.36 -38.17 6.85
N ARG D 42 10.06 -37.78 8.10
CA ARG D 42 9.69 -38.75 9.14
C ARG D 42 8.23 -38.64 9.58
N SER D 43 7.56 -39.79 9.67
CA SER D 43 6.18 -39.91 10.15
C SER D 43 6.23 -40.50 11.56
N ILE D 44 5.69 -39.75 12.55
CA ILE D 44 5.78 -40.12 13.97
C ILE D 44 4.38 -40.29 14.61
N TYR D 45 4.22 -41.38 15.39
CA TYR D 45 3.03 -41.73 16.17
C TYR D 45 3.44 -42.69 17.31
N ASN D 46 3.38 -42.27 18.59
CA ASN D 46 3.03 -40.93 19.07
C ASN D 46 4.32 -40.12 19.14
N ARG D 47 5.33 -40.66 19.88
CA ARG D 47 6.69 -40.15 20.03
C ARG D 47 7.65 -41.13 19.32
N GLU D 48 7.08 -42.24 18.80
CA GLU D 48 7.73 -43.33 18.08
C GLU D 48 7.62 -43.13 16.56
N GLU D 49 8.77 -43.17 15.86
CA GLU D 49 8.84 -43.03 14.41
C GLU D 49 8.34 -44.31 13.75
N ILE D 50 7.32 -44.20 12.87
CA ILE D 50 6.72 -45.38 12.23
C ILE D 50 7.29 -45.64 10.83
N VAL D 51 7.54 -44.58 10.02
CA VAL D 51 8.09 -44.73 8.66
C VAL D 51 8.88 -43.44 8.26
N ARG D 52 9.97 -43.62 7.49
CA ARG D 52 10.82 -42.53 7.01
C ARG D 52 11.17 -42.70 5.54
N PHE D 53 11.54 -41.59 4.88
CA PHE D 53 11.93 -41.61 3.48
C PHE D 53 13.30 -40.92 3.32
N ASP D 54 14.37 -41.72 3.23
CA ASP D 54 15.72 -41.22 3.03
C ASP D 54 15.98 -41.00 1.54
N SER D 55 16.64 -39.88 1.20
CA SER D 55 17.00 -39.53 -0.18
C SER D 55 18.07 -40.47 -0.73
N ASP D 56 18.88 -41.05 0.18
CA ASP D 56 19.97 -41.98 -0.13
C ASP D 56 19.44 -43.40 -0.41
N VAL D 57 18.29 -43.79 0.21
CA VAL D 57 17.68 -45.12 0.00
C VAL D 57 16.71 -45.06 -1.20
N GLY D 58 16.03 -43.93 -1.38
CA GLY D 58 15.07 -43.69 -2.46
C GLY D 58 13.72 -44.38 -2.33
N GLU D 59 13.46 -45.03 -1.19
CA GLU D 59 12.20 -45.73 -0.95
C GLU D 59 11.71 -45.51 0.48
N PHE D 60 10.41 -45.76 0.71
CA PHE D 60 9.82 -45.66 2.03
C PHE D 60 10.24 -46.87 2.87
N ARG D 61 10.87 -46.61 4.03
CA ARG D 61 11.33 -47.67 4.91
C ARG D 61 10.60 -47.62 6.24
N ALA D 62 9.87 -48.71 6.54
CA ALA D 62 9.09 -48.87 7.76
C ALA D 62 10.01 -49.05 8.96
N VAL D 63 9.96 -48.08 9.89
CA VAL D 63 10.78 -48.07 11.10
C VAL D 63 10.14 -49.04 12.13
N THR D 64 8.82 -48.90 12.38
CA THR D 64 8.03 -49.75 13.29
C THR D 64 7.01 -50.56 12.46
N LEU D 65 6.50 -51.67 13.03
CA LEU D 65 5.52 -52.58 12.44
C LEU D 65 4.32 -51.85 11.81
N LEU D 66 3.85 -50.75 12.45
CA LEU D 66 2.74 -49.91 11.99
C LEU D 66 3.08 -49.15 10.70
N GLY D 67 4.38 -49.01 10.40
CA GLY D 67 4.86 -48.31 9.22
C GLY D 67 4.79 -49.11 7.93
N LEU D 68 4.76 -50.46 8.04
CA LEU D 68 4.69 -51.38 6.90
C LEU D 68 3.44 -51.16 6.03
N PRO D 69 2.19 -51.06 6.56
CA PRO D 69 1.03 -50.79 5.67
C PRO D 69 1.17 -49.52 4.83
N ALA D 70 1.71 -48.43 5.41
CA ALA D 70 1.93 -47.15 4.73
C ALA D 70 3.01 -47.25 3.64
N ALA D 71 4.20 -47.76 3.99
CA ALA D 71 5.33 -47.91 3.07
C ALA D 71 4.99 -48.84 1.89
N GLU D 72 4.14 -49.85 2.12
CA GLU D 72 3.71 -50.79 1.08
C GLU D 72 2.79 -50.10 0.07
N TYR D 73 1.82 -49.30 0.54
CA TYR D 73 0.86 -48.57 -0.29
C TYR D 73 1.53 -47.43 -1.06
N TRP D 74 2.48 -46.72 -0.42
CA TRP D 74 3.17 -45.59 -1.01
C TRP D 74 4.17 -46.02 -2.08
N ASN D 75 4.91 -47.14 -1.86
CA ASN D 75 5.87 -47.63 -2.86
C ASN D 75 5.16 -48.31 -4.04
N SER D 76 3.89 -48.73 -3.85
CA SER D 76 3.03 -49.35 -4.87
C SER D 76 2.71 -48.35 -5.98
N GLN D 77 2.44 -47.07 -5.61
CA GLN D 77 2.12 -45.99 -6.53
C GLN D 77 3.42 -45.32 -7.00
N LYS D 78 3.90 -45.73 -8.19
CA LYS D 78 5.12 -45.25 -8.87
C LYS D 78 5.12 -43.73 -9.11
N ASP D 79 3.91 -43.13 -9.24
CA ASP D 79 3.69 -41.70 -9.47
C ASP D 79 4.15 -40.86 -8.28
N ILE D 80 3.97 -41.40 -7.05
CA ILE D 80 4.37 -40.77 -5.79
C ILE D 80 5.91 -40.78 -5.68
N LEU D 81 6.56 -41.87 -6.14
CA LEU D 81 8.01 -42.03 -6.08
C LEU D 81 8.73 -40.98 -6.90
N GLU D 82 8.28 -40.70 -8.14
CA GLU D 82 8.89 -39.69 -9.02
C GLU D 82 8.85 -38.31 -8.39
N ARG D 83 7.78 -37.99 -7.64
CA ARG D 83 7.60 -36.72 -6.94
C ARG D 83 8.51 -36.63 -5.72
N LYS D 84 8.57 -37.73 -4.92
CA LYS D 84 9.37 -37.82 -3.69
C LYS D 84 10.88 -37.88 -3.96
N ARG D 85 11.29 -38.51 -5.09
CA ARG D 85 12.71 -38.60 -5.48
C ARG D 85 13.21 -37.22 -5.90
N ALA D 86 12.32 -36.41 -6.51
CA ALA D 86 12.56 -35.05 -6.99
C ALA D 86 12.42 -34.02 -5.88
N ALA D 87 11.84 -34.41 -4.74
CA ALA D 87 11.60 -33.54 -3.58
C ALA D 87 12.90 -32.97 -3.00
N VAL D 88 14.06 -33.62 -3.21
CA VAL D 88 15.35 -33.15 -2.69
C VAL D 88 15.76 -31.85 -3.39
N ASP D 89 15.66 -31.79 -4.74
CA ASP D 89 15.99 -30.59 -5.51
C ASP D 89 14.90 -29.51 -5.29
N ARG D 90 13.63 -29.92 -5.43
CA ARG D 90 12.43 -29.09 -5.33
C ARG D 90 12.17 -28.51 -3.93
N VAL D 91 12.60 -29.18 -2.85
CA VAL D 91 12.34 -28.67 -1.51
C VAL D 91 13.64 -28.27 -0.81
N CYS D 92 14.58 -29.21 -0.56
CA CYS D 92 15.83 -28.94 0.17
C CYS D 92 16.73 -27.94 -0.59
N ARG D 93 17.15 -28.29 -1.81
CA ARG D 93 18.07 -27.49 -2.65
C ARG D 93 17.49 -26.13 -3.04
N HIS D 94 16.19 -26.08 -3.36
CA HIS D 94 15.47 -24.87 -3.76
C HIS D 94 15.42 -23.85 -2.61
N ASN D 95 15.05 -24.31 -1.40
CA ASN D 95 14.91 -23.46 -0.22
C ASN D 95 16.25 -22.96 0.31
N TYR D 96 17.34 -23.76 0.21
CA TYR D 96 18.69 -23.39 0.68
C TYR D 96 19.19 -22.10 0.01
N GLN D 97 18.82 -21.86 -1.26
CA GLN D 97 19.21 -20.66 -2.00
C GLN D 97 18.54 -19.42 -1.41
N LEU D 98 17.31 -19.59 -0.88
CA LEU D 98 16.56 -18.53 -0.21
C LEU D 98 17.14 -18.27 1.18
N GLU D 99 17.64 -19.35 1.81
CA GLU D 99 18.25 -19.34 3.14
C GLU D 99 19.64 -18.70 3.11
N LEU D 100 20.35 -18.83 1.98
CA LEU D 100 21.70 -18.28 1.75
C LEU D 100 21.72 -16.74 1.76
N ARG D 101 20.55 -16.12 1.50
CA ARG D 101 20.35 -14.67 1.43
C ARG D 101 19.81 -14.05 2.74
N THR D 102 19.19 -14.86 3.64
CA THR D 102 18.59 -14.34 4.88
C THR D 102 19.15 -14.96 6.16
N THR D 103 18.83 -16.24 6.45
CA THR D 103 19.19 -16.96 7.67
C THR D 103 20.70 -17.21 7.77
N LEU D 104 21.34 -17.65 6.68
CA LEU D 104 22.79 -17.90 6.64
C LEU D 104 23.56 -16.57 6.51
N GLN D 105 22.83 -15.48 6.22
CA GLN D 105 23.33 -14.11 6.10
C GLN D 105 23.13 -13.33 7.42
N ARG D 106 22.37 -13.91 8.38
CA ARG D 106 22.09 -13.29 9.68
C ARG D 106 23.30 -13.37 10.60
N ARG D 107 23.81 -12.20 11.01
CA ARG D 107 24.96 -12.06 11.91
C ARG D 107 24.64 -11.06 13.00
N VAL D 108 24.69 -11.49 14.28
CA VAL D 108 24.42 -10.65 15.45
C VAL D 108 25.66 -10.65 16.36
N GLU D 109 26.24 -9.46 16.60
CA GLU D 109 27.43 -9.28 17.45
C GLU D 109 27.10 -9.51 18.94
N PRO D 110 27.90 -10.30 19.68
CA PRO D 110 27.60 -10.54 21.10
C PRO D 110 27.91 -9.35 22.02
N THR D 111 27.39 -9.39 23.26
CA THR D 111 27.61 -8.38 24.30
C THR D 111 28.34 -9.04 25.46
N VAL D 112 29.47 -8.46 25.88
CA VAL D 112 30.27 -9.03 26.97
C VAL D 112 30.19 -8.16 28.23
N THR D 113 29.91 -8.79 29.37
CA THR D 113 29.81 -8.14 30.66
C THR D 113 30.33 -9.11 31.73
N ILE D 114 31.40 -8.70 32.46
CA ILE D 114 31.97 -9.52 33.53
C ILE D 114 31.50 -8.94 34.88
N SER D 115 31.03 -9.83 35.78
CA SER D 115 30.55 -9.45 37.11
C SER D 115 31.09 -10.40 38.20
N PRO D 116 31.49 -9.88 39.38
CA PRO D 116 32.02 -10.75 40.43
C PRO D 116 30.91 -11.45 41.24
N SER D 117 31.29 -12.41 42.09
CA SER D 117 30.37 -13.18 42.93
C SER D 117 30.91 -13.28 44.36
N HIS D 125 36.33 -10.90 45.20
CA HIS D 125 35.47 -12.08 45.20
C HIS D 125 36.20 -13.30 44.63
N ASN D 126 35.88 -14.50 45.14
CA ASN D 126 36.48 -15.77 44.73
C ASN D 126 36.07 -16.20 43.32
N LEU D 127 34.83 -15.87 42.90
CA LEU D 127 34.29 -16.23 41.59
C LEU D 127 34.04 -14.99 40.72
N LEU D 128 34.22 -15.16 39.39
CA LEU D 128 34.02 -14.13 38.37
C LEU D 128 33.32 -14.74 37.15
N VAL D 129 32.18 -14.17 36.73
CA VAL D 129 31.40 -14.70 35.61
C VAL D 129 31.36 -13.74 34.40
N CYS D 130 31.78 -14.26 33.23
CA CYS D 130 31.76 -13.58 31.95
C CYS D 130 30.46 -13.97 31.25
N SER D 131 29.51 -13.03 31.12
CA SER D 131 28.21 -13.27 30.51
C SER D 131 28.16 -12.74 29.07
N VAL D 132 28.40 -13.65 28.11
CA VAL D 132 28.40 -13.40 26.67
C VAL D 132 26.98 -13.66 26.17
N THR D 133 26.22 -12.60 25.86
CA THR D 133 24.81 -12.72 25.48
C THR D 133 24.49 -12.08 24.12
N ASP D 134 23.32 -12.50 23.56
CA ASP D 134 22.69 -12.08 22.32
C ASP D 134 23.63 -12.15 21.11
N PHE D 135 23.72 -13.35 20.50
CA PHE D 135 24.56 -13.59 19.33
C PHE D 135 23.95 -14.65 18.41
N TYR D 136 24.34 -14.59 17.13
CA TYR D 136 23.95 -15.50 16.05
C TYR D 136 25.02 -15.47 14.96
N PRO D 137 25.48 -16.62 14.41
CA PRO D 137 25.03 -18.00 14.68
C PRO D 137 25.63 -18.59 15.96
N ALA D 138 25.35 -19.90 16.19
CA ALA D 138 25.76 -20.70 17.35
C ALA D 138 27.26 -20.68 17.62
N GLN D 139 28.11 -20.73 16.56
CA GLN D 139 29.58 -20.76 16.64
C GLN D 139 30.12 -19.69 17.60
N ILE D 140 30.81 -20.13 18.68
CA ILE D 140 31.35 -19.25 19.72
C ILE D 140 32.59 -19.90 20.38
N LYS D 141 33.62 -19.07 20.67
CA LYS D 141 34.88 -19.49 21.32
C LYS D 141 35.24 -18.48 22.40
N VAL D 142 35.49 -18.97 23.63
CA VAL D 142 35.79 -18.11 24.79
C VAL D 142 37.07 -18.59 25.53
N ARG D 143 37.97 -17.63 25.84
CA ARG D 143 39.24 -17.84 26.54
C ARG D 143 39.40 -16.83 27.67
N TRP D 144 39.91 -17.29 28.82
CA TRP D 144 40.13 -16.43 30.00
C TRP D 144 41.62 -16.13 30.16
N PHE D 145 41.96 -14.84 30.42
CA PHE D 145 43.35 -14.39 30.59
C PHE D 145 43.56 -13.66 31.92
N ARG D 146 44.68 -14.00 32.60
CA ARG D 146 45.10 -13.41 33.86
C ARG D 146 46.55 -12.91 33.69
N ASN D 147 46.70 -11.59 33.43
CA ASN D 147 47.95 -10.87 33.18
C ASN D 147 48.65 -11.44 31.92
N ASP D 148 47.91 -11.45 30.78
CA ASP D 148 48.30 -11.92 29.43
C ASP D 148 48.54 -13.45 29.36
N GLN D 149 48.35 -14.18 30.48
CA GLN D 149 48.52 -15.64 30.54
C GLN D 149 47.16 -16.34 30.56
N GLU D 150 46.93 -17.28 29.61
CA GLU D 150 45.67 -18.01 29.49
C GLU D 150 45.54 -19.08 30.57
N GLU D 151 44.38 -19.08 31.27
CA GLU D 151 44.08 -20.03 32.34
C GLU D 151 43.14 -21.13 31.82
N THR D 152 43.73 -22.30 31.48
CA THR D 152 43.02 -23.46 30.93
C THR D 152 42.33 -24.28 32.03
N ALA D 153 43.02 -24.46 33.17
CA ALA D 153 42.50 -25.23 34.31
C ALA D 153 41.77 -24.32 35.30
N GLY D 154 40.75 -24.87 35.97
CA GLY D 154 39.95 -24.16 36.95
C GLY D 154 38.96 -23.18 36.36
N VAL D 155 38.32 -23.58 35.23
CA VAL D 155 37.32 -22.78 34.54
C VAL D 155 36.16 -23.71 34.09
N VAL D 156 34.94 -23.35 34.50
CA VAL D 156 33.72 -24.10 34.21
C VAL D 156 32.85 -23.27 33.23
N SER D 157 32.24 -23.96 32.25
CA SER D 157 31.39 -23.33 31.23
C SER D 157 30.00 -23.97 31.20
N THR D 158 28.98 -23.15 30.91
CA THR D 158 27.57 -23.56 30.81
C THR D 158 27.24 -23.96 29.36
N PRO D 159 26.17 -24.77 29.09
CA PRO D 159 25.86 -25.11 27.69
C PRO D 159 25.38 -23.91 26.86
N LEU D 160 25.27 -24.06 25.53
CA LEU D 160 24.82 -23.00 24.62
C LEU D 160 23.32 -22.75 24.86
N ILE D 161 23.03 -21.80 25.76
CA ILE D 161 21.65 -21.45 26.12
C ILE D 161 21.02 -20.67 24.98
N ARG D 162 20.00 -21.26 24.32
CA ARG D 162 19.30 -20.59 23.23
C ARG D 162 18.12 -19.81 23.80
N ASN D 163 17.88 -18.60 23.26
CA ASN D 163 16.79 -17.75 23.70
C ASN D 163 15.52 -18.06 22.89
N GLY D 164 15.72 -18.63 21.69
CA GLY D 164 14.64 -19.04 20.81
C GLY D 164 14.21 -18.02 19.76
N ASP D 165 14.48 -16.71 20.01
CA ASP D 165 14.14 -15.62 19.10
C ASP D 165 15.34 -15.29 18.18
N TRP D 166 15.96 -16.37 17.62
CA TRP D 166 17.10 -16.38 16.70
C TRP D 166 18.36 -15.73 17.33
N THR D 167 18.53 -15.91 18.65
CA THR D 167 19.68 -15.44 19.43
C THR D 167 20.07 -16.48 20.47
N PHE D 168 21.36 -16.51 20.82
CA PHE D 168 21.94 -17.43 21.80
C PHE D 168 22.61 -16.63 22.93
N GLN D 169 23.10 -17.34 23.97
CA GLN D 169 23.84 -16.78 25.10
C GLN D 169 24.62 -17.88 25.80
N ILE D 170 25.64 -17.48 26.58
CA ILE D 170 26.51 -18.41 27.29
C ILE D 170 27.10 -17.71 28.54
N LEU D 171 27.38 -18.50 29.60
CA LEU D 171 27.97 -18.01 30.85
C LEU D 171 29.27 -18.77 31.13
N VAL D 172 30.37 -18.03 31.38
CA VAL D 172 31.67 -18.64 31.66
C VAL D 172 32.16 -18.16 33.03
N MET D 173 32.19 -19.09 34.00
CA MET D 173 32.60 -18.83 35.37
C MET D 173 34.07 -19.20 35.56
N LEU D 174 34.84 -18.31 36.23
CA LEU D 174 36.27 -18.53 36.46
C LEU D 174 36.64 -18.43 37.95
N GLU D 175 37.35 -19.45 38.46
CA GLU D 175 37.85 -19.51 39.85
C GLU D 175 39.09 -18.63 39.91
N MET D 176 39.06 -17.59 40.76
CA MET D 176 40.16 -16.62 40.83
C MET D 176 40.56 -16.23 42.27
N THR D 177 41.68 -15.50 42.39
CA THR D 177 42.25 -14.97 43.63
C THR D 177 42.41 -13.44 43.50
N PRO D 178 41.77 -12.62 44.38
CA PRO D 178 41.90 -11.16 44.24
C PRO D 178 43.24 -10.62 44.77
N GLN D 179 43.94 -9.83 43.92
CA GLN D 179 45.23 -9.20 44.21
C GLN D 179 45.34 -7.84 43.50
N ARG D 180 46.08 -6.89 44.11
CA ARG D 180 46.29 -5.55 43.56
C ARG D 180 47.29 -5.62 42.41
N GLY D 181 46.93 -5.01 41.28
CA GLY D 181 47.76 -4.98 40.08
C GLY D 181 47.39 -6.00 39.03
N ASP D 182 46.74 -7.11 39.46
CA ASP D 182 46.31 -8.20 38.58
C ASP D 182 45.17 -7.76 37.66
N VAL D 183 45.25 -8.11 36.36
CA VAL D 183 44.26 -7.76 35.34
C VAL D 183 43.66 -9.05 34.75
N TYR D 184 42.32 -9.17 34.82
CA TYR D 184 41.57 -10.31 34.29
C TYR D 184 40.81 -9.87 33.03
N THR D 185 41.00 -10.59 31.91
CA THR D 185 40.39 -10.26 30.62
C THR D 185 39.63 -11.45 30.04
N CYS D 186 38.46 -11.18 29.41
CA CYS D 186 37.59 -12.17 28.76
C CYS D 186 37.76 -12.01 27.23
N HIS D 187 38.24 -13.08 26.56
CA HIS D 187 38.50 -13.13 25.13
C HIS D 187 37.39 -13.92 24.43
N VAL D 188 36.66 -13.27 23.50
CA VAL D 188 35.54 -13.88 22.77
C VAL D 188 35.71 -13.71 21.25
N GLU D 189 35.55 -14.82 20.50
CA GLU D 189 35.62 -14.89 19.04
C GLU D 189 34.24 -15.26 18.48
N HIS D 190 33.79 -14.53 17.45
CA HIS D 190 32.47 -14.74 16.83
C HIS D 190 32.50 -14.39 15.32
N PRO D 191 31.71 -15.09 14.43
CA PRO D 191 31.75 -14.77 13.00
C PRO D 191 31.32 -13.34 12.64
N SER D 192 30.55 -12.68 13.52
CA SER D 192 30.09 -11.30 13.32
C SER D 192 31.18 -10.29 13.64
N LEU D 193 32.16 -10.67 14.48
CA LEU D 193 33.27 -9.81 14.90
C LEU D 193 34.50 -10.01 13.99
N GLN D 194 35.10 -8.90 13.54
CA GLN D 194 36.30 -8.94 12.69
C GLN D 194 37.55 -9.24 13.54
N SER D 195 37.52 -8.88 14.83
CA SER D 195 38.59 -9.09 15.82
C SER D 195 37.99 -9.43 17.21
N PRO D 196 38.70 -10.18 18.09
CA PRO D 196 38.11 -10.54 19.40
C PRO D 196 37.95 -9.34 20.34
N ILE D 197 36.97 -9.41 21.27
CA ILE D 197 36.68 -8.32 22.20
C ILE D 197 37.60 -8.40 23.43
N THR D 198 38.24 -7.26 23.75
CA THR D 198 39.16 -7.06 24.87
C THR D 198 38.41 -6.39 26.03
N VAL D 199 37.73 -7.20 26.88
CA VAL D 199 36.97 -6.69 28.02
C VAL D 199 37.77 -6.97 29.32
N GLU D 200 38.34 -5.89 29.89
CA GLU D 200 39.23 -5.90 31.06
C GLU D 200 38.46 -5.70 32.38
N TRP D 201 38.98 -6.31 33.46
CA TRP D 201 38.44 -6.21 34.82
C TRP D 201 39.57 -6.24 35.85
N ARG D 202 39.47 -5.37 36.87
CA ARG D 202 40.45 -5.27 37.97
C ARG D 202 39.74 -5.02 39.31
N ALA D 203 40.35 -5.51 40.41
CA ALA D 203 39.82 -5.35 41.75
C ALA D 203 40.27 -4.04 42.38
N LYS E 1 1.69 -22.47 -19.73
CA LYS E 1 1.08 -22.47 -21.05
C LYS E 1 2.05 -23.08 -22.09
N THR E 2 1.67 -24.24 -22.64
CA THR E 2 2.46 -25.03 -23.59
C THR E 2 1.90 -25.01 -25.00
N THR E 3 2.76 -25.34 -25.99
CA THR E 3 2.40 -25.45 -27.40
C THR E 3 2.73 -26.87 -27.87
N GLN E 4 1.72 -27.55 -28.42
CA GLN E 4 1.76 -28.93 -28.89
C GLN E 4 1.31 -29.02 -30.36
N PRO E 5 1.60 -30.12 -31.11
CA PRO E 5 1.08 -30.22 -32.50
C PRO E 5 -0.46 -30.31 -32.50
N ILE E 6 -1.12 -29.68 -33.49
CA ILE E 6 -2.59 -29.64 -33.59
C ILE E 6 -3.16 -31.07 -33.72
N SER E 7 -2.76 -31.81 -34.78
CA SER E 7 -3.23 -33.19 -35.00
C SER E 7 -2.16 -34.04 -35.68
N MET E 8 -2.13 -35.33 -35.32
CA MET E 8 -1.20 -36.32 -35.86
C MET E 8 -1.94 -37.58 -36.27
N ASP E 9 -1.76 -38.00 -37.53
CA ASP E 9 -2.35 -39.24 -38.04
C ASP E 9 -1.25 -40.26 -38.26
N SER E 10 -1.43 -41.46 -37.72
CA SER E 10 -0.42 -42.51 -37.79
C SER E 10 -1.04 -43.89 -38.02
N TYR E 11 -0.26 -44.80 -38.63
CA TYR E 11 -0.68 -46.18 -38.86
C TYR E 11 -0.47 -46.99 -37.58
N GLU E 12 -1.19 -48.11 -37.44
CA GLU E 12 -1.07 -48.99 -36.27
C GLU E 12 0.32 -49.66 -36.22
N GLY E 13 0.75 -50.00 -35.01
CA GLY E 13 2.03 -50.66 -34.74
C GLY E 13 3.24 -49.80 -34.99
N GLN E 14 3.07 -48.47 -34.98
CA GLN E 14 4.14 -47.50 -35.20
C GLN E 14 4.46 -46.76 -33.89
N GLU E 15 5.57 -46.01 -33.87
CA GLU E 15 5.97 -45.25 -32.70
C GLU E 15 5.52 -43.80 -32.88
N VAL E 16 4.79 -43.27 -31.89
CA VAL E 16 4.31 -41.88 -31.90
C VAL E 16 5.02 -41.11 -30.80
N ASN E 17 5.64 -39.99 -31.18
CA ASN E 17 6.35 -39.09 -30.28
C ASN E 17 5.69 -37.72 -30.38
N ILE E 18 5.16 -37.22 -29.26
CA ILE E 18 4.49 -35.91 -29.25
C ILE E 18 5.40 -34.91 -28.53
N THR E 19 5.94 -33.96 -29.29
CA THR E 19 6.82 -32.92 -28.79
C THR E 19 6.00 -31.78 -28.16
N CYS E 20 6.26 -31.54 -26.87
CA CYS E 20 5.61 -30.49 -26.10
C CYS E 20 6.65 -29.41 -25.84
N SER E 21 6.38 -28.18 -26.29
CA SER E 21 7.30 -27.07 -26.11
C SER E 21 6.84 -26.16 -24.97
N HIS E 22 7.74 -25.89 -24.02
CA HIS E 22 7.51 -25.04 -22.85
C HIS E 22 8.81 -24.30 -22.50
N ASN E 23 9.00 -23.11 -23.09
CA ASN E 23 10.19 -22.29 -22.90
C ASN E 23 10.18 -21.56 -21.55
N ASN E 24 8.99 -21.11 -21.09
CA ASN E 24 8.83 -20.39 -19.83
C ASN E 24 8.39 -21.35 -18.70
N ILE E 25 9.26 -22.34 -18.42
CA ILE E 25 9.07 -23.35 -17.37
C ILE E 25 9.75 -22.86 -16.08
N ALA E 26 9.09 -23.07 -14.94
CA ALA E 26 9.64 -22.70 -13.62
C ALA E 26 10.50 -23.85 -13.08
N THR E 27 11.51 -23.51 -12.25
CA THR E 27 12.49 -24.46 -11.66
C THR E 27 11.84 -25.63 -10.91
N ASN E 28 10.66 -25.43 -10.28
CA ASN E 28 9.97 -26.49 -9.54
C ASN E 28 8.61 -26.82 -10.18
N ASP E 29 8.61 -27.14 -11.49
CA ASP E 29 7.40 -27.50 -12.23
C ASP E 29 7.47 -28.93 -12.76
N TYR E 30 6.33 -29.62 -12.75
CA TYR E 30 6.21 -30.99 -13.24
C TYR E 30 5.63 -31.02 -14.65
N ILE E 31 6.03 -32.03 -15.43
CA ILE E 31 5.53 -32.28 -16.79
C ILE E 31 4.55 -33.45 -16.67
N THR E 32 3.24 -33.15 -16.69
CA THR E 32 2.21 -34.17 -16.56
C THR E 32 1.48 -34.35 -17.89
N TRP E 33 1.27 -35.62 -18.30
CA TRP E 33 0.60 -35.95 -19.55
C TRP E 33 -0.73 -36.66 -19.29
N TYR E 34 -1.77 -36.29 -20.07
CA TYR E 34 -3.12 -36.82 -19.97
C TYR E 34 -3.66 -37.29 -21.33
N GLN E 35 -4.54 -38.30 -21.31
CA GLN E 35 -5.16 -38.94 -22.47
C GLN E 35 -6.68 -38.88 -22.34
N GLN E 36 -7.37 -38.12 -23.24
CA GLN E 36 -8.82 -38.02 -23.15
C GLN E 36 -9.51 -38.60 -24.38
N PHE E 37 -10.55 -39.42 -24.13
CA PHE E 37 -11.38 -40.09 -25.12
C PHE E 37 -12.74 -39.39 -25.23
N PRO E 38 -13.41 -39.35 -26.41
CA PRO E 38 -14.70 -38.66 -26.48
C PRO E 38 -15.90 -39.58 -26.16
N SER E 39 -16.76 -39.23 -25.17
CA SER E 39 -16.67 -38.07 -24.28
C SER E 39 -16.46 -38.58 -22.86
N GLN E 40 -15.19 -38.75 -22.49
CA GLN E 40 -14.76 -39.26 -21.19
C GLN E 40 -13.88 -38.25 -20.48
N GLY E 41 -13.42 -38.60 -19.28
CA GLY E 41 -12.51 -37.79 -18.48
C GLY E 41 -11.08 -38.15 -18.78
N PRO E 42 -10.14 -37.17 -18.81
CA PRO E 42 -8.74 -37.48 -19.14
C PRO E 42 -8.10 -38.53 -18.21
N ARG E 43 -7.50 -39.54 -18.84
CA ARG E 43 -6.80 -40.64 -18.20
C ARG E 43 -5.35 -40.22 -17.97
N PHE E 44 -4.88 -40.37 -16.72
CA PHE E 44 -3.52 -40.04 -16.31
C PHE E 44 -2.53 -41.00 -16.97
N ILE E 45 -1.48 -40.47 -17.60
CA ILE E 45 -0.48 -41.33 -18.26
C ILE E 45 0.81 -41.35 -17.43
N ILE E 46 1.62 -40.30 -17.58
CA ILE E 46 2.93 -40.15 -16.98
C ILE E 46 3.14 -38.72 -16.43
N GLN E 47 3.98 -38.60 -15.39
CA GLN E 47 4.36 -37.35 -14.74
C GLN E 47 5.85 -37.40 -14.41
N GLY E 48 6.58 -36.38 -14.86
CA GLY E 48 8.01 -36.27 -14.63
C GLY E 48 8.47 -34.87 -14.27
N TYR E 49 9.70 -34.77 -13.74
CA TYR E 49 10.32 -33.51 -13.34
C TYR E 49 11.63 -33.31 -14.10
N LYS E 50 12.69 -34.09 -13.77
CA LYS E 50 13.99 -33.96 -14.43
C LYS E 50 14.52 -35.26 -15.03
N THR E 51 14.28 -36.24 -14.59
CA THR E 51 14.89 -37.48 -15.04
C THR E 51 13.94 -38.19 -15.96
N LYS E 52 14.41 -39.20 -16.66
CA LYS E 52 13.58 -39.92 -17.65
C LYS E 52 12.71 -40.99 -16.98
N VAL E 53 11.40 -41.02 -17.33
CA VAL E 53 10.44 -41.99 -16.77
C VAL E 53 9.86 -42.83 -17.91
N THR E 54 9.66 -44.14 -17.65
CA THR E 54 9.10 -45.10 -18.60
C THR E 54 8.17 -46.07 -17.86
N ASN E 55 6.98 -46.31 -18.45
CA ASN E 55 5.98 -47.24 -17.92
C ASN E 55 5.38 -48.07 -19.07
N GLU E 56 4.41 -48.96 -18.78
CA GLU E 56 3.77 -49.82 -19.78
C GLU E 56 2.95 -48.99 -20.78
N VAL E 57 2.40 -47.85 -20.34
CA VAL E 57 1.59 -46.98 -21.20
C VAL E 57 2.50 -46.24 -22.18
N ALA E 58 3.32 -45.28 -21.67
CA ALA E 58 4.23 -44.44 -22.47
C ALA E 58 5.60 -44.22 -21.79
N SER E 59 6.41 -43.29 -22.38
CA SER E 59 7.74 -42.87 -21.94
C SER E 59 7.90 -41.35 -22.10
N LEU E 60 8.56 -40.69 -21.13
CA LEU E 60 8.78 -39.23 -21.15
C LEU E 60 10.28 -38.89 -21.12
N PHE E 61 10.71 -38.06 -22.11
CA PHE E 61 12.08 -37.59 -22.30
C PHE E 61 12.23 -36.12 -21.89
N ILE E 62 12.95 -35.89 -20.78
CA ILE E 62 13.18 -34.54 -20.25
C ILE E 62 14.67 -34.19 -20.42
N PRO E 63 15.01 -33.09 -21.12
CA PRO E 63 16.42 -32.71 -21.29
C PRO E 63 16.95 -31.83 -20.15
N ALA E 64 18.22 -31.40 -20.24
CA ALA E 64 18.88 -30.55 -19.25
C ALA E 64 18.32 -29.13 -19.24
N ASP E 65 18.18 -28.51 -20.44
CA ASP E 65 17.65 -27.15 -20.61
C ASP E 65 16.15 -27.08 -20.28
N ARG E 66 15.42 -28.23 -20.36
CA ARG E 66 13.98 -28.39 -20.06
C ARG E 66 13.07 -27.45 -20.90
N LYS E 67 13.53 -27.02 -22.09
CA LYS E 67 12.77 -26.13 -22.96
C LYS E 67 11.64 -26.88 -23.70
N SER E 68 11.74 -28.23 -23.81
CA SER E 68 10.75 -29.08 -24.47
C SER E 68 10.77 -30.53 -23.95
N SER E 69 9.60 -31.19 -23.92
CA SER E 69 9.45 -32.58 -23.48
C SER E 69 8.82 -33.44 -24.61
N THR E 70 9.04 -34.77 -24.58
CA THR E 70 8.49 -35.65 -25.62
C THR E 70 7.91 -36.93 -25.02
N LEU E 71 6.61 -37.16 -25.30
CA LEU E 71 5.86 -38.35 -24.88
C LEU E 71 5.96 -39.41 -25.97
N SER E 72 6.66 -40.52 -25.69
CA SER E 72 6.85 -41.59 -26.66
C SER E 72 5.95 -42.80 -26.40
N LEU E 73 5.05 -43.07 -27.36
CA LEU E 73 4.12 -44.20 -27.39
C LEU E 73 4.81 -45.33 -28.17
N PRO E 74 4.85 -46.57 -27.65
CA PRO E 74 5.68 -47.62 -28.29
C PRO E 74 5.20 -48.19 -29.63
N ARG E 75 4.16 -49.04 -29.63
CA ARG E 75 3.62 -49.70 -30.83
C ARG E 75 2.13 -49.39 -30.92
N VAL E 76 1.81 -48.10 -31.16
CA VAL E 76 0.46 -47.51 -31.18
C VAL E 76 -0.62 -48.45 -31.72
N SER E 77 -1.66 -48.65 -30.90
CA SER E 77 -2.82 -49.48 -31.22
C SER E 77 -3.98 -48.58 -31.66
N LEU E 78 -5.02 -49.18 -32.25
CA LEU E 78 -6.22 -48.49 -32.73
C LEU E 78 -6.99 -47.82 -31.58
N SER E 79 -6.78 -48.33 -30.33
CA SER E 79 -7.40 -47.82 -29.10
C SER E 79 -6.69 -46.55 -28.55
N ASP E 80 -5.53 -46.19 -29.13
CA ASP E 80 -4.75 -45.02 -28.73
C ASP E 80 -5.23 -43.72 -29.41
N THR E 81 -6.38 -43.76 -30.13
CA THR E 81 -6.97 -42.59 -30.79
C THR E 81 -7.60 -41.73 -29.68
N ALA E 82 -6.86 -40.69 -29.24
CA ALA E 82 -7.29 -39.80 -28.15
C ALA E 82 -6.66 -38.41 -28.27
N VAL E 83 -7.07 -37.48 -27.37
CA VAL E 83 -6.55 -36.11 -27.30
C VAL E 83 -5.51 -36.11 -26.16
N TYR E 84 -4.25 -35.81 -26.49
CA TYR E 84 -3.13 -35.84 -25.56
C TYR E 84 -2.75 -34.43 -25.10
N TYR E 85 -3.05 -34.13 -23.82
CA TYR E 85 -2.79 -32.83 -23.21
C TYR E 85 -1.50 -32.83 -22.38
N CYS E 86 -0.57 -31.92 -22.72
CA CYS E 86 0.70 -31.71 -22.01
C CYS E 86 0.52 -30.51 -21.10
N LEU E 87 0.65 -30.73 -19.78
CA LEU E 87 0.43 -29.69 -18.80
C LEU E 87 1.65 -29.44 -17.93
N VAL E 88 1.93 -28.16 -17.66
CA VAL E 88 3.05 -27.73 -16.81
C VAL E 88 2.51 -26.92 -15.62
N GLY E 89 3.17 -27.09 -14.47
CA GLY E 89 2.81 -26.43 -13.22
C GLY E 89 3.15 -27.26 -12.01
N ASP E 90 3.24 -26.61 -10.83
CA ASP E 90 3.57 -27.24 -9.55
C ASP E 90 2.32 -27.74 -8.81
N GLY E 91 1.14 -27.49 -9.38
CA GLY E 91 -0.13 -27.94 -8.81
C GLY E 91 -0.91 -26.90 -8.01
N GLY E 92 -0.81 -25.64 -8.42
CA GLY E 92 -1.52 -24.54 -7.80
C GLY E 92 -0.99 -24.10 -6.45
N SER E 93 -1.92 -23.73 -5.55
CA SER E 93 -1.68 -23.22 -4.20
C SER E 93 -1.76 -24.32 -3.13
N PHE E 94 -2.46 -25.41 -3.44
CA PHE E 94 -2.70 -26.54 -2.53
C PHE E 94 -1.49 -27.49 -2.43
N SER E 95 -0.45 -27.22 -3.22
CA SER E 95 0.78 -28.01 -3.24
C SER E 95 2.09 -27.42 -2.73
N GLY E 96 2.25 -26.12 -2.67
CA GLY E 96 1.56 -25.17 -3.48
C GLY E 96 2.61 -24.26 -4.07
N GLY E 97 2.42 -23.91 -5.32
CA GLY E 97 3.42 -23.16 -6.05
C GLY E 97 2.73 -22.02 -6.75
N TYR E 98 3.50 -21.12 -7.33
CA TYR E 98 2.89 -20.03 -8.07
C TYR E 98 2.07 -20.61 -9.20
N ASN E 99 2.60 -21.59 -9.93
CA ASN E 99 1.95 -22.04 -11.16
C ASN E 99 0.96 -23.18 -11.03
N LYS E 100 -0.20 -22.96 -11.63
CA LYS E 100 -1.38 -23.81 -11.54
C LYS E 100 -1.60 -24.46 -12.91
N LEU E 101 -1.94 -25.77 -12.94
CA LEU E 101 -2.15 -26.52 -14.18
C LEU E 101 -3.40 -26.06 -14.94
N ILE E 102 -3.20 -25.69 -16.23
CA ILE E 102 -4.26 -25.22 -17.13
C ILE E 102 -4.26 -26.13 -18.38
N PHE E 103 -5.43 -26.73 -18.70
CA PHE E 103 -5.57 -27.62 -19.85
C PHE E 103 -5.58 -26.85 -21.15
N GLY E 104 -4.57 -27.12 -21.98
CA GLY E 104 -4.39 -26.52 -23.30
C GLY E 104 -5.21 -27.21 -24.37
N ALA E 105 -4.92 -26.92 -25.65
CA ALA E 105 -5.61 -27.47 -26.81
C ALA E 105 -5.43 -28.99 -26.94
N GLY E 106 -4.22 -29.48 -26.68
CA GLY E 106 -3.90 -30.90 -26.77
C GLY E 106 -3.74 -31.41 -28.19
N THR E 107 -3.03 -32.54 -28.34
CA THR E 107 -2.78 -33.15 -29.65
C THR E 107 -3.89 -34.16 -29.98
N ARG E 108 -4.51 -34.05 -31.12
CA ARG E 108 -5.50 -35.00 -31.46
C ARG E 108 -4.91 -36.03 -32.36
N LEU E 109 -4.77 -37.23 -31.85
CA LEU E 109 -4.04 -38.30 -32.49
C LEU E 109 -5.02 -39.26 -33.03
N ALA E 110 -4.88 -39.66 -34.27
CA ALA E 110 -5.80 -40.59 -34.85
C ALA E 110 -5.00 -41.73 -35.34
N VAL E 111 -5.39 -42.95 -35.02
CA VAL E 111 -4.62 -44.12 -35.39
C VAL E 111 -5.49 -44.96 -36.28
N HIS E 112 -4.83 -45.56 -37.27
CA HIS E 112 -5.44 -46.12 -38.45
C HIS E 112 -4.84 -47.43 -38.72
N PRO E 113 -5.41 -48.18 -39.62
CA PRO E 113 -4.98 -49.54 -39.90
C PRO E 113 -4.35 -49.78 -41.27
N TYR E 114 -3.19 -50.42 -41.28
CA TYR E 114 -2.59 -50.77 -42.55
C TYR E 114 -3.49 -51.79 -43.12
N ILE E 115 -3.58 -51.78 -44.41
CA ILE E 115 -4.25 -52.82 -45.14
C ILE E 115 -3.24 -53.38 -46.11
N GLN E 116 -2.99 -54.68 -46.03
CA GLN E 116 -2.04 -55.33 -46.93
C GLN E 116 -2.67 -55.72 -48.28
N ASN E 117 -3.98 -56.07 -48.27
CA ASN E 117 -4.73 -56.47 -49.46
C ASN E 117 -6.09 -55.72 -49.49
N PRO E 118 -6.09 -54.41 -49.85
CA PRO E 118 -7.36 -53.66 -49.87
C PRO E 118 -8.27 -54.08 -51.02
N ASP E 119 -9.54 -54.39 -50.68
CA ASP E 119 -10.56 -54.82 -51.64
C ASP E 119 -11.78 -53.86 -51.53
N PRO E 120 -11.71 -52.65 -52.14
CA PRO E 120 -12.83 -51.69 -52.04
C PRO E 120 -14.07 -52.15 -52.81
N ALA E 121 -15.26 -51.96 -52.20
CA ALA E 121 -16.54 -52.34 -52.80
C ALA E 121 -17.71 -51.58 -52.18
N VAL E 122 -18.81 -51.45 -52.96
CA VAL E 122 -20.04 -50.76 -52.56
C VAL E 122 -21.20 -51.78 -52.61
N TYR E 123 -21.86 -52.02 -51.45
CA TYR E 123 -22.97 -52.97 -51.32
C TYR E 123 -24.25 -52.29 -50.88
N GLN E 124 -25.40 -52.97 -51.10
CA GLN E 124 -26.74 -52.50 -50.72
C GLN E 124 -27.40 -53.54 -49.81
N LEU E 125 -27.77 -53.15 -48.58
CA LEU E 125 -28.39 -54.04 -47.59
C LEU E 125 -29.91 -53.98 -47.66
N ARG E 126 -30.57 -55.13 -47.42
CA ARG E 126 -32.02 -55.29 -47.48
C ARG E 126 -32.71 -54.55 -46.31
N ASP E 127 -33.83 -53.88 -46.62
CA ASP E 127 -34.65 -53.08 -45.69
C ASP E 127 -35.29 -53.95 -44.60
N SER E 128 -35.59 -53.34 -43.43
CA SER E 128 -36.20 -54.00 -42.27
C SER E 128 -37.68 -54.30 -42.52
N ASP E 132 -37.48 -49.23 -43.69
CA ASP E 132 -38.13 -47.98 -44.03
C ASP E 132 -37.38 -47.25 -45.16
N LYS E 133 -36.06 -46.99 -44.95
CA LYS E 133 -35.20 -46.31 -45.93
C LYS E 133 -34.08 -47.22 -46.41
N SER E 134 -33.73 -47.11 -47.71
CA SER E 134 -32.67 -47.91 -48.35
C SER E 134 -31.28 -47.48 -47.86
N VAL E 135 -30.40 -48.47 -47.56
CA VAL E 135 -29.05 -48.21 -47.06
C VAL E 135 -27.97 -48.71 -48.05
N CYS E 136 -26.84 -47.97 -48.10
CA CYS E 136 -25.69 -48.24 -48.96
C CYS E 136 -24.43 -48.35 -48.11
N LEU E 137 -23.63 -49.40 -48.33
CA LEU E 137 -22.41 -49.64 -47.56
C LEU E 137 -21.16 -49.64 -48.42
N PHE E 138 -20.12 -48.93 -47.95
CA PHE E 138 -18.81 -48.85 -48.58
C PHE E 138 -17.78 -49.29 -47.54
N THR E 139 -17.15 -50.46 -47.76
CA THR E 139 -16.22 -51.06 -46.80
C THR E 139 -14.96 -51.64 -47.47
N ASP E 140 -14.02 -52.15 -46.62
CA ASP E 140 -12.75 -52.81 -46.93
C ASP E 140 -11.84 -51.97 -47.85
N PHE E 141 -11.84 -50.64 -47.66
CA PHE E 141 -11.01 -49.71 -48.42
C PHE E 141 -9.80 -49.25 -47.60
N ASP E 142 -8.67 -48.95 -48.27
CA ASP E 142 -7.42 -48.49 -47.64
C ASP E 142 -7.61 -47.19 -46.85
N SER E 143 -6.81 -47.01 -45.78
CA SER E 143 -6.84 -45.85 -44.87
C SER E 143 -6.60 -44.49 -45.56
N GLN E 144 -5.91 -44.47 -46.72
CA GLN E 144 -5.66 -43.25 -47.47
C GLN E 144 -6.94 -42.69 -48.10
N THR E 145 -7.93 -43.57 -48.39
CA THR E 145 -9.23 -43.18 -48.95
C THR E 145 -10.07 -42.60 -47.81
N ASN E 146 -10.52 -41.33 -47.96
CA ASN E 146 -11.31 -40.62 -46.95
C ASN E 146 -12.69 -40.24 -47.49
N VAL E 147 -13.75 -40.45 -46.67
CA VAL E 147 -15.13 -40.13 -47.06
C VAL E 147 -15.52 -38.75 -46.54
N SER E 148 -16.06 -37.92 -47.45
CA SER E 148 -16.49 -36.55 -47.16
C SER E 148 -18.00 -36.47 -46.86
N GLN E 149 -18.42 -35.43 -46.12
CA GLN E 149 -19.80 -35.14 -45.71
C GLN E 149 -20.77 -35.04 -46.90
N SER E 150 -22.07 -35.34 -46.65
CA SER E 150 -23.14 -35.33 -47.64
C SER E 150 -23.34 -33.97 -48.31
N LYS E 151 -23.74 -34.00 -49.61
CA LYS E 151 -23.99 -32.81 -50.42
C LYS E 151 -25.50 -32.52 -50.51
N ASP E 152 -26.32 -33.57 -50.59
CA ASP E 152 -27.79 -33.50 -50.64
C ASP E 152 -28.33 -33.44 -49.20
N SER E 153 -29.44 -32.70 -49.00
CA SER E 153 -30.09 -32.56 -47.69
C SER E 153 -30.80 -33.85 -47.28
N ASP E 154 -31.43 -34.54 -48.24
CA ASP E 154 -32.17 -35.78 -48.04
C ASP E 154 -31.23 -36.98 -47.80
N VAL E 155 -29.99 -36.91 -48.31
CA VAL E 155 -28.97 -37.97 -48.19
C VAL E 155 -28.11 -37.72 -46.93
N TYR E 156 -27.80 -38.80 -46.18
CA TYR E 156 -26.99 -38.76 -44.96
C TYR E 156 -25.82 -39.73 -45.09
N ILE E 157 -24.57 -39.21 -45.03
CA ILE E 157 -23.35 -40.00 -45.16
C ILE E 157 -22.51 -39.89 -43.88
N THR E 158 -22.16 -41.04 -43.30
CA THR E 158 -21.35 -41.15 -42.08
C THR E 158 -19.85 -41.27 -42.38
N ASP E 159 -19.01 -40.74 -41.47
CA ASP E 159 -17.55 -40.82 -41.59
C ASP E 159 -17.09 -42.26 -41.29
N LYS E 160 -15.95 -42.66 -41.87
CA LYS E 160 -15.37 -44.00 -41.72
C LYS E 160 -14.98 -44.31 -40.28
N CYS E 161 -14.99 -45.61 -39.93
CA CYS E 161 -14.61 -46.11 -38.62
C CYS E 161 -13.80 -47.40 -38.77
N VAL E 162 -12.87 -47.65 -37.82
CA VAL E 162 -12.01 -48.82 -37.80
C VAL E 162 -12.72 -49.97 -37.04
N LEU E 163 -12.85 -51.12 -37.71
CA LEU E 163 -13.49 -52.33 -37.21
C LEU E 163 -12.46 -53.46 -37.14
N ASP E 164 -12.24 -54.02 -35.93
CA ASP E 164 -11.25 -55.07 -35.70
C ASP E 164 -11.90 -56.41 -35.37
N MET E 165 -11.37 -57.49 -35.98
CA MET E 165 -11.81 -58.87 -35.79
C MET E 165 -10.62 -59.70 -35.29
N ARG E 166 -10.43 -59.76 -33.96
CA ARG E 166 -9.33 -60.47 -33.31
C ARG E 166 -9.48 -62.00 -33.40
N SER E 167 -10.73 -62.49 -33.61
CA SER E 167 -11.05 -63.92 -33.74
C SER E 167 -10.51 -64.51 -35.06
N MET E 168 -10.21 -63.66 -36.06
CA MET E 168 -9.70 -64.06 -37.37
C MET E 168 -8.44 -63.27 -37.79
N ASP E 169 -7.99 -62.30 -36.97
CA ASP E 169 -6.82 -61.42 -37.19
C ASP E 169 -7.00 -60.61 -38.51
N PHE E 170 -8.09 -59.82 -38.57
CA PHE E 170 -8.47 -59.01 -39.72
C PHE E 170 -9.06 -57.66 -39.28
N LYS E 171 -8.76 -56.59 -40.03
CA LYS E 171 -9.25 -55.23 -39.78
C LYS E 171 -9.75 -54.61 -41.07
N SER E 172 -10.90 -53.90 -41.02
CA SER E 172 -11.48 -53.26 -42.20
C SER E 172 -12.30 -52.01 -41.86
N ASN E 173 -12.15 -50.95 -42.67
CA ASN E 173 -12.87 -49.69 -42.54
C ASN E 173 -14.29 -49.85 -43.12
N SER E 174 -15.22 -48.92 -42.77
CA SER E 174 -16.60 -48.95 -43.26
C SER E 174 -17.29 -47.58 -43.16
N ALA E 175 -18.19 -47.29 -44.13
CA ALA E 175 -18.98 -46.05 -44.22
C ALA E 175 -20.42 -46.37 -44.67
N VAL E 176 -21.42 -45.67 -44.06
CA VAL E 176 -22.85 -45.87 -44.31
C VAL E 176 -23.47 -44.63 -45.02
N ALA E 177 -24.59 -44.86 -45.74
CA ALA E 177 -25.37 -43.86 -46.47
C ALA E 177 -26.83 -44.28 -46.60
N TRP E 178 -27.79 -43.34 -46.43
CA TRP E 178 -29.23 -43.64 -46.54
C TRP E 178 -30.06 -42.40 -46.90
N SER E 179 -31.19 -42.63 -47.61
CA SER E 179 -32.16 -41.62 -48.06
C SER E 179 -33.52 -42.28 -48.38
N ASN E 180 -34.52 -41.49 -48.82
CA ASN E 180 -35.85 -42.00 -49.14
C ASN E 180 -36.21 -41.82 -50.63
N LYS E 181 -36.21 -40.57 -51.12
CA LYS E 181 -36.61 -40.20 -52.48
C LYS E 181 -35.50 -39.41 -53.24
N SER E 182 -35.51 -39.33 -54.61
CA SER E 182 -36.47 -39.91 -55.57
C SER E 182 -35.75 -40.33 -56.89
N ASP E 183 -35.12 -41.52 -56.93
CA ASP E 183 -34.98 -42.48 -55.83
C ASP E 183 -33.49 -42.63 -55.48
N PHE E 184 -33.20 -42.98 -54.22
CA PHE E 184 -31.83 -43.15 -53.74
C PHE E 184 -31.16 -44.37 -54.39
N ALA E 185 -30.01 -44.14 -55.04
CA ALA E 185 -29.21 -45.15 -55.73
C ALA E 185 -27.83 -45.30 -55.08
N CYS E 186 -27.31 -46.54 -55.06
CA CYS E 186 -26.02 -46.87 -54.46
C CYS E 186 -24.82 -46.36 -55.27
N ALA E 187 -24.91 -46.38 -56.62
CA ALA E 187 -23.84 -45.96 -57.53
C ALA E 187 -23.50 -44.46 -57.41
N ASN E 188 -24.46 -43.63 -56.95
CA ASN E 188 -24.31 -42.19 -56.81
C ASN E 188 -24.25 -41.73 -55.35
N ALA E 189 -24.19 -42.68 -54.39
CA ALA E 189 -24.15 -42.39 -52.96
C ALA E 189 -22.81 -41.78 -52.52
N PHE E 190 -21.68 -42.47 -52.81
CA PHE E 190 -20.34 -42.02 -52.42
C PHE E 190 -19.59 -41.42 -53.63
N ASN E 191 -20.22 -40.46 -54.32
CA ASN E 191 -19.68 -39.79 -55.51
C ASN E 191 -18.89 -38.52 -55.16
N ASN E 192 -18.90 -38.09 -53.88
CA ASN E 192 -18.24 -36.86 -53.42
C ASN E 192 -17.03 -37.12 -52.50
N SER E 193 -16.63 -38.40 -52.30
CA SER E 193 -15.50 -38.76 -51.43
C SER E 193 -14.11 -38.48 -52.10
N ILE E 194 -13.73 -39.10 -53.27
CA ILE E 194 -14.42 -40.09 -54.10
C ILE E 194 -13.71 -41.46 -53.97
N ILE E 195 -14.48 -42.55 -54.16
CA ILE E 195 -14.01 -43.93 -54.08
C ILE E 195 -13.03 -44.27 -55.24
N PRO E 196 -12.02 -45.16 -55.01
CA PRO E 196 -11.07 -45.49 -56.10
C PRO E 196 -11.70 -46.23 -57.29
N GLU E 197 -10.94 -46.37 -58.38
CA GLU E 197 -11.36 -47.05 -59.62
C GLU E 197 -11.57 -48.56 -59.43
N ASP E 198 -10.77 -49.19 -58.54
CA ASP E 198 -10.81 -50.62 -58.25
C ASP E 198 -12.04 -51.05 -57.41
N THR E 199 -13.00 -50.12 -57.16
CA THR E 199 -14.22 -50.38 -56.38
C THR E 199 -15.18 -51.27 -57.16
N PHE E 200 -15.65 -52.35 -56.50
CA PHE E 200 -16.59 -53.35 -57.03
C PHE E 200 -18.05 -52.94 -56.80
N PHE E 201 -18.90 -53.13 -57.82
CA PHE E 201 -20.32 -52.81 -57.79
C PHE E 201 -21.15 -54.00 -58.33
N PRO E 202 -22.23 -54.43 -57.65
CA PRO E 202 -23.00 -55.58 -58.15
C PRO E 202 -24.09 -55.14 -59.14
N MET F 1 -5.43 -45.59 -8.50
CA MET F 1 -6.49 -44.72 -7.99
C MET F 1 -7.61 -44.55 -9.04
N VAL F 2 -8.84 -44.97 -8.69
CA VAL F 2 -10.06 -44.93 -9.52
C VAL F 2 -11.07 -43.93 -8.92
N VAL F 3 -11.74 -43.14 -9.79
CA VAL F 3 -12.72 -42.12 -9.39
C VAL F 3 -14.02 -42.27 -10.23
N SER F 4 -15.20 -42.09 -9.59
CA SER F 4 -16.52 -42.18 -10.25
C SER F 4 -17.28 -40.83 -10.18
N GLN F 5 -18.21 -40.64 -11.13
CA GLN F 5 -19.05 -39.44 -11.22
C GLN F 5 -20.47 -39.84 -11.62
N HIS F 6 -21.42 -39.64 -10.70
CA HIS F 6 -22.82 -39.99 -10.93
C HIS F 6 -23.77 -38.80 -10.64
N PRO F 7 -24.75 -38.48 -11.52
CA PRO F 7 -25.10 -39.12 -12.80
C PRO F 7 -24.08 -38.86 -13.91
N SER F 8 -24.20 -39.59 -15.03
CA SER F 8 -23.32 -39.44 -16.19
C SER F 8 -24.05 -38.72 -17.32
N TRP F 9 -25.36 -38.98 -17.46
CA TRP F 9 -26.24 -38.35 -18.45
C TRP F 9 -27.42 -37.72 -17.71
N VAL F 10 -27.63 -36.39 -17.88
CA VAL F 10 -28.69 -35.66 -17.17
C VAL F 10 -29.31 -34.53 -18.04
N ILE F 11 -30.66 -34.42 -17.98
CA ILE F 11 -31.49 -33.41 -18.66
C ILE F 11 -32.50 -32.87 -17.64
N CYS F 12 -32.52 -31.55 -17.44
CA CYS F 12 -33.45 -30.91 -16.48
C CYS F 12 -34.02 -29.61 -17.04
N LYS F 13 -35.25 -29.26 -16.63
CA LYS F 13 -35.94 -28.04 -17.06
C LYS F 13 -35.24 -26.81 -16.47
N SER F 14 -35.34 -25.66 -17.16
CA SER F 14 -34.75 -24.39 -16.74
C SER F 14 -35.31 -23.95 -15.39
N GLY F 15 -34.42 -23.72 -14.43
CA GLY F 15 -34.77 -23.33 -13.08
C GLY F 15 -35.05 -24.52 -12.18
N THR F 16 -34.19 -25.55 -12.26
CA THR F 16 -34.29 -26.78 -11.46
C THR F 16 -32.88 -27.18 -11.01
N SER F 17 -32.71 -27.38 -9.68
CA SER F 17 -31.44 -27.78 -9.08
C SER F 17 -31.06 -29.22 -9.43
N VAL F 18 -29.80 -29.44 -9.82
CA VAL F 18 -29.27 -30.76 -10.20
C VAL F 18 -27.94 -31.02 -9.47
N LYS F 19 -27.87 -32.16 -8.75
CA LYS F 19 -26.72 -32.63 -7.97
C LYS F 19 -25.88 -33.61 -8.78
N ILE F 20 -24.54 -33.48 -8.68
CA ILE F 20 -23.58 -34.34 -9.37
C ILE F 20 -22.56 -34.83 -8.33
N GLU F 21 -22.59 -36.16 -8.03
CA GLU F 21 -21.71 -36.80 -7.06
C GLU F 21 -20.35 -37.14 -7.65
N CYS F 22 -19.29 -36.98 -6.84
CA CYS F 22 -17.90 -37.30 -7.16
C CYS F 22 -17.37 -38.20 -6.05
N ARG F 23 -16.86 -39.39 -6.41
CA ARG F 23 -16.39 -40.33 -5.40
C ARG F 23 -15.04 -40.95 -5.69
N SER F 24 -14.16 -40.99 -4.67
CA SER F 24 -12.87 -41.67 -4.73
C SER F 24 -13.14 -43.11 -4.34
N LEU F 25 -13.04 -44.03 -5.31
CA LEU F 25 -13.38 -45.45 -5.15
C LEU F 25 -12.24 -46.29 -4.57
N ASP F 26 -11.14 -46.44 -5.34
CA ASP F 26 -9.96 -47.24 -4.99
C ASP F 26 -9.21 -46.71 -3.75
N PHE F 27 -9.30 -45.39 -3.49
CA PHE F 27 -8.58 -44.72 -2.39
C PHE F 27 -9.43 -43.66 -1.66
N GLN F 28 -8.81 -43.01 -0.65
CA GLN F 28 -9.40 -41.90 0.11
C GLN F 28 -8.70 -40.61 -0.36
N ALA F 29 -9.48 -39.70 -0.95
CA ALA F 29 -8.98 -38.45 -1.52
C ALA F 29 -8.72 -37.38 -0.47
N THR F 30 -7.80 -36.47 -0.80
CA THR F 30 -7.43 -35.32 0.03
C THR F 30 -8.16 -34.09 -0.54
N THR F 31 -7.90 -33.79 -1.83
CA THR F 31 -8.47 -32.66 -2.56
C THR F 31 -9.43 -33.16 -3.66
N MET F 32 -10.50 -32.41 -3.89
CA MET F 32 -11.50 -32.69 -4.93
C MET F 32 -11.63 -31.47 -5.82
N PHE F 33 -11.60 -31.69 -7.14
CA PHE F 33 -11.66 -30.61 -8.12
C PHE F 33 -12.89 -30.72 -8.99
N TRP F 34 -13.31 -29.59 -9.57
CA TRP F 34 -14.48 -29.52 -10.45
C TRP F 34 -14.13 -28.71 -11.69
N TYR F 35 -14.29 -29.33 -12.88
CA TYR F 35 -13.97 -28.76 -14.18
C TYR F 35 -15.22 -28.67 -15.09
N ARG F 36 -15.10 -28.00 -16.26
CA ARG F 36 -16.17 -27.90 -17.25
C ARG F 36 -15.57 -27.77 -18.67
N GLN F 37 -16.15 -28.51 -19.64
CA GLN F 37 -15.73 -28.56 -21.04
C GLN F 37 -16.94 -28.34 -21.94
N PHE F 38 -16.80 -27.48 -22.96
CA PHE F 38 -17.88 -27.08 -23.87
C PHE F 38 -17.85 -27.86 -25.23
N PRO F 39 -18.81 -27.61 -26.19
CA PRO F 39 -18.86 -28.37 -27.46
C PRO F 39 -17.56 -28.94 -28.03
N LYS F 40 -16.53 -28.09 -28.27
CA LYS F 40 -15.25 -28.54 -28.82
C LYS F 40 -14.10 -27.67 -28.27
N GLN F 41 -14.18 -27.36 -26.97
CA GLN F 41 -13.18 -26.55 -26.26
C GLN F 41 -12.37 -27.43 -25.30
N SER F 42 -11.56 -26.80 -24.42
CA SER F 42 -10.73 -27.51 -23.44
C SER F 42 -11.24 -27.29 -22.02
N LEU F 43 -10.69 -28.06 -21.05
CA LEU F 43 -11.08 -28.05 -19.65
C LEU F 43 -10.74 -26.75 -18.93
N MET F 44 -11.73 -26.26 -18.18
CA MET F 44 -11.65 -25.03 -17.39
C MET F 44 -12.01 -25.39 -15.95
N LEU F 45 -11.08 -25.16 -14.99
CA LEU F 45 -11.31 -25.46 -13.57
C LEU F 45 -12.35 -24.50 -13.00
N MET F 46 -13.25 -25.01 -12.15
CA MET F 46 -14.31 -24.21 -11.54
C MET F 46 -14.03 -23.97 -10.06
N ALA F 47 -13.99 -25.05 -9.26
CA ALA F 47 -13.76 -24.95 -7.83
C ALA F 47 -12.82 -26.05 -7.31
N THR F 48 -12.20 -25.79 -6.15
CA THR F 48 -11.30 -26.71 -5.45
C THR F 48 -11.78 -26.84 -4.01
N SER F 49 -11.90 -28.08 -3.51
CA SER F 49 -12.41 -28.31 -2.15
C SER F 49 -11.59 -29.29 -1.32
N ASN F 50 -11.45 -28.95 -0.04
CA ASN F 50 -10.80 -29.72 1.03
C ASN F 50 -11.85 -29.99 2.11
N GLU F 51 -11.73 -31.10 2.84
CA GLU F 51 -12.68 -31.46 3.90
C GLU F 51 -12.47 -30.55 5.15
N GLY F 52 -13.52 -29.87 5.57
CA GLY F 52 -14.80 -30.03 4.92
C GLY F 52 -15.23 -28.75 4.28
N SER F 53 -14.55 -27.67 4.60
CA SER F 53 -14.97 -26.40 4.07
C SER F 53 -13.79 -25.53 3.77
N LYS F 54 -13.92 -24.53 2.90
CA LYS F 54 -15.09 -24.23 2.10
C LYS F 54 -14.52 -24.08 0.73
N ALA F 55 -15.35 -24.18 -0.27
CA ALA F 55 -14.86 -24.32 -1.62
C ALA F 55 -13.98 -23.18 -2.01
N THR F 56 -12.90 -23.47 -2.71
CA THR F 56 -12.08 -22.44 -3.28
C THR F 56 -12.49 -22.15 -4.68
N TYR F 57 -13.55 -21.38 -4.88
CA TYR F 57 -13.97 -21.03 -6.22
C TYR F 57 -12.95 -20.14 -6.86
N GLU F 58 -12.81 -20.27 -8.17
CA GLU F 58 -11.84 -19.49 -8.88
C GLU F 58 -12.54 -18.62 -9.86
N GLN F 59 -12.21 -17.34 -9.86
CA GLN F 59 -12.91 -16.40 -10.67
C GLN F 59 -12.65 -16.83 -12.09
N GLY F 60 -13.61 -16.68 -13.00
CA GLY F 60 -14.89 -16.09 -12.69
C GLY F 60 -15.96 -17.12 -12.81
N VAL F 61 -16.51 -17.50 -11.67
CA VAL F 61 -17.49 -18.53 -11.60
C VAL F 61 -18.38 -18.18 -10.48
N GLU F 62 -19.64 -18.57 -10.57
CA GLU F 62 -20.62 -18.07 -9.63
C GLU F 62 -20.66 -18.85 -8.35
N LYS F 63 -20.26 -18.24 -7.27
CA LYS F 63 -20.28 -18.96 -6.04
C LYS F 63 -21.66 -19.47 -5.81
N ASP F 64 -22.66 -18.71 -6.21
CA ASP F 64 -24.03 -19.14 -6.00
C ASP F 64 -24.63 -19.92 -7.13
N LYS F 65 -24.04 -19.89 -8.31
CA LYS F 65 -24.53 -20.71 -9.42
C LYS F 65 -24.34 -22.18 -9.17
N PHE F 66 -23.14 -22.52 -8.72
CA PHE F 66 -22.68 -23.87 -8.40
C PHE F 66 -22.34 -24.08 -6.92
N LEU F 67 -22.92 -25.10 -6.27
CA LEU F 67 -22.68 -25.41 -4.86
C LEU F 67 -21.92 -26.72 -4.59
N ILE F 68 -20.79 -26.61 -3.87
CA ILE F 68 -19.89 -27.73 -3.52
C ILE F 68 -20.00 -28.08 -2.04
N ASN F 69 -20.30 -29.35 -1.71
CA ASN F 69 -20.37 -29.83 -0.34
C ASN F 69 -19.48 -31.06 -0.20
N HIS F 70 -18.28 -30.86 0.37
CA HIS F 70 -17.27 -31.90 0.54
C HIS F 70 -17.17 -32.36 2.01
N ALA F 71 -17.98 -33.32 2.39
CA ALA F 71 -17.91 -33.88 3.70
C ALA F 71 -17.80 -35.33 3.37
N SER F 72 -16.77 -35.97 3.93
CA SER F 72 -16.39 -37.35 3.71
C SER F 72 -15.28 -37.42 2.72
N LEU F 73 -14.22 -38.12 3.07
CA LEU F 73 -13.06 -38.13 2.24
C LEU F 73 -13.42 -38.69 0.90
N THR F 74 -14.24 -39.70 0.89
CA THR F 74 -14.72 -40.33 -0.33
C THR F 74 -15.63 -39.52 -1.26
N LEU F 75 -16.52 -38.72 -0.68
CA LEU F 75 -17.60 -38.03 -1.41
C LEU F 75 -17.45 -36.50 -1.47
N SER F 76 -17.81 -35.94 -2.63
CA SER F 76 -17.90 -34.51 -2.96
C SER F 76 -19.06 -34.33 -3.94
N THR F 77 -19.92 -33.32 -3.74
CA THR F 77 -21.08 -33.16 -4.62
C THR F 77 -21.32 -31.69 -5.04
N LEU F 78 -21.34 -31.49 -6.38
CA LEU F 78 -21.60 -30.22 -7.07
C LEU F 78 -23.10 -30.10 -7.30
N THR F 79 -23.67 -28.92 -7.00
CA THR F 79 -25.09 -28.67 -7.16
C THR F 79 -25.30 -27.44 -8.06
N VAL F 80 -26.02 -27.61 -9.19
CA VAL F 80 -26.29 -26.49 -10.12
C VAL F 80 -27.61 -25.82 -9.70
N THR F 81 -27.51 -24.67 -9.02
CA THR F 81 -28.65 -23.90 -8.53
C THR F 81 -29.19 -23.04 -9.67
N SER F 82 -30.52 -23.12 -9.93
CA SER F 82 -31.28 -22.42 -10.98
C SER F 82 -30.63 -22.65 -12.36
N ALA F 83 -30.94 -23.81 -12.98
CA ALA F 83 -30.42 -24.22 -14.28
C ALA F 83 -30.89 -23.30 -15.41
N HIS F 84 -30.03 -23.14 -16.43
CA HIS F 84 -30.27 -22.32 -17.62
C HIS F 84 -29.59 -22.97 -18.83
N PRO F 85 -30.12 -22.89 -20.08
CA PRO F 85 -29.45 -23.54 -21.23
C PRO F 85 -27.96 -23.18 -21.38
N GLU F 86 -27.52 -22.03 -20.80
CA GLU F 86 -26.13 -21.52 -20.80
C GLU F 86 -25.23 -22.42 -19.92
N ASP F 87 -25.82 -22.99 -18.86
CA ASP F 87 -25.15 -23.87 -17.91
C ASP F 87 -25.01 -25.31 -18.45
N SER F 88 -25.55 -25.59 -19.65
CA SER F 88 -25.45 -26.92 -20.26
C SER F 88 -24.01 -27.16 -20.77
N SER F 89 -23.28 -28.08 -20.11
CA SER F 89 -21.87 -28.40 -20.40
C SER F 89 -21.46 -29.78 -19.87
N PHE F 90 -20.23 -30.22 -20.21
CA PHE F 90 -19.64 -31.49 -19.77
C PHE F 90 -18.79 -31.24 -18.53
N TYR F 91 -19.27 -31.69 -17.36
CA TYR F 91 -18.61 -31.46 -16.08
C TYR F 91 -17.84 -32.70 -15.63
N ILE F 92 -16.54 -32.50 -15.26
CA ILE F 92 -15.66 -33.57 -14.80
C ILE F 92 -15.08 -33.20 -13.41
N CYS F 93 -14.77 -34.23 -12.59
CA CYS F 93 -14.18 -34.07 -11.26
C CYS F 93 -12.91 -34.93 -11.13
N SER F 94 -11.96 -34.51 -10.29
CA SER F 94 -10.74 -35.26 -10.03
C SER F 94 -10.43 -35.26 -8.54
N ALA F 95 -9.88 -36.38 -8.05
CA ALA F 95 -9.54 -36.54 -6.64
C ALA F 95 -8.03 -36.74 -6.45
N GLY F 96 -7.46 -35.93 -5.54
CA GLY F 96 -6.03 -35.91 -5.25
C GLY F 96 -5.56 -36.69 -4.03
N VAL F 97 -4.23 -36.69 -3.83
CA VAL F 97 -3.54 -37.41 -2.74
C VAL F 97 -2.64 -36.46 -1.82
N GLY F 98 -2.75 -35.12 -1.83
CA GLY F 98 -3.58 -34.23 -2.62
C GLY F 98 -2.79 -33.25 -3.46
N GLY F 99 -3.49 -32.29 -4.06
CA GLY F 99 -2.90 -31.28 -4.94
C GLY F 99 -3.17 -31.61 -6.39
N GLN F 100 -3.27 -30.57 -7.24
CA GLN F 100 -3.59 -30.68 -8.67
C GLN F 100 -2.63 -31.57 -9.50
N GLU F 101 -1.42 -31.88 -8.98
CA GLU F 101 -0.48 -32.72 -9.72
C GLU F 101 -0.83 -34.21 -9.58
N THR F 102 -1.28 -34.62 -8.39
CA THR F 102 -1.59 -36.01 -8.02
C THR F 102 -2.89 -36.57 -8.62
N GLN F 103 -3.94 -35.72 -8.71
CA GLN F 103 -5.32 -36.05 -9.12
C GLN F 103 -5.50 -36.92 -10.39
N TYR F 104 -6.53 -37.80 -10.31
CA TYR F 104 -7.05 -38.73 -11.32
C TYR F 104 -8.52 -38.38 -11.54
N PHE F 105 -8.90 -38.08 -12.79
CA PHE F 105 -10.24 -37.64 -13.15
C PHE F 105 -11.30 -38.74 -13.10
N GLY F 106 -12.57 -38.33 -13.14
CA GLY F 106 -13.73 -39.20 -13.17
C GLY F 106 -14.22 -39.39 -14.60
N PRO F 107 -15.35 -40.11 -14.84
CA PRO F 107 -15.80 -40.31 -16.24
C PRO F 107 -16.34 -39.02 -16.87
N GLY F 108 -17.12 -38.25 -16.10
CA GLY F 108 -17.71 -37.00 -16.56
C GLY F 108 -19.23 -37.05 -16.61
N THR F 109 -19.85 -35.85 -16.56
CA THR F 109 -21.30 -35.66 -16.56
C THR F 109 -21.73 -34.71 -17.68
N ARG F 110 -22.57 -35.21 -18.61
CA ARG F 110 -23.14 -34.41 -19.70
C ARG F 110 -24.40 -33.75 -19.20
N LEU F 111 -24.38 -32.42 -19.07
CA LEU F 111 -25.53 -31.66 -18.57
C LEU F 111 -26.17 -30.90 -19.72
N LEU F 112 -27.51 -31.01 -19.85
CA LEU F 112 -28.29 -30.36 -20.90
C LEU F 112 -29.53 -29.73 -20.31
N VAL F 113 -29.66 -28.40 -20.44
CA VAL F 113 -30.81 -27.68 -19.91
C VAL F 113 -31.73 -27.23 -21.06
N LEU F 114 -33.00 -27.60 -20.97
CA LEU F 114 -34.04 -27.25 -21.95
C LEU F 114 -35.04 -26.27 -21.38
N GLU F 115 -35.57 -25.38 -22.24
CA GLU F 115 -36.59 -24.38 -21.89
C GLU F 115 -37.92 -25.10 -21.65
N ASP F 116 -38.22 -26.08 -22.52
CA ASP F 116 -39.40 -26.96 -22.47
C ASP F 116 -38.97 -28.39 -22.76
N LEU F 117 -39.56 -29.36 -22.03
CA LEU F 117 -39.23 -30.79 -22.15
C LEU F 117 -39.90 -31.45 -23.38
N LYS F 118 -40.65 -30.68 -24.18
CA LYS F 118 -41.35 -31.13 -25.39
C LYS F 118 -40.37 -31.52 -26.51
N ASN F 119 -39.13 -30.99 -26.47
CA ASN F 119 -38.09 -31.23 -27.46
C ASN F 119 -37.49 -32.65 -27.39
N VAL F 120 -37.61 -33.33 -26.22
CA VAL F 120 -37.09 -34.69 -25.99
C VAL F 120 -37.84 -35.71 -26.87
N PHE F 121 -37.09 -36.62 -27.54
CA PHE F 121 -37.68 -37.65 -28.42
C PHE F 121 -36.94 -39.00 -28.32
N PRO F 122 -37.69 -40.13 -28.28
CA PRO F 122 -37.03 -41.45 -28.22
C PRO F 122 -36.50 -41.90 -29.59
N PRO F 123 -35.46 -42.78 -29.65
CA PRO F 123 -34.95 -43.20 -30.97
C PRO F 123 -35.68 -44.40 -31.57
N GLU F 124 -35.79 -44.43 -32.91
CA GLU F 124 -36.40 -45.54 -33.64
C GLU F 124 -35.26 -46.36 -34.26
N VAL F 125 -34.91 -47.46 -33.56
CA VAL F 125 -33.81 -48.36 -33.90
C VAL F 125 -34.25 -49.39 -34.95
N ALA F 126 -33.47 -49.47 -36.05
CA ALA F 126 -33.71 -50.39 -37.18
C ALA F 126 -32.43 -51.14 -37.55
N VAL F 127 -32.57 -52.45 -37.90
CA VAL F 127 -31.46 -53.32 -38.27
C VAL F 127 -31.62 -53.77 -39.75
N PHE F 128 -30.49 -53.87 -40.47
CA PHE F 128 -30.44 -54.24 -41.89
C PHE F 128 -29.57 -55.48 -42.11
N GLU F 129 -30.14 -56.50 -42.78
CA GLU F 129 -29.49 -57.78 -43.08
C GLU F 129 -28.35 -57.60 -44.11
N PRO F 130 -27.24 -58.37 -44.01
CA PRO F 130 -26.12 -58.19 -44.96
C PRO F 130 -26.46 -58.53 -46.41
N SER F 131 -25.70 -57.93 -47.35
CA SER F 131 -25.85 -58.09 -48.79
C SER F 131 -25.43 -59.49 -49.25
N GLU F 132 -26.20 -60.06 -50.21
CA GLU F 132 -25.96 -61.38 -50.79
C GLU F 132 -24.61 -61.41 -51.53
N ALA F 133 -24.21 -60.27 -52.14
CA ALA F 133 -22.98 -60.08 -52.88
C ALA F 133 -21.75 -60.02 -51.95
N GLU F 134 -21.94 -59.50 -50.72
CA GLU F 134 -20.90 -59.35 -49.70
C GLU F 134 -20.39 -60.71 -49.23
N ILE F 135 -21.30 -61.57 -48.72
CA ILE F 135 -21.00 -62.90 -48.20
C ILE F 135 -20.40 -63.82 -49.29
N SER F 136 -20.64 -63.53 -50.57
CA SER F 136 -20.14 -64.33 -51.69
C SER F 136 -18.74 -63.87 -52.14
N HIS F 137 -18.45 -62.57 -52.10
CA HIS F 137 -17.19 -62.01 -52.55
C HIS F 137 -16.09 -62.10 -51.48
N THR F 138 -16.23 -61.31 -50.38
CA THR F 138 -15.24 -61.24 -49.30
C THR F 138 -15.35 -62.41 -48.30
N GLN F 139 -16.53 -63.08 -48.24
CA GLN F 139 -16.85 -64.19 -47.32
C GLN F 139 -16.96 -63.67 -45.87
N LYS F 140 -17.69 -62.53 -45.71
CA LYS F 140 -17.97 -61.85 -44.45
C LYS F 140 -19.38 -61.24 -44.47
N ALA F 141 -19.98 -61.02 -43.29
CA ALA F 141 -21.32 -60.45 -43.17
C ALA F 141 -21.34 -59.21 -42.29
N THR F 142 -21.92 -58.10 -42.81
CA THR F 142 -22.00 -56.84 -42.07
C THR F 142 -23.46 -56.50 -41.72
N LEU F 143 -23.76 -56.54 -40.41
CA LEU F 143 -25.07 -56.22 -39.84
C LEU F 143 -25.07 -54.71 -39.54
N VAL F 144 -25.93 -53.95 -40.25
CA VAL F 144 -25.99 -52.50 -40.11
C VAL F 144 -27.19 -52.08 -39.26
N CYS F 145 -26.92 -51.29 -38.21
CA CYS F 145 -27.91 -50.78 -37.26
C CYS F 145 -28.01 -49.26 -37.37
N LEU F 146 -29.21 -48.70 -37.16
CA LEU F 146 -29.44 -47.26 -37.25
C LEU F 146 -30.48 -46.74 -36.26
N ALA F 147 -30.11 -45.68 -35.52
CA ALA F 147 -30.97 -44.99 -34.57
C ALA F 147 -31.38 -43.64 -35.19
N THR F 148 -32.62 -43.56 -35.68
CA THR F 148 -33.14 -42.37 -36.36
C THR F 148 -34.01 -41.54 -35.42
N GLY F 149 -33.88 -40.23 -35.54
CA GLY F 149 -34.64 -39.22 -34.81
C GLY F 149 -34.73 -39.36 -33.30
N PHE F 150 -33.79 -38.72 -32.58
CA PHE F 150 -33.77 -38.71 -31.12
C PHE F 150 -33.09 -37.45 -30.59
N TYR F 151 -33.54 -36.97 -29.42
CA TYR F 151 -33.01 -35.80 -28.76
C TYR F 151 -33.05 -35.98 -27.24
N PRO F 152 -31.94 -35.74 -26.52
CA PRO F 152 -30.62 -35.30 -27.00
C PRO F 152 -29.75 -36.48 -27.48
N ASP F 153 -28.45 -36.21 -27.69
CA ASP F 153 -27.45 -37.18 -28.16
C ASP F 153 -26.97 -38.10 -27.01
N HIS F 154 -27.65 -38.03 -25.86
CA HIS F 154 -27.37 -38.84 -24.67
C HIS F 154 -27.82 -40.30 -24.93
N VAL F 155 -26.99 -41.08 -25.67
CA VAL F 155 -27.28 -42.48 -26.05
C VAL F 155 -26.07 -43.41 -25.88
N GLU F 156 -26.33 -44.72 -25.66
CA GLU F 156 -25.33 -45.78 -25.51
C GLU F 156 -25.72 -47.01 -26.35
N LEU F 157 -25.01 -47.21 -27.48
CA LEU F 157 -25.26 -48.32 -28.40
C LEU F 157 -24.36 -49.52 -28.07
N SER F 158 -24.88 -50.74 -28.27
CA SER F 158 -24.17 -51.99 -28.05
C SER F 158 -24.75 -53.12 -28.92
N TRP F 159 -23.96 -54.18 -29.12
CA TRP F 159 -24.36 -55.36 -29.89
C TRP F 159 -24.41 -56.60 -29.00
N TRP F 160 -25.44 -57.44 -29.18
CA TRP F 160 -25.65 -58.66 -28.42
C TRP F 160 -25.87 -59.84 -29.39
N VAL F 161 -24.98 -60.86 -29.33
CA VAL F 161 -25.04 -62.06 -30.18
C VAL F 161 -25.24 -63.30 -29.30
N ASN F 162 -26.23 -64.14 -29.66
CA ASN F 162 -26.63 -65.41 -29.01
C ASN F 162 -27.09 -65.22 -27.55
N GLY F 163 -26.94 -64.00 -27.01
CA GLY F 163 -27.33 -63.65 -25.66
C GLY F 163 -26.37 -62.75 -24.91
N LYS F 164 -25.07 -62.77 -25.29
CA LYS F 164 -24.03 -61.98 -24.63
C LYS F 164 -23.51 -60.84 -25.53
N GLU F 165 -23.04 -59.74 -24.89
CA GLU F 165 -22.50 -58.54 -25.54
C GLU F 165 -21.16 -58.84 -26.23
N VAL F 166 -21.08 -58.55 -27.53
CA VAL F 166 -19.89 -58.79 -28.34
C VAL F 166 -19.10 -57.48 -28.54
N HIS F 167 -17.76 -57.59 -28.66
CA HIS F 167 -16.85 -56.46 -28.85
C HIS F 167 -15.99 -56.65 -30.12
N SER F 168 -15.72 -57.90 -30.52
CA SER F 168 -14.94 -58.21 -31.74
C SER F 168 -15.83 -58.12 -32.97
N GLY F 169 -15.40 -57.29 -33.92
CA GLY F 169 -16.11 -57.05 -35.18
C GLY F 169 -17.27 -56.10 -35.01
N VAL F 170 -17.07 -55.01 -34.23
CA VAL F 170 -18.08 -53.99 -33.93
C VAL F 170 -17.50 -52.59 -34.24
N CYS F 171 -18.25 -51.80 -35.02
CA CYS F 171 -17.90 -50.43 -35.40
C CYS F 171 -19.04 -49.49 -35.04
N THR F 172 -18.73 -48.37 -34.37
CA THR F 172 -19.73 -47.37 -33.95
C THR F 172 -19.20 -45.96 -34.21
N ASP F 173 -20.11 -45.01 -34.52
CA ASP F 173 -19.76 -43.60 -34.76
C ASP F 173 -19.26 -42.93 -33.49
N PRO F 174 -18.13 -42.18 -33.55
CA PRO F 174 -17.63 -41.50 -32.34
C PRO F 174 -18.51 -40.33 -31.92
N GLN F 175 -19.19 -39.67 -32.90
CA GLN F 175 -20.08 -38.53 -32.66
C GLN F 175 -21.43 -38.68 -33.40
N PRO F 176 -22.59 -38.49 -32.71
CA PRO F 176 -23.88 -38.59 -33.41
C PRO F 176 -24.13 -37.39 -34.32
N LEU F 177 -24.50 -37.65 -35.58
CA LEU F 177 -24.73 -36.62 -36.59
C LEU F 177 -26.20 -36.14 -36.58
N LYS F 178 -26.39 -34.82 -36.75
CA LYS F 178 -27.71 -34.18 -36.79
C LYS F 178 -28.33 -34.38 -38.17
N GLU F 179 -29.67 -34.48 -38.24
CA GLU F 179 -30.38 -34.66 -39.50
C GLU F 179 -30.43 -33.32 -40.28
N GLN F 180 -30.73 -32.21 -39.58
CA GLN F 180 -30.77 -30.87 -40.16
C GLN F 180 -29.86 -29.94 -39.30
N PRO F 181 -28.53 -29.91 -39.57
CA PRO F 181 -27.61 -29.10 -38.74
C PRO F 181 -27.85 -27.57 -38.76
N ALA F 182 -28.75 -27.09 -39.63
CA ALA F 182 -29.11 -25.68 -39.72
C ALA F 182 -30.04 -25.29 -38.57
N LEU F 183 -30.99 -26.17 -38.21
CA LEU F 183 -31.95 -25.97 -37.12
C LEU F 183 -31.35 -26.37 -35.76
N ASN F 184 -31.66 -25.57 -34.72
CA ASN F 184 -31.17 -25.79 -33.34
C ASN F 184 -31.84 -27.01 -32.68
N ASP F 185 -33.14 -27.22 -32.96
CA ASP F 185 -33.97 -28.32 -32.42
C ASP F 185 -33.90 -29.58 -33.31
N SER F 186 -32.73 -29.83 -33.93
CA SER F 186 -32.46 -30.95 -34.83
C SER F 186 -32.43 -32.28 -34.11
N ARG F 187 -32.98 -33.32 -34.76
CA ARG F 187 -33.02 -34.70 -34.24
C ARG F 187 -31.76 -35.44 -34.70
N TYR F 188 -31.02 -36.03 -33.74
CA TYR F 188 -29.77 -36.72 -33.98
C TYR F 188 -29.95 -38.11 -34.62
N ALA F 189 -28.87 -38.60 -35.27
CA ALA F 189 -28.78 -39.90 -35.94
C ALA F 189 -27.46 -40.59 -35.60
N LEU F 190 -27.50 -41.93 -35.41
CA LEU F 190 -26.31 -42.73 -35.07
C LEU F 190 -26.34 -44.07 -35.80
N SER F 191 -25.17 -44.49 -36.32
CA SER F 191 -24.99 -45.74 -37.06
C SER F 191 -23.94 -46.65 -36.39
N SER F 192 -24.09 -47.98 -36.60
CA SER F 192 -23.19 -49.00 -36.09
C SER F 192 -23.21 -50.25 -36.97
N ARG F 193 -22.02 -50.80 -37.25
CA ARG F 193 -21.84 -51.98 -38.10
C ARG F 193 -21.26 -53.15 -37.31
N LEU F 194 -21.67 -54.38 -37.66
CA LEU F 194 -21.22 -55.61 -37.01
C LEU F 194 -20.73 -56.63 -38.05
N ARG F 195 -19.44 -57.00 -37.98
CA ARG F 195 -18.85 -57.97 -38.91
C ARG F 195 -18.68 -59.34 -38.26
N VAL F 196 -19.17 -60.39 -38.97
CA VAL F 196 -19.11 -61.79 -38.54
C VAL F 196 -18.72 -62.68 -39.72
N SER F 197 -18.48 -63.99 -39.46
CA SER F 197 -18.15 -64.99 -40.49
C SER F 197 -19.36 -65.24 -41.37
N ALA F 198 -19.14 -65.53 -42.66
CA ALA F 198 -20.21 -65.83 -43.60
C ALA F 198 -20.94 -67.11 -43.16
N THR F 199 -20.17 -68.10 -42.67
CA THR F 199 -20.65 -69.38 -42.15
C THR F 199 -21.47 -69.18 -40.87
N PHE F 200 -21.11 -68.18 -40.04
CA PHE F 200 -21.80 -67.83 -38.80
C PHE F 200 -23.18 -67.22 -39.07
N TRP F 201 -23.29 -66.38 -40.12
CA TRP F 201 -24.55 -65.73 -40.53
C TRP F 201 -25.48 -66.73 -41.20
N GLN F 202 -24.92 -67.71 -41.96
CA GLN F 202 -25.68 -68.75 -42.66
C GLN F 202 -26.49 -69.63 -41.69
N ASN F 203 -25.97 -69.86 -40.46
CA ASN F 203 -26.61 -70.67 -39.42
C ASN F 203 -27.85 -69.94 -38.85
N PRO F 204 -29.04 -70.60 -38.84
CA PRO F 204 -30.26 -69.92 -38.36
C PRO F 204 -30.43 -69.93 -36.84
N ARG F 205 -29.61 -70.70 -36.11
CA ARG F 205 -29.66 -70.77 -34.65
C ARG F 205 -29.00 -69.56 -33.99
N ASN F 206 -28.18 -68.79 -34.74
CA ASN F 206 -27.48 -67.60 -34.24
C ASN F 206 -28.39 -66.37 -34.25
N HIS F 207 -28.45 -65.67 -33.11
CA HIS F 207 -29.26 -64.48 -32.89
C HIS F 207 -28.41 -63.22 -32.80
N PHE F 208 -28.87 -62.14 -33.47
CA PHE F 208 -28.20 -60.84 -33.51
C PHE F 208 -29.16 -59.75 -33.02
N ARG F 209 -28.70 -58.91 -32.08
CA ARG F 209 -29.53 -57.84 -31.51
C ARG F 209 -28.70 -56.57 -31.26
N CYS F 210 -29.21 -55.45 -31.77
CA CYS F 210 -28.62 -54.12 -31.63
C CYS F 210 -29.53 -53.31 -30.71
N GLN F 211 -29.00 -52.83 -29.58
CA GLN F 211 -29.80 -52.04 -28.62
C GLN F 211 -29.17 -50.68 -28.34
N VAL F 212 -30.03 -49.66 -28.17
CA VAL F 212 -29.64 -48.29 -27.84
C VAL F 212 -30.26 -47.95 -26.48
N GLN F 213 -29.38 -47.56 -25.53
CA GLN F 213 -29.78 -47.15 -24.19
C GLN F 213 -30.00 -45.63 -24.20
N PHE F 214 -31.26 -45.21 -24.35
CA PHE F 214 -31.62 -43.79 -24.36
C PHE F 214 -31.73 -43.28 -22.92
N TYR F 215 -31.18 -42.08 -22.67
CA TYR F 215 -31.21 -41.41 -21.38
C TYR F 215 -32.18 -40.25 -21.49
N GLY F 216 -33.36 -40.42 -20.89
CA GLY F 216 -34.43 -39.43 -20.94
C GLY F 216 -34.86 -38.86 -19.61
N LEU F 217 -36.11 -38.39 -19.56
CA LEU F 217 -36.74 -37.77 -18.39
C LEU F 217 -36.84 -38.74 -17.23
N SER F 218 -36.50 -38.27 -16.02
CA SER F 218 -36.56 -39.05 -14.78
C SER F 218 -37.98 -39.11 -14.24
N GLU F 219 -38.20 -39.86 -13.14
CA GLU F 219 -39.49 -40.05 -12.48
C GLU F 219 -40.10 -38.70 -12.04
N ASN F 220 -39.26 -37.78 -11.50
CA ASN F 220 -39.71 -36.46 -11.06
C ASN F 220 -39.41 -35.40 -12.16
N ASP F 221 -40.22 -35.45 -13.23
CA ASP F 221 -40.18 -34.58 -14.40
C ASP F 221 -41.61 -34.45 -14.94
N GLU F 222 -42.19 -33.24 -14.89
CA GLU F 222 -43.57 -32.95 -15.31
C GLU F 222 -43.79 -33.20 -16.82
N TRP F 223 -44.83 -33.99 -17.14
CA TRP F 223 -45.20 -34.35 -18.52
C TRP F 223 -46.69 -34.06 -18.73
N THR F 224 -47.00 -33.05 -19.56
CA THR F 224 -48.38 -32.63 -19.86
C THR F 224 -48.77 -32.92 -21.33
N GLN F 225 -47.80 -33.33 -22.17
CA GLN F 225 -48.04 -33.63 -23.58
C GLN F 225 -48.79 -34.95 -23.77
N ASP F 226 -49.63 -34.99 -24.82
CA ASP F 226 -50.49 -36.11 -25.19
C ASP F 226 -49.69 -37.36 -25.60
N ARG F 227 -48.51 -37.17 -26.22
CA ARG F 227 -47.62 -38.24 -26.66
C ARG F 227 -46.97 -38.98 -25.48
N ALA F 228 -46.30 -40.12 -25.74
CA ALA F 228 -45.62 -40.93 -24.72
C ALA F 228 -44.40 -40.22 -24.13
N LYS F 229 -44.19 -40.39 -22.82
CA LYS F 229 -43.07 -39.78 -22.08
C LYS F 229 -41.74 -40.45 -22.49
N PRO F 230 -40.77 -39.68 -23.02
CA PRO F 230 -39.48 -40.29 -23.41
C PRO F 230 -38.57 -40.47 -22.18
N VAL F 231 -38.79 -41.59 -21.47
CA VAL F 231 -38.10 -41.98 -20.24
C VAL F 231 -36.78 -42.72 -20.60
N THR F 232 -35.97 -43.07 -19.56
CA THR F 232 -34.72 -43.81 -19.70
C THR F 232 -35.10 -45.27 -20.05
N GLN F 233 -35.19 -45.53 -21.36
CA GLN F 233 -35.61 -46.81 -21.94
C GLN F 233 -34.53 -47.42 -22.85
N ILE F 234 -34.72 -48.69 -23.24
CA ILE F 234 -33.84 -49.42 -24.15
C ILE F 234 -34.67 -49.84 -25.37
N VAL F 235 -34.33 -49.29 -26.55
CA VAL F 235 -35.01 -49.61 -27.81
C VAL F 235 -34.06 -50.50 -28.60
N SER F 236 -34.51 -51.72 -28.95
CA SER F 236 -33.65 -52.68 -29.63
C SER F 236 -34.29 -53.30 -30.87
N ALA F 237 -33.47 -53.43 -31.93
CA ALA F 237 -33.83 -54.07 -33.19
C ALA F 237 -33.05 -55.37 -33.30
N GLU F 238 -33.70 -56.46 -33.73
CA GLU F 238 -33.04 -57.76 -33.82
C GLU F 238 -33.34 -58.49 -35.13
N ALA F 239 -32.49 -59.49 -35.47
CA ALA F 239 -32.58 -60.33 -36.67
C ALA F 239 -31.91 -61.70 -36.46
N TRP F 240 -32.49 -62.74 -37.08
CA TRP F 240 -31.99 -64.12 -37.04
C TRP F 240 -31.25 -64.46 -38.34
N GLY F 241 -30.29 -65.40 -38.24
CA GLY F 241 -29.51 -65.86 -39.38
C GLY F 241 -30.32 -66.65 -40.40
N ARG F 242 -29.85 -66.67 -41.67
CA ARG F 242 -30.53 -67.37 -42.75
C ARG F 242 -29.55 -67.97 -43.78
N ALA F 243 -29.88 -69.16 -44.31
CA ALA F 243 -29.08 -69.89 -45.29
C ALA F 243 -29.59 -69.65 -46.72
N LYS G 1 -11.38 23.34 17.15
CA LYS G 1 -9.96 23.42 17.51
C LYS G 1 -9.78 24.04 18.90
N THR G 2 -9.89 25.39 18.99
CA THR G 2 -9.72 26.16 20.23
C THR G 2 -11.05 26.63 20.83
N THR G 3 -11.05 26.86 22.15
CA THR G 3 -12.20 27.37 22.88
C THR G 3 -11.78 28.63 23.63
N GLN G 4 -12.50 29.71 23.36
CA GLN G 4 -12.29 31.02 23.98
C GLN G 4 -13.67 31.54 24.44
N PRO G 5 -13.78 32.57 25.33
CA PRO G 5 -15.12 33.01 25.77
C PRO G 5 -16.05 33.42 24.62
N ILE G 6 -17.38 33.31 24.83
CA ILE G 6 -18.40 33.63 23.83
C ILE G 6 -18.47 35.14 23.62
N SER G 7 -18.53 35.91 24.72
CA SER G 7 -18.57 37.38 24.68
C SER G 7 -18.14 37.99 26.02
N MET G 8 -17.64 39.23 25.98
CA MET G 8 -17.23 40.01 27.13
C MET G 8 -17.70 41.44 26.99
N ASP G 9 -18.08 42.07 28.11
CA ASP G 9 -18.53 43.46 28.17
C ASP G 9 -17.75 44.17 29.26
N SER G 10 -16.92 45.14 28.88
CA SER G 10 -16.06 45.85 29.83
C SER G 10 -16.22 47.37 29.73
N TYR G 11 -15.74 48.06 30.78
CA TYR G 11 -15.73 49.52 30.86
C TYR G 11 -14.42 50.07 30.28
N GLU G 12 -14.39 51.37 29.95
CA GLU G 12 -13.20 52.03 29.39
C GLU G 12 -12.03 52.02 30.41
N GLY G 13 -10.81 51.94 29.89
CA GLY G 13 -9.57 51.93 30.66
C GLY G 13 -9.41 50.82 31.68
N GLN G 14 -9.81 49.58 31.29
CA GLN G 14 -9.72 48.38 32.11
C GLN G 14 -8.90 47.31 31.39
N GLU G 15 -8.13 46.49 32.13
CA GLU G 15 -7.32 45.45 31.49
C GLU G 15 -8.19 44.23 31.16
N VAL G 16 -8.36 43.95 29.85
CA VAL G 16 -9.15 42.83 29.36
C VAL G 16 -8.20 41.67 29.03
N ASN G 17 -8.48 40.48 29.58
CA ASN G 17 -7.68 39.28 29.39
C ASN G 17 -8.54 38.12 28.87
N ILE G 18 -8.47 37.88 27.55
CA ILE G 18 -9.19 36.80 26.87
C ILE G 18 -8.33 35.53 26.95
N THR G 19 -8.91 34.42 27.44
CA THR G 19 -8.18 33.16 27.58
C THR G 19 -8.58 32.15 26.50
N CYS G 20 -7.58 31.69 25.74
CA CYS G 20 -7.68 30.69 24.69
C CYS G 20 -7.34 29.34 25.31
N SER G 21 -8.10 28.28 24.98
CA SER G 21 -7.85 26.96 25.52
C SER G 21 -7.50 25.98 24.40
N HIS G 22 -6.27 25.46 24.43
CA HIS G 22 -5.73 24.55 23.42
C HIS G 22 -4.83 23.50 24.10
N ASN G 23 -5.45 22.42 24.57
CA ASN G 23 -4.79 21.31 25.25
C ASN G 23 -4.07 20.42 24.23
N ASN G 24 -4.72 20.18 23.06
CA ASN G 24 -4.20 19.33 21.99
C ASN G 24 -3.23 20.08 21.03
N ILE G 25 -2.54 21.12 21.53
CA ILE G 25 -1.57 21.91 20.75
C ILE G 25 -0.31 21.07 20.44
N ALA G 26 0.20 21.18 19.19
CA ALA G 26 1.39 20.48 18.72
C ALA G 26 2.65 21.31 19.00
N THR G 27 3.80 20.63 19.20
CA THR G 27 5.11 21.23 19.52
C THR G 27 5.46 22.42 18.62
N ASN G 28 5.29 22.29 17.28
CA ASN G 28 5.61 23.34 16.33
C ASN G 28 4.32 24.04 15.85
N ASP G 29 3.66 24.76 16.77
CA ASP G 29 2.42 25.50 16.51
C ASP G 29 2.51 26.94 17.02
N TYR G 30 1.85 27.86 16.29
CA TYR G 30 1.79 29.27 16.65
C TYR G 30 0.44 29.63 17.26
N ILE G 31 0.48 30.59 18.18
CA ILE G 31 -0.69 31.20 18.82
C ILE G 31 -0.84 32.56 18.10
N THR G 32 -1.87 32.71 17.26
CA THR G 32 -2.10 33.92 16.48
C THR G 32 -3.45 34.55 16.87
N TRP G 33 -3.53 35.89 16.85
CA TRP G 33 -4.74 36.61 17.23
C TRP G 33 -5.14 37.64 16.17
N TYR G 34 -6.46 37.70 15.86
CA TYR G 34 -7.05 38.60 14.88
C TYR G 34 -8.22 39.40 15.47
N GLN G 35 -8.28 40.70 15.12
CA GLN G 35 -9.27 41.69 15.58
C GLN G 35 -10.18 42.08 14.40
N GLN G 36 -11.40 41.52 14.36
CA GLN G 36 -12.33 41.80 13.27
C GLN G 36 -13.42 42.80 13.67
N PHE G 37 -13.55 43.90 12.89
CA PHE G 37 -14.56 44.93 13.07
C PHE G 37 -15.71 44.71 12.09
N PRO G 38 -16.98 44.95 12.48
CA PRO G 38 -18.09 44.69 11.54
C PRO G 38 -18.38 45.88 10.62
N SER G 39 -18.34 45.69 9.29
CA SER G 39 -18.02 44.43 8.61
C SER G 39 -16.81 44.64 7.70
N GLN G 40 -15.63 44.23 8.18
CA GLN G 40 -14.34 44.38 7.50
C GLN G 40 -13.43 43.18 7.78
N GLY G 41 -12.28 43.14 7.12
CA GLY G 41 -11.29 42.08 7.29
C GLY G 41 -10.61 42.10 8.64
N PRO G 42 -10.19 40.93 9.18
CA PRO G 42 -9.54 40.93 10.50
C PRO G 42 -8.15 41.54 10.51
N ARG G 43 -7.79 42.14 11.66
CA ARG G 43 -6.49 42.79 11.89
C ARG G 43 -5.58 41.88 12.72
N PHE G 44 -4.37 41.59 12.22
CA PHE G 44 -3.40 40.78 12.94
C PHE G 44 -2.84 41.60 14.11
N ILE G 45 -3.10 41.17 15.36
CA ILE G 45 -2.70 41.87 16.58
C ILE G 45 -1.30 41.40 17.05
N ILE G 46 -1.22 40.13 17.50
CA ILE G 46 -0.01 39.53 18.04
C ILE G 46 0.07 38.04 17.63
N GLN G 47 1.27 37.47 17.75
CA GLN G 47 1.60 36.08 17.48
C GLN G 47 2.78 35.66 18.35
N GLY G 48 2.81 34.38 18.75
CA GLY G 48 3.88 33.83 19.57
C GLY G 48 4.05 32.33 19.47
N TYR G 49 5.14 31.83 20.07
CA TYR G 49 5.47 30.41 20.09
C TYR G 49 5.51 29.88 21.52
N LYS G 50 6.62 30.14 22.26
CA LYS G 50 6.79 29.70 23.65
C LYS G 50 7.07 30.87 24.59
N THR G 51 7.35 32.00 23.95
CA THR G 51 7.71 33.07 24.88
C THR G 51 6.72 34.21 24.85
N LYS G 52 6.81 35.07 25.87
CA LYS G 52 5.88 36.17 26.05
C LYS G 52 6.12 37.27 25.00
N VAL G 53 5.05 37.73 24.33
CA VAL G 53 5.13 38.74 23.27
C VAL G 53 4.48 40.06 23.73
N THR G 54 5.01 41.19 23.24
CA THR G 54 4.56 42.55 23.57
C THR G 54 4.44 43.40 22.29
N ASN G 55 3.21 43.90 22.05
CA ASN G 55 2.85 44.75 20.91
C ASN G 55 2.35 46.12 21.35
N GLU G 56 2.22 47.07 20.41
CA GLU G 56 1.68 48.42 20.66
C GLU G 56 0.16 48.32 20.93
N VAL G 57 -0.47 47.27 20.38
CA VAL G 57 -1.90 46.97 20.48
C VAL G 57 -2.21 46.13 21.74
N ALA G 58 -1.49 44.99 21.96
CA ALA G 58 -1.73 44.09 23.10
C ALA G 58 -0.45 43.33 23.56
N SER G 59 -0.64 42.25 24.36
CA SER G 59 0.44 41.40 24.88
C SER G 59 -0.02 39.94 25.05
N LEU G 60 0.80 38.98 24.58
CA LEU G 60 0.51 37.55 24.63
C LEU G 60 1.30 36.86 25.75
N PHE G 61 0.59 36.01 26.52
CA PHE G 61 1.11 35.22 27.65
C PHE G 61 1.00 33.73 27.37
N ILE G 62 2.14 33.02 27.38
CA ILE G 62 2.18 31.57 27.15
C ILE G 62 2.92 30.90 28.32
N PRO G 63 2.25 30.01 29.09
CA PRO G 63 2.95 29.30 30.16
C PRO G 63 3.75 28.12 29.60
N ALA G 64 4.49 27.41 30.46
CA ALA G 64 5.37 26.28 30.12
C ALA G 64 4.65 25.08 29.46
N ASP G 65 3.48 24.67 30.00
CA ASP G 65 2.73 23.50 29.50
C ASP G 65 2.05 23.75 28.14
N ARG G 66 1.84 25.03 27.74
CA ARG G 66 1.22 25.48 26.48
C ARG G 66 -0.26 25.01 26.31
N LYS G 67 -0.88 24.49 27.39
CA LYS G 67 -2.27 23.99 27.41
C LYS G 67 -3.30 25.12 27.22
N SER G 68 -2.91 26.37 27.49
CA SER G 68 -3.75 27.57 27.36
C SER G 68 -2.88 28.81 27.12
N SER G 69 -3.49 29.89 26.62
CA SER G 69 -2.84 31.17 26.38
C SER G 69 -3.79 32.31 26.72
N THR G 70 -3.26 33.51 27.03
CA THR G 70 -4.08 34.66 27.39
C THR G 70 -3.57 35.93 26.69
N LEU G 71 -4.47 36.62 25.97
CA LEU G 71 -4.22 37.88 25.29
C LEU G 71 -4.63 39.02 26.21
N SER G 72 -3.67 39.83 26.66
CA SER G 72 -3.97 40.95 27.55
C SER G 72 -3.86 42.28 26.82
N LEU G 73 -4.96 43.05 26.84
CA LEU G 73 -5.05 44.39 26.27
C LEU G 73 -4.83 45.38 27.42
N PRO G 74 -4.00 46.46 27.23
CA PRO G 74 -3.69 47.35 28.38
C PRO G 74 -4.89 48.13 28.93
N ARG G 75 -5.24 49.28 28.32
CA ARG G 75 -6.38 50.09 28.72
C ARG G 75 -7.35 50.09 27.57
N VAL G 76 -8.43 49.31 27.68
CA VAL G 76 -9.39 49.18 26.58
C VAL G 76 -10.09 50.51 26.33
N SER G 77 -10.03 50.96 25.06
CA SER G 77 -10.67 52.18 24.58
C SER G 77 -11.94 51.81 23.81
N LEU G 78 -12.90 52.76 23.68
CA LEU G 78 -14.19 52.58 22.99
C LEU G 78 -14.05 51.99 21.57
N SER G 79 -12.87 52.20 20.94
CA SER G 79 -12.51 51.74 19.61
C SER G 79 -12.16 50.24 19.57
N ASP G 80 -11.84 49.64 20.73
CA ASP G 80 -11.43 48.23 20.86
C ASP G 80 -12.63 47.24 20.84
N THR G 81 -13.87 47.74 20.59
CA THR G 81 -15.09 46.93 20.50
C THR G 81 -15.03 46.14 19.18
N ALA G 82 -14.60 44.86 19.25
CA ALA G 82 -14.44 43.99 18.08
C ALA G 82 -14.54 42.50 18.44
N VAL G 83 -14.43 41.63 17.42
CA VAL G 83 -14.43 40.16 17.57
C VAL G 83 -12.96 39.72 17.56
N TYR G 84 -12.51 39.07 18.64
CA TYR G 84 -11.13 38.63 18.79
C TYR G 84 -11.01 37.14 18.57
N TYR G 85 -10.39 36.76 17.45
CA TYR G 85 -10.19 35.37 17.03
C TYR G 85 -8.82 34.84 17.45
N CYS G 86 -8.79 33.63 18.04
CA CYS G 86 -7.59 32.91 18.48
C CYS G 86 -7.38 31.73 17.52
N LEU G 87 -6.15 31.57 16.98
CA LEU G 87 -5.87 30.51 16.01
C LEU G 87 -4.58 29.75 16.31
N VAL G 88 -4.65 28.41 16.26
CA VAL G 88 -3.51 27.52 16.46
C VAL G 88 -3.20 26.74 15.18
N GLY G 89 -1.91 26.56 14.90
CA GLY G 89 -1.41 25.87 13.72
C GLY G 89 -0.09 26.40 13.18
N ASP G 90 0.61 25.57 12.39
CA ASP G 90 1.90 25.88 11.77
C ASP G 90 1.76 26.62 10.41
N GLY G 91 0.52 26.86 9.99
CA GLY G 91 0.20 27.57 8.76
C GLY G 91 -0.15 26.69 7.57
N GLY G 92 -0.25 25.38 7.80
CA GLY G 92 -0.59 24.43 6.76
C GLY G 92 0.58 24.08 5.85
N SER G 93 0.29 23.25 4.80
CA SER G 93 1.18 22.69 3.78
C SER G 93 2.17 23.69 3.14
N PHE G 94 1.76 24.97 3.04
CA PHE G 94 2.52 26.06 2.43
C PHE G 94 3.55 26.70 3.40
N SER G 95 3.90 26.01 4.52
CA SER G 95 4.84 26.56 5.50
C SER G 95 6.00 25.61 5.98
N GLY G 96 5.87 24.28 6.06
CA GLY G 96 4.70 23.44 5.81
C GLY G 96 4.46 22.46 6.94
N GLY G 97 3.20 22.04 7.08
CA GLY G 97 2.79 21.09 8.11
C GLY G 97 1.31 20.74 8.08
N TYR G 98 0.92 19.79 8.95
CA TYR G 98 -0.46 19.29 9.10
C TYR G 98 -1.42 20.39 9.59
N ASN G 99 -1.04 21.09 10.68
CA ASN G 99 -1.84 22.08 11.38
C ASN G 99 -2.02 23.41 10.61
N LYS G 100 -3.15 23.49 9.88
CA LYS G 100 -3.60 24.64 9.10
C LYS G 100 -4.52 25.51 9.99
N LEU G 101 -4.37 26.84 9.90
CA LEU G 101 -5.13 27.82 10.70
C LEU G 101 -6.60 27.88 10.27
N ILE G 102 -7.52 27.52 11.21
CA ILE G 102 -8.98 27.53 11.00
C ILE G 102 -9.60 28.49 12.02
N PHE G 103 -10.47 29.40 11.53
CA PHE G 103 -11.13 30.41 12.34
C PHE G 103 -12.22 29.84 13.22
N GLY G 104 -12.11 30.12 14.51
CA GLY G 104 -13.07 29.74 15.53
C GLY G 104 -14.16 30.78 15.67
N ALA G 105 -15.05 30.61 16.66
CA ALA G 105 -16.17 31.53 16.91
C ALA G 105 -15.70 32.94 17.31
N GLY G 106 -14.64 33.02 18.10
CA GLY G 106 -14.07 34.28 18.56
C GLY G 106 -14.85 34.93 19.68
N THR G 107 -14.16 35.74 20.49
CA THR G 107 -14.76 36.45 21.61
C THR G 107 -15.28 37.81 21.16
N ARG G 108 -16.60 38.02 21.29
CA ARG G 108 -17.24 39.29 20.94
C ARG G 108 -17.03 40.27 22.10
N LEU G 109 -16.16 41.25 21.93
CA LEU G 109 -15.89 42.19 23.00
C LEU G 109 -16.67 43.42 22.73
N ALA G 110 -17.16 44.06 23.78
CA ALA G 110 -17.81 45.34 23.68
C ALA G 110 -17.34 46.25 24.76
N VAL G 111 -16.93 47.47 24.42
CA VAL G 111 -16.43 48.43 25.39
C VAL G 111 -17.38 49.61 25.53
N HIS G 112 -17.54 50.03 26.79
CA HIS G 112 -18.58 50.91 27.23
C HIS G 112 -17.98 52.04 27.99
N PRO G 113 -18.70 53.24 27.91
CA PRO G 113 -18.08 54.33 28.65
C PRO G 113 -18.39 54.23 30.08
N TYR G 114 -17.69 54.94 30.95
CA TYR G 114 -18.08 54.97 32.33
C TYR G 114 -18.60 56.32 32.71
N ILE G 115 -19.87 56.41 33.05
CA ILE G 115 -20.55 57.65 33.27
C ILE G 115 -20.67 57.90 34.74
N GLN G 116 -19.87 58.84 35.20
CA GLN G 116 -19.77 59.17 36.63
C GLN G 116 -20.98 59.97 37.12
N ASN G 117 -21.58 60.79 36.24
CA ASN G 117 -22.75 61.62 36.56
C ASN G 117 -23.85 61.46 35.48
N PRO G 118 -24.75 60.45 35.62
CA PRO G 118 -25.81 60.27 34.61
C PRO G 118 -26.91 61.32 34.70
N ASP G 119 -27.56 61.59 33.55
CA ASP G 119 -28.65 62.55 33.40
C ASP G 119 -29.66 61.97 32.36
N PRO G 120 -30.43 60.91 32.72
CA PRO G 120 -31.36 60.32 31.74
C PRO G 120 -32.54 61.24 31.41
N ALA G 121 -32.86 61.37 30.11
CA ALA G 121 -33.95 62.21 29.58
C ALA G 121 -34.32 61.85 28.15
N VAL G 122 -35.60 62.06 27.78
CA VAL G 122 -36.12 61.81 26.43
C VAL G 122 -36.50 63.17 25.80
N TYR G 123 -35.83 63.53 24.69
CA TYR G 123 -36.04 64.80 23.99
C TYR G 123 -36.70 64.56 22.62
N GLN G 124 -37.50 65.53 22.16
CA GLN G 124 -38.19 65.44 20.86
C GLN G 124 -37.55 66.37 19.85
N LEU G 125 -36.90 65.80 18.81
CA LEU G 125 -36.25 66.57 17.75
C LEU G 125 -37.15 66.63 16.53
N ARG G 126 -37.34 67.83 15.97
CA ARG G 126 -38.17 68.01 14.77
C ARG G 126 -37.30 68.36 13.56
N ASP G 127 -37.77 68.00 12.36
CA ASP G 127 -37.07 68.23 11.09
C ASP G 127 -37.06 69.71 10.71
N SER G 128 -36.13 70.09 9.82
CA SER G 128 -35.99 71.46 9.30
C SER G 128 -36.82 71.66 8.03
N ASP G 132 -45.57 68.28 11.68
CA ASP G 132 -44.43 67.70 10.99
C ASP G 132 -43.84 66.51 11.79
N LYS G 133 -43.05 65.64 11.11
CA LYS G 133 -42.42 64.45 11.67
C LYS G 133 -41.39 64.82 12.76
N SER G 134 -41.36 64.02 13.84
CA SER G 134 -40.46 64.17 15.00
C SER G 134 -39.86 62.81 15.44
N VAL G 135 -38.76 62.85 16.23
CA VAL G 135 -38.07 61.67 16.77
C VAL G 135 -37.75 61.86 18.25
N CYS G 136 -37.75 60.76 19.04
CA CYS G 136 -37.47 60.77 20.47
C CYS G 136 -36.02 60.34 20.74
N LEU G 137 -35.30 61.11 21.60
CA LEU G 137 -33.91 60.84 21.93
C LEU G 137 -33.72 60.50 23.42
N PHE G 138 -33.34 59.25 23.70
CA PHE G 138 -33.02 58.80 25.05
C PHE G 138 -31.51 58.86 25.16
N THR G 139 -31.00 59.90 25.85
CA THR G 139 -29.56 60.14 25.93
C THR G 139 -29.11 60.50 27.37
N ASP G 140 -27.77 60.58 27.57
CA ASP G 140 -27.04 60.91 28.81
C ASP G 140 -27.34 59.90 29.95
N PHE G 141 -27.66 58.64 29.59
CA PHE G 141 -27.95 57.60 30.57
C PHE G 141 -26.70 56.74 30.84
N ASP G 142 -26.66 56.07 32.01
CA ASP G 142 -25.55 55.21 32.45
C ASP G 142 -25.43 53.96 31.54
N SER G 143 -24.22 53.38 31.48
CA SER G 143 -23.90 52.19 30.68
C SER G 143 -24.61 50.93 31.21
N GLN G 144 -25.05 50.93 32.47
CA GLN G 144 -25.79 49.81 33.07
C GLN G 144 -27.26 49.81 32.59
N THR G 145 -27.77 50.98 32.15
CA THR G 145 -29.14 51.14 31.63
C THR G 145 -29.18 50.55 30.21
N ASN G 146 -30.09 49.57 29.97
CA ASN G 146 -30.23 48.88 28.69
C ASN G 146 -31.56 49.18 27.99
N VAL G 147 -31.50 49.30 26.65
CA VAL G 147 -32.67 49.56 25.80
C VAL G 147 -33.19 48.25 25.19
N SER G 148 -34.50 48.19 24.92
CA SER G 148 -35.14 47.01 24.33
C SER G 148 -35.84 47.38 23.02
N GLN G 149 -35.98 46.39 22.12
CA GLN G 149 -36.66 46.52 20.82
C GLN G 149 -38.17 46.71 21.03
N SER G 150 -38.86 47.31 20.04
CA SER G 150 -40.30 47.55 20.12
C SER G 150 -41.13 46.29 19.81
N LYS G 151 -42.33 46.23 20.40
CA LYS G 151 -43.28 45.14 20.21
C LYS G 151 -44.10 45.37 18.93
N ASP G 152 -44.40 46.65 18.62
CA ASP G 152 -45.16 47.08 17.45
C ASP G 152 -44.27 47.17 16.20
N SER G 153 -44.82 46.76 15.03
CA SER G 153 -44.13 46.78 13.75
C SER G 153 -43.95 48.20 13.21
N ASP G 154 -44.87 49.13 13.57
CA ASP G 154 -44.86 50.53 13.13
C ASP G 154 -43.93 51.39 13.99
N VAL G 155 -43.56 50.89 15.18
CA VAL G 155 -42.66 51.59 16.11
C VAL G 155 -41.24 51.02 15.92
N TYR G 156 -40.26 51.91 15.64
CA TYR G 156 -38.86 51.55 15.39
C TYR G 156 -37.96 52.13 16.48
N ILE G 157 -37.18 51.26 17.16
CA ILE G 157 -36.25 51.66 18.23
C ILE G 157 -34.83 51.14 17.86
N THR G 158 -33.80 52.00 18.02
CA THR G 158 -32.39 51.69 17.72
C THR G 158 -31.62 51.31 18.98
N ASP G 159 -30.59 50.46 18.83
CA ASP G 159 -29.74 50.01 19.95
C ASP G 159 -28.84 51.17 20.41
N LYS G 160 -28.56 51.23 21.73
CA LYS G 160 -27.75 52.25 22.39
C LYS G 160 -26.32 52.28 21.86
N CYS G 161 -25.83 53.49 21.56
CA CYS G 161 -24.47 53.70 21.06
C CYS G 161 -23.80 54.87 21.80
N VAL G 162 -22.45 54.84 21.88
CA VAL G 162 -21.66 55.84 22.61
C VAL G 162 -20.92 56.81 21.65
N LEU G 163 -21.01 58.11 21.95
CA LEU G 163 -20.32 59.16 21.18
C LEU G 163 -19.21 59.77 22.04
N ASP G 164 -18.00 59.87 21.46
CA ASP G 164 -16.82 60.41 22.13
C ASP G 164 -16.54 61.83 21.64
N MET G 165 -16.46 62.77 22.58
CA MET G 165 -16.15 64.18 22.33
C MET G 165 -14.82 64.47 23.00
N ARG G 166 -13.72 64.26 22.25
CA ARG G 166 -12.34 64.43 22.73
C ARG G 166 -11.96 65.92 22.97
N SER G 167 -12.86 66.86 22.61
CA SER G 167 -12.66 68.30 22.81
C SER G 167 -12.74 68.67 24.29
N MET G 168 -13.60 67.96 25.06
CA MET G 168 -13.83 68.15 26.49
C MET G 168 -13.70 66.83 27.28
N ASP G 169 -13.28 65.74 26.59
CA ASP G 169 -13.14 64.36 27.11
C ASP G 169 -14.50 63.85 27.65
N PHE G 170 -15.59 64.33 27.04
CA PHE G 170 -16.97 64.01 27.40
C PHE G 170 -17.49 62.86 26.53
N LYS G 171 -18.18 61.90 27.17
CA LYS G 171 -18.78 60.73 26.53
C LYS G 171 -20.22 60.60 27.00
N SER G 172 -21.11 60.05 26.13
CA SER G 172 -22.54 59.86 26.47
C SER G 172 -23.21 58.80 25.60
N ASN G 173 -24.12 58.02 26.20
CA ASN G 173 -24.91 57.00 25.50
C ASN G 173 -26.12 57.67 24.84
N SER G 174 -26.68 57.03 23.79
CA SER G 174 -27.82 57.58 23.03
C SER G 174 -28.66 56.50 22.34
N ALA G 175 -29.97 56.75 22.26
CA ALA G 175 -30.97 55.88 21.60
C ALA G 175 -32.02 56.74 20.89
N VAL G 176 -32.39 56.34 19.65
CA VAL G 176 -33.38 57.05 18.82
C VAL G 176 -34.59 56.15 18.55
N ALA G 177 -35.80 56.72 18.62
CA ALA G 177 -37.07 56.04 18.36
C ALA G 177 -38.02 56.91 17.55
N TRP G 178 -38.80 56.29 16.65
CA TRP G 178 -39.76 56.99 15.79
C TRP G 178 -40.89 56.08 15.33
N SER G 179 -42.05 56.68 15.04
CA SER G 179 -43.25 56.01 14.54
C SER G 179 -44.20 57.02 13.92
N ASN G 180 -44.86 56.61 12.83
CA ASN G 180 -45.84 57.41 12.09
C ASN G 180 -47.27 57.12 12.60
N LYS G 181 -47.40 56.11 13.48
CA LYS G 181 -48.66 55.65 14.07
C LYS G 181 -49.30 56.70 14.98
N SER G 182 -50.64 56.81 14.94
CA SER G 182 -51.44 57.74 15.73
C SER G 182 -52.20 56.98 16.84
N ASP G 183 -51.97 57.31 18.14
CA ASP G 183 -51.05 58.36 18.59
C ASP G 183 -49.86 57.77 19.34
N PHE G 184 -48.66 58.23 18.98
CA PHE G 184 -47.37 57.84 19.55
C PHE G 184 -46.70 59.08 20.17
N ALA G 185 -46.34 59.00 21.47
CA ALA G 185 -45.69 60.09 22.21
C ALA G 185 -44.30 59.67 22.71
N CYS G 186 -43.45 60.66 23.06
CA CYS G 186 -42.10 60.40 23.56
C CYS G 186 -42.14 59.93 25.03
N ALA G 187 -43.25 60.21 25.74
CA ALA G 187 -43.46 59.79 27.14
C ALA G 187 -43.71 58.27 27.24
N ASN G 188 -44.19 57.66 26.13
CA ASN G 188 -44.49 56.23 26.01
C ASN G 188 -43.47 55.49 25.11
N ALA G 189 -42.63 56.24 24.37
CA ALA G 189 -41.63 55.72 23.44
C ALA G 189 -40.66 54.69 24.05
N PHE G 190 -40.05 55.02 25.21
CA PHE G 190 -39.08 54.15 25.88
C PHE G 190 -39.62 53.60 27.21
N ASN G 191 -40.95 53.45 27.34
CA ASN G 191 -41.60 52.95 28.55
C ASN G 191 -41.39 51.42 28.76
N ASN G 192 -41.35 50.65 27.65
CA ASN G 192 -41.18 49.19 27.67
C ASN G 192 -39.69 48.78 27.54
N SER G 193 -38.77 49.62 28.07
CA SER G 193 -37.33 49.38 28.01
C SER G 193 -36.76 48.58 29.23
N ILE G 194 -36.98 48.96 30.52
CA ILE G 194 -37.71 50.11 31.08
C ILE G 194 -36.73 51.17 31.58
N ILE G 195 -37.08 52.46 31.34
CA ILE G 195 -36.30 53.66 31.69
C ILE G 195 -36.15 53.83 33.23
N PRO G 196 -35.10 54.54 33.72
CA PRO G 196 -34.95 54.74 35.18
C PRO G 196 -36.01 55.68 35.78
N GLU G 197 -36.10 55.71 37.12
CA GLU G 197 -37.04 56.54 37.87
C GLU G 197 -36.67 58.04 37.81
N ASP G 198 -35.36 58.35 37.66
CA ASP G 198 -34.88 59.72 37.58
C ASP G 198 -34.65 60.13 36.09
N THR G 199 -35.76 60.15 35.30
CA THR G 199 -35.76 60.50 33.88
C THR G 199 -36.61 61.77 33.67
N PHE G 200 -36.13 62.68 32.78
CA PHE G 200 -36.78 63.94 32.45
C PHE G 200 -37.61 63.82 31.18
N PHE G 201 -38.88 64.26 31.26
CA PHE G 201 -39.84 64.26 30.16
C PHE G 201 -40.48 65.67 30.01
N PRO G 202 -40.04 66.50 29.04
CA PRO G 202 -40.62 67.84 28.91
C PRO G 202 -41.90 67.84 28.05
N MET H 1 2.59 46.18 6.28
CA MET H 1 1.93 45.34 5.28
C MET H 1 0.44 45.70 5.15
N VAL H 2 0.02 46.17 3.95
CA VAL H 2 -1.35 46.60 3.66
C VAL H 2 -1.88 45.87 2.39
N VAL H 3 -3.12 45.32 2.46
CA VAL H 3 -3.79 44.60 1.36
C VAL H 3 -5.11 45.30 1.02
N SER H 4 -5.36 45.56 -0.28
CA SER H 4 -6.59 46.20 -0.76
C SER H 4 -7.46 45.22 -1.56
N GLN H 5 -8.78 45.52 -1.66
CA GLN H 5 -9.74 44.68 -2.38
C GLN H 5 -10.74 45.55 -3.16
N HIS H 6 -10.82 45.32 -4.49
CA HIS H 6 -11.72 46.05 -5.37
C HIS H 6 -12.60 45.08 -6.19
N PRO H 7 -13.93 45.30 -6.30
CA PRO H 7 -14.72 46.38 -5.69
C PRO H 7 -15.00 46.12 -4.21
N SER H 8 -15.32 47.18 -3.45
CA SER H 8 -15.63 47.10 -2.03
C SER H 8 -17.05 46.58 -1.83
N TRP H 9 -18.02 47.17 -2.57
CA TRP H 9 -19.43 46.80 -2.57
C TRP H 9 -19.87 46.39 -3.98
N VAL H 10 -20.60 45.26 -4.11
CA VAL H 10 -21.05 44.75 -5.41
C VAL H 10 -22.48 44.16 -5.31
N ILE H 11 -23.34 44.51 -6.30
CA ILE H 11 -24.73 44.09 -6.48
C ILE H 11 -24.89 43.67 -7.94
N CYS H 12 -25.42 42.44 -8.20
CA CYS H 12 -25.61 41.93 -9.57
C CYS H 12 -26.84 41.02 -9.68
N LYS H 13 -27.19 40.64 -10.93
CA LYS H 13 -28.30 39.74 -11.24
C LYS H 13 -27.79 38.29 -11.25
N SER H 14 -28.71 37.31 -11.24
CA SER H 14 -28.36 35.89 -11.25
C SER H 14 -27.87 35.46 -12.65
N GLY H 15 -26.62 35.01 -12.71
CA GLY H 15 -25.95 34.60 -13.93
C GLY H 15 -24.71 35.41 -14.24
N THR H 16 -24.66 36.66 -13.71
CA THR H 16 -23.57 37.62 -13.87
C THR H 16 -22.29 37.14 -13.16
N SER H 17 -21.14 37.35 -13.79
CA SER H 17 -19.84 36.97 -13.22
C SER H 17 -19.17 38.21 -12.59
N VAL H 18 -18.66 38.06 -11.35
CA VAL H 18 -18.06 39.17 -10.59
C VAL H 18 -16.55 38.94 -10.36
N LYS H 19 -15.71 39.92 -10.76
CA LYS H 19 -14.25 39.88 -10.60
C LYS H 19 -13.82 40.68 -9.35
N ILE H 20 -13.45 39.98 -8.27
CA ILE H 20 -12.96 40.58 -7.03
C ILE H 20 -11.43 40.53 -7.09
N GLU H 21 -10.78 41.70 -7.15
CA GLU H 21 -9.33 41.81 -7.26
C GLU H 21 -8.66 41.97 -5.89
N CYS H 22 -7.59 41.19 -5.64
CA CYS H 22 -6.79 41.22 -4.42
C CYS H 22 -5.42 41.79 -4.76
N ARG H 23 -5.04 42.91 -4.13
CA ARG H 23 -3.76 43.57 -4.43
C ARG H 23 -2.92 43.83 -3.18
N SER H 24 -1.61 43.55 -3.29
CA SER H 24 -0.60 43.83 -2.27
C SER H 24 -0.08 45.23 -2.55
N LEU H 25 -0.07 46.12 -1.54
CA LEU H 25 0.27 47.52 -1.78
C LEU H 25 1.65 47.98 -1.31
N ASP H 26 2.16 47.52 -0.15
CA ASP H 26 3.48 47.94 0.31
C ASP H 26 4.45 46.74 0.48
N PHE H 27 4.12 45.60 -0.15
CA PHE H 27 4.94 44.39 -0.14
C PHE H 27 4.62 43.51 -1.35
N GLN H 28 5.40 42.44 -1.58
CA GLN H 28 5.19 41.53 -2.69
C GLN H 28 4.70 40.18 -2.14
N ALA H 29 3.39 39.92 -2.33
CA ALA H 29 2.65 38.75 -1.83
C ALA H 29 3.19 37.42 -2.37
N THR H 30 3.86 36.68 -1.47
CA THR H 30 4.42 35.36 -1.74
C THR H 30 3.27 34.36 -1.91
N THR H 31 2.31 34.38 -0.98
CA THR H 31 1.15 33.51 -0.99
C THR H 31 -0.10 34.35 -0.79
N MET H 32 -1.12 34.16 -1.64
CA MET H 32 -2.39 34.87 -1.52
C MET H 32 -3.52 33.87 -1.33
N PHE H 33 -4.34 34.11 -0.30
CA PHE H 33 -5.47 33.26 0.10
C PHE H 33 -6.81 33.90 -0.23
N TRP H 34 -7.90 33.15 -0.02
CA TRP H 34 -9.28 33.58 -0.22
C TRP H 34 -10.17 32.96 0.85
N TYR H 35 -11.02 33.79 1.48
CA TYR H 35 -11.91 33.39 2.56
C TYR H 35 -13.35 33.82 2.28
N ARG H 36 -14.32 33.12 2.88
CA ARG H 36 -15.76 33.35 2.70
C ARG H 36 -16.46 33.37 4.07
N GLN H 37 -17.16 34.48 4.37
CA GLN H 37 -17.89 34.65 5.62
C GLN H 37 -19.38 34.93 5.34
N PHE H 38 -20.27 34.14 5.97
CA PHE H 38 -21.73 34.25 5.81
C PHE H 38 -22.34 35.16 6.92
N PRO H 39 -23.63 35.61 6.80
CA PRO H 39 -24.23 36.53 7.78
C PRO H 39 -23.64 36.55 9.21
N LYS H 40 -23.90 35.52 10.04
CA LYS H 40 -23.38 35.49 11.40
C LYS H 40 -22.56 34.22 11.63
N GLN H 41 -21.45 34.10 10.89
CA GLN H 41 -20.55 32.95 10.95
C GLN H 41 -19.08 33.42 10.93
N SER H 42 -18.14 32.47 11.14
CA SER H 42 -16.70 32.71 11.12
C SER H 42 -16.15 32.61 9.70
N LEU H 43 -14.86 32.95 9.50
CA LEU H 43 -14.19 32.91 8.21
C LEU H 43 -13.88 31.48 7.77
N MET H 44 -14.11 31.20 6.48
CA MET H 44 -13.87 29.90 5.87
C MET H 44 -12.94 30.04 4.67
N LEU H 45 -11.84 29.26 4.66
CA LEU H 45 -10.88 29.29 3.56
C LEU H 45 -11.46 28.62 2.31
N MET H 46 -11.34 29.29 1.16
CA MET H 46 -11.79 28.75 -0.11
C MET H 46 -10.60 28.14 -0.81
N ALA H 47 -9.55 28.95 -1.09
CA ALA H 47 -8.34 28.47 -1.76
C ALA H 47 -7.08 29.22 -1.36
N THR H 48 -5.93 28.68 -1.81
CA THR H 48 -4.57 29.17 -1.62
C THR H 48 -3.90 29.22 -3.00
N SER H 49 -3.21 30.33 -3.31
CA SER H 49 -2.59 30.50 -4.63
C SER H 49 -1.19 31.14 -4.59
N ASN H 50 -0.36 30.80 -5.60
CA ASN H 50 1.01 31.26 -5.78
C ASN H 50 1.29 31.58 -7.25
N GLU H 51 2.11 32.62 -7.50
CA GLU H 51 2.49 33.02 -8.86
C GLU H 51 3.46 31.98 -9.47
N GLY H 52 3.32 31.65 -10.74
CA GLY H 52 2.15 31.90 -11.54
C GLY H 52 0.96 31.08 -11.20
N SER H 53 1.15 29.79 -11.00
CA SER H 53 0.05 28.88 -10.81
C SER H 53 0.42 27.95 -9.71
N LYS H 54 -0.54 27.30 -9.06
CA LYS H 54 -1.97 27.32 -9.40
C LYS H 54 -2.78 27.17 -8.13
N ALA H 55 -4.08 27.30 -8.25
CA ALA H 55 -4.94 27.32 -7.09
C ALA H 55 -4.96 26.02 -6.37
N THR H 56 -5.12 26.05 -5.05
CA THR H 56 -5.19 24.85 -4.25
C THR H 56 -6.46 24.96 -3.47
N TYR H 57 -7.56 24.60 -4.10
CA TYR H 57 -8.86 24.73 -3.51
C TYR H 57 -9.05 23.71 -2.43
N GLU H 58 -9.93 24.00 -1.48
CA GLU H 58 -10.08 23.25 -0.23
C GLU H 58 -11.05 22.09 -0.36
N GLN H 59 -12.25 22.18 0.17
CA GLN H 59 -13.13 21.04 -0.02
C GLN H 59 -14.57 21.39 -0.03
N GLY H 60 -15.32 20.64 -0.82
CA GLY H 60 -16.75 20.77 -0.85
C GLY H 60 -17.17 21.94 -1.69
N VAL H 61 -16.18 22.62 -2.27
CA VAL H 61 -16.46 23.76 -3.09
C VAL H 61 -15.77 23.59 -4.44
N GLU H 62 -16.56 23.63 -5.49
CA GLU H 62 -16.07 23.34 -6.83
C GLU H 62 -15.21 24.46 -7.34
N LYS H 63 -14.31 24.18 -8.29
CA LYS H 63 -13.55 25.23 -8.93
C LYS H 63 -14.14 25.65 -10.25
N ASP H 64 -15.24 25.03 -10.63
CA ASP H 64 -15.92 25.45 -11.83
C ASP H 64 -16.47 26.84 -11.70
N LYS H 65 -17.06 27.14 -10.54
CA LYS H 65 -17.70 28.41 -10.19
C LYS H 65 -16.68 29.49 -9.79
N PHE H 66 -15.71 29.12 -8.92
CA PHE H 66 -14.67 30.02 -8.41
C PHE H 66 -13.37 29.92 -9.22
N LEU H 67 -12.97 31.02 -9.90
CA LEU H 67 -11.75 31.08 -10.71
C LEU H 67 -10.70 32.05 -10.15
N ILE H 68 -9.51 31.56 -9.84
CA ILE H 68 -8.48 32.41 -9.29
C ILE H 68 -7.31 32.52 -10.23
N ASN H 69 -6.81 33.74 -10.44
CA ASN H 69 -5.71 34.02 -11.36
C ASN H 69 -4.63 34.81 -10.70
N HIS H 70 -3.78 34.13 -9.97
CA HIS H 70 -2.70 34.74 -9.28
C HIS H 70 -1.58 34.82 -10.25
N ALA H 71 -1.63 35.80 -11.12
CA ALA H 71 -0.49 36.13 -11.94
C ALA H 71 -0.09 37.51 -11.49
N SER H 72 1.17 37.68 -11.13
CA SER H 72 1.76 38.88 -10.54
C SER H 72 1.94 38.79 -9.05
N LEU H 73 2.94 39.46 -8.55
CA LEU H 73 3.43 39.27 -7.21
C LEU H 73 2.66 40.16 -6.31
N THR H 74 1.72 40.85 -6.87
CA THR H 74 0.82 41.67 -6.07
C THR H 74 -0.66 41.43 -6.42
N LEU H 75 -0.98 40.95 -7.65
CA LEU H 75 -2.35 40.73 -8.10
C LEU H 75 -2.82 39.26 -8.05
N SER H 76 -4.11 39.07 -7.73
CA SER H 76 -4.86 37.80 -7.68
C SER H 76 -6.36 38.13 -7.73
N THR H 77 -7.05 37.71 -8.79
CA THR H 77 -8.48 38.01 -8.93
C THR H 77 -9.34 36.74 -8.84
N LEU H 78 -10.52 36.87 -8.21
CA LEU H 78 -11.49 35.79 -8.04
C LEU H 78 -12.75 36.08 -8.85
N THR H 79 -13.15 35.11 -9.69
CA THR H 79 -14.32 35.22 -10.57
C THR H 79 -15.40 34.24 -10.11
N VAL H 80 -16.64 34.72 -9.98
CA VAL H 80 -17.77 33.89 -9.57
C VAL H 80 -18.66 33.71 -10.81
N THR H 81 -18.46 32.58 -11.50
CA THR H 81 -19.18 32.22 -12.73
C THR H 81 -20.61 31.80 -12.38
N SER H 82 -21.60 32.34 -13.14
CA SER H 82 -23.05 32.10 -13.03
C SER H 82 -23.50 32.24 -11.56
N ALA H 83 -23.57 33.50 -11.10
CA ALA H 83 -23.94 33.88 -9.74
C ALA H 83 -25.34 33.41 -9.37
N HIS H 84 -25.47 32.93 -8.13
CA HIS H 84 -26.70 32.40 -7.53
C HIS H 84 -26.95 33.07 -6.19
N PRO H 85 -28.23 33.33 -5.77
CA PRO H 85 -28.46 33.97 -4.47
C PRO H 85 -27.72 33.35 -3.27
N GLU H 86 -27.32 32.05 -3.35
CA GLU H 86 -26.56 31.36 -2.29
C GLU H 86 -25.18 31.99 -2.08
N ASP H 87 -24.55 32.44 -3.19
CA ASP H 87 -23.21 33.04 -3.22
C ASP H 87 -23.14 34.38 -2.47
N SER H 88 -24.30 35.06 -2.25
CA SER H 88 -24.39 36.33 -1.54
C SER H 88 -23.71 36.18 -0.17
N SER H 89 -22.44 36.62 -0.10
CA SER H 89 -21.58 36.50 1.08
C SER H 89 -20.52 37.61 1.14
N PHE H 90 -19.73 37.62 2.24
CA PHE H 90 -18.61 38.54 2.46
C PHE H 90 -17.32 37.79 2.08
N TYR H 91 -16.56 38.33 1.11
CA TYR H 91 -15.34 37.70 0.61
C TYR H 91 -14.08 38.49 1.01
N ILE H 92 -13.15 37.84 1.74
CA ILE H 92 -11.89 38.47 2.19
C ILE H 92 -10.70 37.67 1.65
N CYS H 93 -9.64 38.37 1.20
CA CYS H 93 -8.42 37.73 0.70
C CYS H 93 -7.24 38.03 1.64
N SER H 94 -6.27 37.11 1.70
CA SER H 94 -5.06 37.27 2.52
C SER H 94 -3.82 37.35 1.66
N ALA H 95 -2.70 37.80 2.24
CA ALA H 95 -1.40 37.91 1.57
C ALA H 95 -0.26 37.82 2.58
N GLY H 96 0.72 36.97 2.29
CA GLY H 96 1.85 36.74 3.18
C GLY H 96 3.22 36.90 2.56
N VAL H 97 4.26 36.49 3.31
CA VAL H 97 5.66 36.59 2.89
C VAL H 97 6.49 35.25 3.09
N GLY H 98 5.91 34.04 3.01
CA GLY H 98 4.50 33.69 2.80
C GLY H 98 4.01 32.58 3.71
N GLY H 99 2.76 32.18 3.52
CA GLY H 99 2.10 31.16 4.32
C GLY H 99 0.99 31.76 5.13
N GLN H 100 0.18 30.91 5.78
CA GLN H 100 -0.98 31.34 6.56
C GLN H 100 -0.59 32.07 7.86
N GLU H 101 0.61 31.82 8.40
CA GLU H 101 1.03 32.46 9.64
C GLU H 101 1.35 33.93 9.40
N THR H 102 1.96 34.24 8.24
CA THR H 102 2.39 35.59 7.86
C THR H 102 1.28 36.41 7.17
N GLN H 103 0.07 35.82 6.98
CA GLN H 103 -1.04 36.44 6.26
C GLN H 103 -1.57 37.74 6.88
N TYR H 104 -1.97 38.68 6.00
CA TYR H 104 -2.57 39.99 6.27
C TYR H 104 -3.82 40.09 5.41
N PHE H 105 -4.99 40.24 6.05
CA PHE H 105 -6.30 40.24 5.39
C PHE H 105 -6.66 41.57 4.73
N GLY H 106 -7.43 41.48 3.65
CA GLY H 106 -7.93 42.61 2.89
C GLY H 106 -9.17 43.23 3.50
N PRO H 107 -9.70 44.37 2.97
CA PRO H 107 -10.88 45.00 3.58
C PRO H 107 -12.17 44.19 3.48
N GLY H 108 -12.28 43.37 2.43
CA GLY H 108 -13.45 42.53 2.19
C GLY H 108 -14.43 43.09 1.18
N THR H 109 -15.09 42.18 0.44
CA THR H 109 -16.08 42.50 -0.59
C THR H 109 -17.44 41.92 -0.21
N ARG H 110 -18.47 42.78 -0.15
CA ARG H 110 -19.82 42.31 0.17
C ARG H 110 -20.58 42.06 -1.15
N LEU H 111 -20.85 40.78 -1.44
CA LEU H 111 -21.55 40.34 -2.64
C LEU H 111 -23.04 40.15 -2.35
N LEU H 112 -23.88 40.58 -3.30
CA LEU H 112 -25.33 40.45 -3.23
C LEU H 112 -25.87 40.08 -4.61
N VAL H 113 -26.38 38.84 -4.73
CA VAL H 113 -26.94 38.30 -5.97
C VAL H 113 -28.46 38.28 -5.86
N LEU H 114 -29.15 38.78 -6.90
CA LEU H 114 -30.63 38.85 -6.96
C LEU H 114 -31.19 38.19 -8.21
N GLU H 115 -32.47 37.74 -8.16
CA GLU H 115 -33.18 37.15 -9.30
C GLU H 115 -33.51 38.26 -10.30
N ASP H 116 -33.91 39.45 -9.77
CA ASP H 116 -34.20 40.69 -10.49
C ASP H 116 -33.92 41.88 -9.54
N LEU H 117 -33.47 43.01 -10.09
CA LEU H 117 -33.08 44.21 -9.34
C LEU H 117 -34.26 45.16 -9.03
N LYS H 118 -35.52 44.68 -9.08
CA LYS H 118 -36.72 45.49 -8.79
C LYS H 118 -36.86 45.84 -7.30
N ASN H 119 -36.16 45.10 -6.41
CA ASN H 119 -36.17 45.29 -4.96
C ASN H 119 -35.23 46.42 -4.50
N VAL H 120 -34.25 46.82 -5.35
CA VAL H 120 -33.26 47.87 -5.06
C VAL H 120 -33.92 49.25 -5.04
N PHE H 121 -33.65 50.04 -3.97
CA PHE H 121 -34.16 51.40 -3.77
C PHE H 121 -33.16 52.29 -2.99
N PRO H 122 -33.02 53.59 -3.35
CA PRO H 122 -32.08 54.46 -2.62
C PRO H 122 -32.64 54.98 -1.28
N PRO H 123 -31.79 55.33 -0.27
CA PRO H 123 -32.33 55.80 1.02
C PRO H 123 -32.95 57.19 0.98
N GLU H 124 -33.86 57.47 1.96
CA GLU H 124 -34.53 58.75 2.14
C GLU H 124 -33.98 59.39 3.43
N VAL H 125 -32.98 60.29 3.25
CA VAL H 125 -32.24 60.97 4.33
C VAL H 125 -33.04 62.16 4.90
N ALA H 126 -33.14 62.21 6.25
CA ALA H 126 -33.85 63.26 7.00
C ALA H 126 -33.07 63.67 8.26
N VAL H 127 -32.68 64.96 8.35
CA VAL H 127 -31.92 65.50 9.50
C VAL H 127 -32.89 66.27 10.45
N PHE H 128 -32.76 66.01 11.76
CA PHE H 128 -33.60 66.59 12.82
C PHE H 128 -32.82 67.52 13.75
N GLU H 129 -33.24 68.80 13.79
CA GLU H 129 -32.67 69.86 14.64
C GLU H 129 -32.90 69.55 16.13
N PRO H 130 -31.93 69.84 17.04
CA PRO H 130 -32.14 69.52 18.47
C PRO H 130 -33.15 70.44 19.15
N SER H 131 -33.87 69.88 20.15
CA SER H 131 -34.87 70.56 20.96
C SER H 131 -34.23 71.60 21.87
N GLU H 132 -34.94 72.72 22.12
CA GLU H 132 -34.47 73.80 22.99
C GLU H 132 -34.31 73.32 24.43
N ALA H 133 -35.11 72.31 24.83
CA ALA H 133 -35.09 71.69 26.16
C ALA H 133 -33.78 70.96 26.42
N GLU H 134 -33.20 70.36 25.36
CA GLU H 134 -31.92 69.63 25.42
C GLU H 134 -30.78 70.61 25.66
N ILE H 135 -30.69 71.66 24.82
CA ILE H 135 -29.71 72.73 24.83
C ILE H 135 -29.78 73.51 26.17
N SER H 136 -30.99 73.67 26.74
CA SER H 136 -31.21 74.37 28.02
C SER H 136 -30.68 73.56 29.21
N HIS H 137 -30.84 72.23 29.17
CA HIS H 137 -30.47 71.33 30.27
C HIS H 137 -29.03 70.79 30.13
N THR H 138 -28.75 70.00 29.07
CA THR H 138 -27.43 69.38 28.88
C THR H 138 -26.35 70.38 28.43
N GLN H 139 -26.75 71.52 27.84
CA GLN H 139 -25.88 72.57 27.27
C GLN H 139 -25.07 71.99 26.09
N LYS H 140 -25.69 71.01 25.39
CA LYS H 140 -25.18 70.30 24.22
C LYS H 140 -26.34 70.07 23.24
N ALA H 141 -26.04 70.11 21.93
CA ALA H 141 -27.04 69.93 20.88
C ALA H 141 -26.73 68.69 20.02
N THR H 142 -27.67 67.74 19.97
CA THR H 142 -27.51 66.49 19.22
C THR H 142 -28.35 66.50 17.93
N LEU H 143 -27.66 66.60 16.78
CA LEU H 143 -28.26 66.57 15.44
C LEU H 143 -28.49 65.12 15.05
N VAL H 144 -29.76 64.71 14.97
CA VAL H 144 -30.12 63.33 14.65
C VAL H 144 -30.51 63.20 13.19
N CYS H 145 -29.83 62.29 12.47
CA CYS H 145 -30.10 61.99 11.07
C CYS H 145 -30.82 60.67 10.96
N LEU H 146 -31.54 60.45 9.84
CA LEU H 146 -32.29 59.23 9.61
C LEU H 146 -32.36 58.83 8.14
N ALA H 147 -31.78 57.66 7.83
CA ALA H 147 -31.81 57.06 6.49
C ALA H 147 -32.84 55.94 6.51
N THR H 148 -33.86 56.04 5.65
CA THR H 148 -34.93 55.05 5.62
C THR H 148 -35.27 54.59 4.20
N GLY H 149 -35.76 53.35 4.10
CA GLY H 149 -36.18 52.72 2.87
C GLY H 149 -35.07 52.50 1.86
N PHE H 150 -34.16 51.57 2.16
CA PHE H 150 -33.04 51.24 1.28
C PHE H 150 -32.74 49.74 1.29
N TYR H 151 -32.53 49.19 0.09
CA TYR H 151 -32.22 47.78 -0.15
C TYR H 151 -31.15 47.71 -1.26
N PRO H 152 -29.94 47.16 -1.01
CA PRO H 152 -29.43 46.56 0.22
C PRO H 152 -28.93 47.59 1.23
N ASP H 153 -28.35 47.12 2.36
CA ASP H 153 -27.81 47.98 3.40
C ASP H 153 -26.33 48.38 3.07
N HIS H 154 -25.97 48.34 1.77
CA HIS H 154 -24.66 48.73 1.25
C HIS H 154 -24.57 50.26 1.26
N VAL H 155 -24.46 50.85 2.46
CA VAL H 155 -24.44 52.30 2.67
C VAL H 155 -23.33 52.75 3.62
N GLU H 156 -22.86 54.00 3.43
CA GLU H 156 -21.85 54.68 4.25
C GLU H 156 -22.38 56.04 4.72
N LEU H 157 -22.57 56.19 6.03
CA LEU H 157 -23.05 57.44 6.63
C LEU H 157 -21.87 58.23 7.16
N SER H 158 -21.85 59.55 6.89
CA SER H 158 -20.80 60.47 7.33
C SER H 158 -21.37 61.84 7.66
N TRP H 159 -20.84 62.47 8.72
CA TRP H 159 -21.25 63.81 9.16
C TRP H 159 -20.28 64.87 8.64
N TRP H 160 -20.81 65.96 8.09
CA TRP H 160 -20.01 67.04 7.53
C TRP H 160 -20.40 68.41 8.14
N VAL H 161 -19.40 69.13 8.68
CA VAL H 161 -19.55 70.46 9.29
C VAL H 161 -18.69 71.46 8.51
N ASN H 162 -19.35 72.49 7.93
CA ASN H 162 -18.77 73.57 7.13
C ASN H 162 -17.88 73.03 5.97
N GLY H 163 -18.46 72.10 5.19
CA GLY H 163 -17.83 71.47 4.05
C GLY H 163 -16.70 70.50 4.33
N LYS H 164 -16.45 70.18 5.62
CA LYS H 164 -15.39 69.27 6.04
C LYS H 164 -15.94 68.15 6.93
N GLU H 165 -15.48 66.91 6.71
CA GLU H 165 -15.88 65.70 7.43
C GLU H 165 -15.44 65.75 8.91
N VAL H 166 -16.37 65.45 9.82
CA VAL H 166 -16.15 65.45 11.28
C VAL H 166 -16.30 64.00 11.81
N HIS H 167 -15.47 63.64 12.80
CA HIS H 167 -15.44 62.31 13.42
C HIS H 167 -15.57 62.38 14.96
N SER H 168 -15.48 63.60 15.54
CA SER H 168 -15.59 63.83 16.98
C SER H 168 -17.04 64.15 17.37
N GLY H 169 -17.57 63.37 18.30
CA GLY H 169 -18.94 63.48 18.77
C GLY H 169 -19.94 62.95 17.76
N VAL H 170 -19.57 61.85 17.11
CA VAL H 170 -20.34 61.17 16.05
C VAL H 170 -20.72 59.76 16.53
N CYS H 171 -21.99 59.39 16.35
CA CYS H 171 -22.47 58.05 16.68
C CYS H 171 -23.36 57.53 15.56
N THR H 172 -23.09 56.29 15.14
CA THR H 172 -23.84 55.60 14.09
C THR H 172 -24.03 54.15 14.51
N ASP H 173 -25.20 53.57 14.19
CA ASP H 173 -25.52 52.18 14.52
C ASP H 173 -24.68 51.22 13.68
N PRO H 174 -24.10 50.16 14.30
CA PRO H 174 -23.27 49.22 13.50
C PRO H 174 -24.10 48.34 12.55
N GLN H 175 -25.39 48.13 12.88
CA GLN H 175 -26.30 47.32 12.09
C GLN H 175 -27.62 48.05 11.80
N PRO H 176 -28.02 48.22 10.52
CA PRO H 176 -29.31 48.87 10.23
C PRO H 176 -30.47 47.91 10.48
N LEU H 177 -31.57 48.39 11.08
CA LEU H 177 -32.74 47.55 11.39
C LEU H 177 -33.68 47.41 10.18
N LYS H 178 -34.33 46.23 10.05
CA LYS H 178 -35.30 45.95 8.99
C LYS H 178 -36.62 46.63 9.32
N GLU H 179 -37.22 47.30 8.34
CA GLU H 179 -38.50 47.99 8.53
C GLU H 179 -39.65 46.97 8.57
N GLN H 180 -39.54 45.87 7.80
CA GLN H 180 -40.53 44.79 7.76
C GLN H 180 -39.84 43.41 7.89
N PRO H 181 -39.30 43.03 9.08
CA PRO H 181 -38.62 41.71 9.21
C PRO H 181 -39.46 40.48 8.82
N ALA H 182 -40.78 40.65 8.63
CA ALA H 182 -41.72 39.60 8.22
C ALA H 182 -41.48 39.15 6.77
N LEU H 183 -41.03 40.08 5.90
CA LEU H 183 -40.73 39.82 4.49
C LEU H 183 -39.23 39.58 4.27
N ASN H 184 -38.89 38.72 3.27
CA ASN H 184 -37.51 38.39 2.91
C ASN H 184 -36.80 39.57 2.23
N ASP H 185 -37.54 40.35 1.41
CA ASP H 185 -37.06 41.52 0.68
C ASP H 185 -37.38 42.83 1.47
N SER H 186 -37.17 42.80 2.80
CA SER H 186 -37.44 43.91 3.71
C SER H 186 -36.42 45.04 3.57
N ARG H 187 -36.92 46.28 3.45
CA ARG H 187 -36.10 47.49 3.35
C ARG H 187 -35.46 47.79 4.70
N TYR H 188 -34.28 48.43 4.69
CA TYR H 188 -33.53 48.72 5.90
C TYR H 188 -33.68 50.19 6.36
N ALA H 189 -33.33 50.45 7.63
CA ALA H 189 -33.36 51.76 8.27
C ALA H 189 -32.14 51.96 9.17
N LEU H 190 -31.39 53.07 8.98
CA LEU H 190 -30.19 53.41 9.75
C LEU H 190 -30.24 54.86 10.24
N SER H 191 -29.90 55.08 11.52
CA SER H 191 -29.90 56.42 12.12
C SER H 191 -28.52 56.78 12.70
N SER H 192 -28.22 58.09 12.73
CA SER H 192 -26.96 58.60 13.26
C SER H 192 -27.18 59.87 14.08
N ARG H 193 -26.23 60.14 14.99
CA ARG H 193 -26.25 61.30 15.88
C ARG H 193 -24.96 62.11 15.76
N LEU H 194 -25.05 63.43 16.02
CA LEU H 194 -23.91 64.36 16.02
C LEU H 194 -24.07 65.36 17.16
N ARG H 195 -23.16 65.35 18.14
CA ARG H 195 -23.24 66.28 19.27
C ARG H 195 -22.21 67.40 19.15
N VAL H 196 -22.68 68.64 19.39
CA VAL H 196 -21.91 69.89 19.35
C VAL H 196 -22.26 70.76 20.57
N SER H 197 -21.45 71.79 20.86
CA SER H 197 -21.66 72.73 21.97
C SER H 197 -22.95 73.54 21.76
N ALA H 198 -23.60 73.96 22.86
CA ALA H 198 -24.82 74.78 22.81
C ALA H 198 -24.56 76.10 22.07
N THR H 199 -23.38 76.71 22.33
CA THR H 199 -22.91 77.94 21.70
C THR H 199 -22.59 77.72 20.22
N PHE H 200 -22.15 76.49 19.84
CA PHE H 200 -21.80 76.12 18.48
C PHE H 200 -23.03 75.96 17.58
N TRP H 201 -24.13 75.41 18.12
CA TRP H 201 -25.37 75.20 17.37
C TRP H 201 -26.16 76.51 17.23
N GLN H 202 -26.28 77.29 18.34
CA GLN H 202 -27.03 78.55 18.37
C GLN H 202 -26.45 79.63 17.40
N ASN H 203 -25.30 79.33 16.74
CA ASN H 203 -24.65 80.19 15.74
C ASN H 203 -25.23 79.87 14.35
N PRO H 204 -25.69 80.89 13.57
CA PRO H 204 -26.30 80.60 12.26
C PRO H 204 -25.32 80.41 11.11
N ARG H 205 -24.05 80.83 11.29
CA ARG H 205 -23.01 80.73 10.27
C ARG H 205 -22.57 79.27 10.04
N ASN H 206 -22.72 78.41 11.08
CA ASN H 206 -22.34 77.00 11.03
C ASN H 206 -23.39 76.19 10.24
N HIS H 207 -22.90 75.34 9.32
CA HIS H 207 -23.72 74.50 8.45
C HIS H 207 -23.49 73.01 8.78
N PHE H 208 -24.58 72.27 9.10
CA PHE H 208 -24.54 70.84 9.43
C PHE H 208 -25.25 70.03 8.35
N ARG H 209 -24.52 69.08 7.73
CA ARG H 209 -25.07 68.26 6.65
C ARG H 209 -24.75 66.77 6.85
N CYS H 210 -25.82 65.97 6.95
CA CYS H 210 -25.79 64.51 7.05
C CYS H 210 -25.63 63.97 5.64
N GLN H 211 -24.57 63.20 5.37
CA GLN H 211 -24.29 62.68 4.03
C GLN H 211 -24.27 61.16 4.04
N VAL H 212 -25.10 60.54 3.17
CA VAL H 212 -25.20 59.08 3.06
C VAL H 212 -24.83 58.64 1.64
N GLN H 213 -23.73 57.87 1.52
CA GLN H 213 -23.29 57.36 0.24
C GLN H 213 -23.92 55.99 0.01
N PHE H 214 -24.67 55.84 -1.09
CA PHE H 214 -25.33 54.58 -1.45
C PHE H 214 -24.66 53.93 -2.65
N TYR H 215 -24.49 52.61 -2.58
CA TYR H 215 -23.91 51.78 -3.64
C TYR H 215 -25.00 50.88 -4.19
N GLY H 216 -25.26 51.00 -5.50
CA GLY H 216 -26.30 50.22 -6.17
C GLY H 216 -25.92 49.74 -7.55
N LEU H 217 -26.94 49.35 -8.34
CA LEU H 217 -26.79 48.86 -9.71
C LEU H 217 -26.34 50.03 -10.61
N SER H 218 -25.21 49.85 -11.32
CA SER H 218 -24.63 50.88 -12.17
C SER H 218 -24.05 50.32 -13.50
N GLU H 219 -23.71 51.22 -14.45
CA GLU H 219 -23.12 50.94 -15.78
C GLU H 219 -24.06 50.06 -16.63
N ASN H 220 -23.87 48.72 -16.62
CA ASN H 220 -24.70 47.78 -17.38
C ASN H 220 -25.58 46.97 -16.43
N ASP H 221 -26.73 47.56 -16.07
CA ASP H 221 -27.76 46.99 -15.20
C ASP H 221 -29.12 47.51 -15.69
N GLU H 222 -29.85 46.65 -16.43
CA GLU H 222 -31.15 46.93 -17.07
C GLU H 222 -32.21 47.42 -16.08
N TRP H 223 -32.88 48.53 -16.43
CA TRP H 223 -33.94 49.15 -15.63
C TRP H 223 -35.13 49.50 -16.53
N THR H 224 -36.23 48.75 -16.38
CA THR H 224 -37.45 48.91 -17.18
C THR H 224 -38.60 49.51 -16.34
N GLN H 225 -38.46 49.51 -15.00
CA GLN H 225 -39.46 50.02 -14.06
C GLN H 225 -39.79 51.50 -14.27
N ASP H 226 -41.05 51.87 -13.92
CA ASP H 226 -41.59 53.23 -14.02
C ASP H 226 -40.88 54.21 -13.08
N ARG H 227 -40.47 53.72 -11.89
CA ARG H 227 -39.74 54.51 -10.89
C ARG H 227 -38.32 54.79 -11.37
N ALA H 228 -37.66 55.83 -10.79
CA ALA H 228 -36.30 56.24 -11.14
C ALA H 228 -35.26 55.14 -10.86
N LYS H 229 -34.14 55.15 -11.62
CA LYS H 229 -33.06 54.16 -11.51
C LYS H 229 -32.30 54.31 -10.18
N PRO H 230 -32.16 53.23 -9.37
CA PRO H 230 -31.47 53.33 -8.09
C PRO H 230 -29.96 53.08 -8.21
N VAL H 231 -29.27 54.01 -8.91
CA VAL H 231 -27.83 53.98 -9.18
C VAL H 231 -27.04 54.41 -7.91
N THR H 232 -25.72 54.15 -7.90
CA THR H 232 -24.78 54.53 -6.84
C THR H 232 -24.82 56.06 -6.73
N GLN H 233 -25.56 56.55 -5.73
CA GLN H 233 -25.78 57.97 -5.50
C GLN H 233 -25.42 58.40 -4.07
N ILE H 234 -25.46 59.71 -3.81
CA ILE H 234 -25.15 60.30 -2.51
C ILE H 234 -26.36 61.13 -2.05
N VAL H 235 -27.28 60.51 -1.29
CA VAL H 235 -28.46 61.19 -0.77
C VAL H 235 -28.02 61.88 0.53
N SER H 236 -28.36 63.17 0.68
CA SER H 236 -27.95 63.95 1.85
C SER H 236 -29.05 64.92 2.32
N ALA H 237 -29.01 65.28 3.62
CA ALA H 237 -29.92 66.23 4.27
C ALA H 237 -29.12 67.24 5.07
N GLU H 238 -29.53 68.51 5.05
CA GLU H 238 -28.80 69.58 5.75
C GLU H 238 -29.73 70.53 6.53
N ALA H 239 -29.16 71.21 7.53
CA ALA H 239 -29.83 72.20 8.38
C ALA H 239 -28.82 73.16 8.98
N TRP H 240 -29.13 74.47 8.93
CA TRP H 240 -28.29 75.54 9.49
C TRP H 240 -28.68 75.82 10.94
N GLY H 241 -27.72 76.33 11.72
CA GLY H 241 -27.92 76.67 13.12
C GLY H 241 -28.85 77.86 13.33
N ARG H 242 -29.42 77.97 14.56
CA ARG H 242 -30.34 79.05 14.91
C ARG H 242 -30.26 79.38 16.41
N ALA H 243 -30.34 80.69 16.74
CA ALA H 243 -30.31 81.21 18.11
C ALA H 243 -31.69 81.18 18.75
N GLN I 1 8.49 -18.70 -3.40
CA GLN I 1 9.07 -18.54 -2.07
C GLN I 1 9.38 -19.95 -1.43
N PRO I 2 9.53 -20.16 -0.08
CA PRO I 2 9.88 -21.51 0.42
C PRO I 2 8.89 -22.62 0.02
N PHE I 3 9.44 -23.70 -0.58
CA PHE I 3 8.67 -24.84 -1.05
C PHE I 3 8.56 -25.91 0.04
N PRO I 4 7.33 -26.33 0.41
CA PRO I 4 7.18 -27.32 1.48
C PRO I 4 7.02 -28.77 0.98
N GLN I 5 7.32 -29.75 1.87
CA GLN I 5 7.19 -31.18 1.59
C GLN I 5 5.79 -31.65 2.04
N PRO I 6 4.98 -32.25 1.13
CA PRO I 6 3.63 -32.68 1.54
C PRO I 6 3.58 -34.08 2.17
N GLU I 7 2.55 -34.31 3.00
CA GLU I 7 2.31 -35.60 3.66
C GLU I 7 1.28 -36.41 2.87
N LEU I 8 1.53 -37.72 2.74
CA LEU I 8 0.68 -38.68 2.03
C LEU I 8 -0.29 -39.38 2.99
N PRO I 9 -1.55 -39.66 2.58
CA PRO I 9 -2.49 -40.29 3.51
C PRO I 9 -2.21 -41.78 3.75
N TYR I 10 -2.43 -42.20 5.01
CA TYR I 10 -2.29 -43.58 5.50
C TYR I 10 -3.40 -44.45 4.87
N PRO I 11 -3.14 -45.75 4.55
CA PRO I 11 -4.21 -46.57 3.93
C PRO I 11 -5.50 -46.70 4.75
N GLN J 1 7.18 15.10 11.22
CA GLN J 1 7.70 15.37 9.88
C GLN J 1 8.84 16.40 9.93
N PRO J 2 9.91 16.26 9.09
CA PRO J 2 11.00 17.26 9.14
C PRO J 2 10.52 18.67 8.84
N PHE J 3 10.72 19.60 9.79
CA PHE J 3 10.28 20.98 9.64
C PHE J 3 11.37 21.88 9.04
N PRO J 4 11.10 22.54 7.88
CA PRO J 4 12.13 23.42 7.28
C PRO J 4 12.01 24.90 7.71
N GLN J 5 12.86 25.79 7.14
CA GLN J 5 12.81 27.24 7.41
C GLN J 5 12.76 28.03 6.08
N PRO J 6 11.79 28.97 5.95
CA PRO J 6 11.64 29.67 4.67
C PRO J 6 12.50 30.92 4.50
N GLU J 7 12.69 31.33 3.23
CA GLU J 7 13.42 32.53 2.85
C GLU J 7 12.40 33.66 2.65
N LEU J 8 12.75 34.87 3.10
CA LEU J 8 11.89 36.05 3.02
C LEU J 8 12.11 36.85 1.73
N PRO J 9 11.11 37.65 1.27
CA PRO J 9 11.30 38.41 0.02
C PRO J 9 12.22 39.63 0.20
N TYR J 10 12.80 40.07 -0.93
CA TYR J 10 13.69 41.22 -1.01
C TYR J 10 12.90 42.47 -1.44
N PRO J 11 13.13 43.66 -0.82
CA PRO J 11 12.36 44.85 -1.21
C PRO J 11 12.97 45.59 -2.40
C1 NAG K . 25.78 20.52 -21.62
C2 NAG K . 26.42 21.86 -21.96
C3 NAG K . 25.47 22.74 -22.78
C4 NAG K . 24.95 21.97 -24.00
C5 NAG K . 24.34 20.63 -23.56
C6 NAG K . 23.91 19.75 -24.72
C7 NAG K . 28.05 22.67 -20.29
C8 NAG K . 28.22 23.19 -18.90
N2 NAG K . 26.79 22.54 -20.73
O3 NAG K . 26.14 23.91 -23.21
O4 NAG K . 23.96 22.75 -24.68
O5 NAG K . 25.31 19.87 -22.81
O6 NAG K . 25.00 19.43 -25.58
O7 NAG K . 29.02 22.38 -20.99
CA CA L . 30.46 -4.03 15.17
C1 NAG M . -5.24 -25.32 30.56
C2 NAG M . -5.42 -26.77 31.03
C3 NAG M . -6.84 -27.26 30.73
C4 NAG M . -7.87 -26.32 31.34
C5 NAG M . -7.62 -24.89 30.85
C6 NAG M . -8.51 -23.86 31.52
C7 NAG M . -3.41 -28.21 31.07
C8 NAG M . -2.48 -29.04 30.25
N2 NAG M . -4.43 -27.63 30.41
O3 NAG M . -7.01 -28.57 31.27
O4 NAG M . -9.18 -26.74 30.99
O5 NAG M . -6.27 -24.48 31.12
O6 NAG M . -9.90 -24.10 31.27
O7 NAG M . -3.26 -28.06 32.28
CA CA N . 31.08 -7.03 13.00
#